data_5NW0
#
_entry.id   5NW0
#
_cell.length_a   94.771
_cell.length_b   94.771
_cell.length_c   368.359
_cell.angle_alpha   90.000
_cell.angle_beta   90.000
_cell.angle_gamma   90.000
#
_symmetry.space_group_name_H-M   'P 41 2 2'
#
loop_
_entity.id
_entity.type
_entity.pdbx_description
1 polymer Elongin-B
2 polymer Elongin-C
3 polymer 'Von Hippel-Lindau disease tumor suppressor'
4 non-polymer (2~{S},4~{R})-1-[(2~{S})-2-[(1-acetamidocyclopropyl)carbonylamino]-3,3-dimethyl-butanoyl]-~{N}-[[4-(4-methyl-1,3-thiazol-5-yl)phenyl]methyl]-4-oxidanyl-pyrrolidine-2-carboxamide
5 water water
#
loop_
_entity_poly.entity_id
_entity_poly.type
_entity_poly.pdbx_seq_one_letter_code
_entity_poly.pdbx_strand_id
1 'polypeptide(L)'
;MDVFLMIRRHKTTIFTDAKESSTVFELKRIVEGILKRPPDEQRLYKDDQLLDDGKTLGE(CAS)GFTSQTARPQAPATVG
LAFRADDTFEAL(CAS)IEPFSSPPELPDVMK
;
A,D,G,J
2 'polypeptide(L)'
;MMYVKLISSDGHEFIVKREHALTSGTIKAMLSGPGQFAENETNEVNFREIPSHVLSKVCMYFTYKVRYTNSSTEIPEFPI
APEIALELLMAANFLDC
;
B,E,H,K
3 'polypeptide(L)'
;GSMEAGRPRPVLRSVNSREPSQVIF(CAS)NRSPRVVLPVWLNFDGEPQPYPTLPPGTGRRIHSYRGHLWLFRDAGTHDG
LLVNQTELFVPSLNVDGQPIFANITLPVYTLKERCLQVVRSLVKPENYRRLDIVRSLYEDLEDHPNVQKDLERLTQERIA
HQRMGD
;
C,F,I,L
#
# COMPACT_ATOMS: atom_id res chain seq x y z
N MET A 1 -25.94 11.58 -31.92
CA MET A 1 -24.55 11.42 -31.44
C MET A 1 -23.61 11.03 -32.60
N ASP A 2 -22.44 11.68 -32.64
CA ASP A 2 -21.44 11.42 -33.68
C ASP A 2 -20.63 10.14 -33.39
N VAL A 3 -20.36 9.36 -34.44
CA VAL A 3 -19.44 8.23 -34.37
C VAL A 3 -18.28 8.51 -35.32
N PHE A 4 -17.08 8.11 -34.93
CA PHE A 4 -15.87 8.41 -35.68
C PHE A 4 -15.27 7.13 -36.24
N LEU A 5 -15.06 7.12 -37.56
CA LEU A 5 -14.81 5.90 -38.31
C LEU A 5 -13.56 5.97 -39.19
N MET A 6 -12.99 4.81 -39.47
CA MET A 6 -12.06 4.59 -40.57
C MET A 6 -12.72 3.57 -41.55
N ILE A 7 -12.94 3.99 -42.80
CA ILE A 7 -13.52 3.11 -43.79
C ILE A 7 -12.37 2.58 -44.65
N ARG A 8 -12.17 1.26 -44.65
CA ARG A 8 -10.94 0.67 -45.19
C ARG A 8 -11.12 -0.37 -46.27
N ARG A 9 -10.37 -0.21 -47.35
CA ARG A 9 -10.27 -1.19 -48.42
C ARG A 9 -8.87 -1.21 -48.98
N HIS A 10 -8.27 -2.41 -49.08
CA HIS A 10 -6.92 -2.61 -49.60
C HIS A 10 -5.93 -1.63 -48.91
N LYS A 11 -5.42 -0.63 -49.63
CA LYS A 11 -4.50 0.35 -49.03
C LYS A 11 -5.13 1.74 -48.93
N THR A 12 -6.47 1.79 -48.89
CA THR A 12 -7.22 3.02 -48.80
C THR A 12 -7.85 3.09 -47.42
N THR A 13 -7.80 4.26 -46.78
CA THR A 13 -8.42 4.48 -45.48
C THR A 13 -9.05 5.87 -45.46
N ILE A 14 -10.37 5.94 -45.26
CA ILE A 14 -11.08 7.22 -45.18
C ILE A 14 -11.42 7.53 -43.71
N PHE A 15 -11.00 8.70 -43.22
CA PHE A 15 -11.43 9.18 -41.90
C PHE A 15 -12.66 10.06 -42.08
N THR A 16 -13.76 9.71 -41.40
CA THR A 16 -14.96 10.55 -41.38
C THR A 16 -15.83 10.25 -40.16
N ASP A 17 -16.84 11.08 -39.95
CA ASP A 17 -17.83 10.84 -38.90
C ASP A 17 -19.23 10.72 -39.50
N ALA A 18 -20.15 10.15 -38.72
CA ALA A 18 -21.56 10.04 -39.11
C ALA A 18 -22.41 9.97 -37.85
N LYS A 19 -23.72 10.11 -38.00
CA LYS A 19 -24.64 10.00 -36.87
C LYS A 19 -24.86 8.54 -36.50
N GLU A 20 -25.10 8.29 -35.23
CA GLU A 20 -25.42 6.96 -34.75
C GLU A 20 -26.74 6.48 -35.35
N SER A 21 -27.66 7.41 -35.60
CA SER A 21 -28.97 7.08 -36.19
C SER A 21 -28.93 6.96 -37.72
N SER A 22 -27.79 7.26 -38.35
CA SER A 22 -27.72 7.15 -39.81
C SER A 22 -27.58 5.69 -40.26
N THR A 23 -27.92 5.44 -41.52
CA THR A 23 -27.95 4.09 -42.06
C THR A 23 -26.69 3.71 -42.82
N VAL A 24 -26.49 2.40 -42.93
CA VAL A 24 -25.46 1.79 -43.77
C VAL A 24 -25.52 2.34 -45.19
N PHE A 25 -26.71 2.41 -45.77
CA PHE A 25 -26.87 2.94 -47.12
C PHE A 25 -26.39 4.37 -47.22
N GLU A 26 -26.72 5.18 -46.21
CA GLU A 26 -26.27 6.59 -46.19
C GLU A 26 -24.74 6.69 -46.09
N LEU A 27 -24.11 5.76 -45.41
CA LEU A 27 -22.64 5.71 -45.38
C LEU A 27 -22.05 5.35 -46.76
N LYS A 28 -22.75 4.53 -47.55
CA LYS A 28 -22.33 4.24 -48.93
C LYS A 28 -22.39 5.49 -49.84
N ARG A 29 -23.39 6.34 -49.62
CA ARG A 29 -23.48 7.62 -50.34
C ARG A 29 -22.30 8.51 -50.01
N ILE A 30 -21.80 8.45 -48.77
CA ILE A 30 -20.60 9.20 -48.38
C ILE A 30 -19.38 8.66 -49.13
N VAL A 31 -19.20 7.35 -49.10
CA VAL A 31 -18.12 6.72 -49.86
C VAL A 31 -18.22 7.07 -51.34
N GLU A 32 -19.45 7.09 -51.88
CA GLU A 32 -19.67 7.43 -53.31
C GLU A 32 -19.14 8.82 -53.69
N GLY A 33 -19.38 9.82 -52.83
CA GLY A 33 -18.88 11.17 -53.07
C GLY A 33 -17.35 11.29 -53.04
N ILE A 34 -16.69 10.42 -52.29
CA ILE A 34 -15.23 10.43 -52.18
C ILE A 34 -14.54 9.56 -53.25
N LEU A 35 -15.00 8.31 -53.41
CA LEU A 35 -14.31 7.35 -54.31
C LEU A 35 -15.00 7.12 -55.66
N LYS A 36 -16.18 7.72 -55.85
CA LYS A 36 -16.87 7.73 -57.15
C LYS A 36 -17.38 6.36 -57.59
N ARG A 37 -17.84 5.57 -56.64
CA ARG A 37 -18.46 4.29 -56.97
C ARG A 37 -19.81 4.25 -56.28
N PRO A 38 -20.87 3.87 -57.02
CA PRO A 38 -22.21 3.89 -56.43
C PRO A 38 -22.44 2.80 -55.40
N PRO A 39 -23.46 2.99 -54.54
CA PRO A 39 -23.82 2.04 -53.49
C PRO A 39 -23.96 0.60 -53.96
N ASP A 40 -24.63 0.37 -55.09
CA ASP A 40 -24.80 -0.99 -55.63
C ASP A 40 -23.47 -1.68 -56.02
N GLU A 41 -22.35 -0.96 -56.01
CA GLU A 41 -21.06 -1.57 -56.25
C GLU A 41 -20.21 -1.69 -54.97
N GLN A 42 -20.85 -1.46 -53.82
CA GLN A 42 -20.20 -1.43 -52.51
C GLN A 42 -20.79 -2.46 -51.54
N ARG A 43 -19.93 -3.15 -50.80
CA ARG A 43 -20.34 -3.91 -49.62
C ARG A 43 -19.59 -3.37 -48.40
N LEU A 44 -20.32 -3.09 -47.32
CA LEU A 44 -19.72 -2.66 -46.05
C LEU A 44 -19.80 -3.77 -44.99
N TYR A 45 -18.77 -3.83 -44.14
CA TYR A 45 -18.60 -4.89 -43.17
C TYR A 45 -18.22 -4.39 -41.77
N LYS A 46 -18.64 -5.12 -40.76
CA LYS A 46 -18.07 -5.00 -39.47
C LYS A 46 -17.41 -6.35 -39.20
N ASP A 47 -16.08 -6.34 -39.10
CA ASP A 47 -15.28 -7.54 -39.08
C ASP A 47 -15.68 -8.34 -40.32
N ASP A 48 -16.19 -9.55 -40.16
CA ASP A 48 -16.55 -10.37 -41.31
C ASP A 48 -18.02 -10.29 -41.64
N GLN A 49 -18.79 -9.54 -40.87
CA GLN A 49 -20.23 -9.49 -41.07
C GLN A 49 -20.63 -8.46 -42.11
N LEU A 50 -21.39 -8.89 -43.12
CA LEU A 50 -21.95 -7.97 -44.13
C LEU A 50 -23.06 -7.13 -43.54
N LEU A 51 -23.01 -5.83 -43.78
CA LEU A 51 -24.01 -4.91 -43.23
C LEU A 51 -25.18 -4.66 -44.19
N ASP A 52 -26.41 -4.76 -43.68
CA ASP A 52 -27.63 -4.47 -44.45
C ASP A 52 -27.90 -2.96 -44.58
N ASP A 53 -28.26 -2.53 -45.79
CA ASP A 53 -28.49 -1.11 -46.12
C ASP A 53 -29.42 -0.35 -45.17
N GLY A 54 -30.51 -0.99 -44.76
CA GLY A 54 -31.54 -0.33 -43.93
C GLY A 54 -31.19 -0.12 -42.46
N LYS A 55 -30.18 -0.81 -41.97
CA LYS A 55 -29.84 -0.74 -40.55
C LYS A 55 -29.06 0.52 -40.19
N THR A 56 -29.24 0.99 -38.96
CA THR A 56 -28.46 2.10 -38.43
C THR A 56 -27.08 1.66 -37.96
N LEU A 57 -26.16 2.61 -37.93
CA LEU A 57 -24.80 2.33 -37.49
C LEU A 57 -24.81 1.88 -36.05
N GLY A 58 -25.68 2.51 -35.25
CA GLY A 58 -25.91 2.12 -33.86
C GLY A 58 -26.37 0.68 -33.65
N GLU A 59 -27.40 0.27 -34.39
CA GLU A 59 -27.86 -1.12 -34.44
C GLU A 59 -26.75 -2.12 -34.75
N GLY A 61 -23.65 -1.76 -33.98
CA GLY A 61 -22.56 -1.71 -32.98
C GLY A 61 -21.58 -0.54 -33.00
N PHE A 62 -21.80 0.44 -33.88
CA PHE A 62 -20.98 1.66 -33.89
C PHE A 62 -21.67 2.71 -33.02
N THR A 63 -21.17 2.87 -31.80
CA THR A 63 -21.73 3.77 -30.81
C THR A 63 -20.74 4.84 -30.42
N SER A 64 -21.26 5.96 -29.92
CA SER A 64 -20.45 7.16 -29.72
C SER A 64 -19.34 6.95 -28.71
N GLN A 65 -19.50 6.03 -27.79
CA GLN A 65 -18.46 5.79 -26.78
C GLN A 65 -17.45 4.71 -27.16
N THR A 66 -17.64 4.03 -28.30
CA THR A 66 -16.64 3.08 -28.80
C THR A 66 -15.98 3.55 -30.09
N ALA A 67 -16.68 4.34 -30.88
CA ALA A 67 -16.10 4.90 -32.09
C ALA A 67 -15.68 6.37 -31.84
N ARG A 68 -14.54 6.53 -31.20
CA ARG A 68 -14.08 7.80 -30.65
C ARG A 68 -13.13 8.53 -31.61
N PRO A 69 -13.04 9.88 -31.51
CA PRO A 69 -12.16 10.68 -32.37
C PRO A 69 -10.71 10.20 -32.38
N GLN A 70 -10.18 9.96 -31.19
CA GLN A 70 -8.78 9.53 -31.02
C GLN A 70 -8.55 8.03 -31.22
N ALA A 71 -9.63 7.28 -31.48
CA ALA A 71 -9.57 5.81 -31.64
C ALA A 71 -10.81 5.34 -32.40
N PRO A 72 -10.89 5.66 -33.71
CA PRO A 72 -12.09 5.42 -34.50
C PRO A 72 -12.30 3.94 -34.78
N ALA A 73 -13.55 3.54 -35.00
CA ALA A 73 -13.91 2.15 -35.32
C ALA A 73 -13.71 1.90 -36.81
N THR A 74 -13.42 0.65 -37.17
CA THR A 74 -13.17 0.29 -38.57
C THR A 74 -14.40 -0.30 -39.28
N VAL A 75 -14.67 0.20 -40.48
CA VAL A 75 -15.69 -0.38 -41.37
C VAL A 75 -14.99 -0.86 -42.63
N GLY A 76 -15.15 -2.14 -42.95
CA GLY A 76 -14.53 -2.75 -44.13
C GLY A 76 -15.33 -2.44 -45.37
N LEU A 77 -14.66 -2.41 -46.53
CA LEU A 77 -15.27 -2.05 -47.81
C LEU A 77 -14.77 -2.93 -48.94
N ALA A 78 -15.71 -3.47 -49.73
CA ALA A 78 -15.40 -4.25 -50.91
C ALA A 78 -16.14 -3.70 -52.14
N PHE A 79 -15.46 -3.67 -53.28
CA PHE A 79 -16.04 -3.23 -54.58
C PHE A 79 -16.39 -4.37 -55.53
N ARG A 80 -17.38 -4.11 -56.37
CA ARG A 80 -17.75 -5.01 -57.47
C ARG A 80 -17.05 -4.55 -58.76
N ALA A 81 -16.26 -5.45 -59.33
CA ALA A 81 -15.70 -5.26 -60.67
C ALA A 81 -16.48 -6.19 -61.59
N ASP A 82 -17.05 -5.63 -62.66
CA ASP A 82 -17.84 -6.39 -63.64
C ASP A 82 -19.03 -7.08 -62.95
N ASP A 83 -19.11 -8.42 -63.06
CA ASP A 83 -20.27 -9.17 -62.59
C ASP A 83 -20.33 -9.36 -61.08
N THR A 84 -19.19 -9.67 -60.45
CA THR A 84 -19.14 -10.16 -59.06
C THR A 84 -18.31 -9.29 -58.11
N PHE A 85 -18.50 -9.49 -56.81
CA PHE A 85 -17.75 -8.76 -55.78
C PHE A 85 -16.42 -9.42 -55.45
N GLU A 86 -15.40 -8.61 -55.27
CA GLU A 86 -14.12 -9.05 -54.73
C GLU A 86 -14.32 -9.49 -53.27
N ALA A 87 -13.36 -10.25 -52.76
CA ALA A 87 -13.34 -10.60 -51.34
C ALA A 87 -12.89 -9.40 -50.50
N LEU A 88 -13.33 -9.33 -49.25
CA LEU A 88 -12.88 -8.27 -48.34
C LEU A 88 -11.37 -8.40 -48.07
N ILE A 90 -8.16 -6.02 -46.46
CA ILE A 90 -7.65 -4.80 -45.81
C ILE A 90 -6.17 -4.99 -45.51
N GLU A 91 -5.31 -4.23 -46.17
CA GLU A 91 -3.87 -4.29 -45.91
C GLU A 91 -3.52 -3.76 -44.53
N PRO A 92 -2.75 -4.53 -43.75
CA PRO A 92 -2.38 -4.02 -42.44
C PRO A 92 -1.42 -2.82 -42.51
N PHE A 93 -1.43 -1.98 -41.48
CA PHE A 93 -0.45 -0.91 -41.39
C PHE A 93 0.95 -1.52 -41.18
N SER A 94 1.99 -0.72 -41.34
CA SER A 94 3.36 -1.17 -41.10
C SER A 94 3.59 -1.50 -39.61
N SER A 95 4.64 -2.26 -39.32
CA SER A 95 5.00 -2.64 -37.96
C SER A 95 6.03 -1.68 -37.36
N PRO A 96 5.84 -1.29 -36.09
CA PRO A 96 6.88 -0.47 -35.45
C PRO A 96 8.14 -1.28 -35.22
N PRO A 97 9.29 -0.60 -35.17
CA PRO A 97 10.54 -1.29 -34.88
C PRO A 97 10.60 -1.67 -33.40
N GLU A 98 11.64 -2.42 -33.02
CA GLU A 98 11.96 -2.68 -31.61
C GLU A 98 12.12 -1.37 -30.85
N LEU A 99 11.68 -1.36 -29.60
CA LEU A 99 11.99 -0.25 -28.68
C LEU A 99 13.49 -0.17 -28.52
N PRO A 100 14.08 1.02 -28.71
CA PRO A 100 15.49 1.19 -28.39
C PRO A 100 15.79 0.80 -26.93
N ASP A 101 17.03 0.47 -26.64
CA ASP A 101 17.40 0.01 -25.30
C ASP A 101 17.05 1.03 -24.22
N VAL A 102 17.35 2.29 -24.47
CA VAL A 102 17.10 3.36 -23.49
C VAL A 102 15.61 3.64 -23.23
N MET A 103 14.72 3.02 -24.00
CA MET A 103 13.28 3.09 -23.74
C MET A 103 12.75 1.85 -23.00
N LYS A 104 13.63 0.90 -22.68
CA LYS A 104 13.29 -0.26 -21.87
C LYS A 104 13.81 -0.09 -20.44
N MET B 1 -18.16 18.15 -49.43
CA MET B 1 -17.03 18.36 -48.48
C MET B 1 -15.70 18.13 -49.18
N MET B 2 -14.72 18.96 -48.86
CA MET B 2 -13.42 18.86 -49.52
C MET B 2 -12.53 17.92 -48.73
N TYR B 3 -12.07 16.87 -49.42
CA TYR B 3 -11.09 15.93 -48.86
C TYR B 3 -9.73 16.09 -49.54
N VAL B 4 -8.68 15.68 -48.83
CA VAL B 4 -7.33 15.60 -49.40
C VAL B 4 -6.77 14.21 -49.11
N LYS B 5 -5.79 13.78 -49.92
CA LYS B 5 -5.15 12.48 -49.75
C LYS B 5 -3.72 12.60 -49.23
N LEU B 6 -3.44 11.94 -48.11
CA LEU B 6 -2.09 11.88 -47.54
C LEU B 6 -1.53 10.45 -47.66
N ILE B 7 -0.38 10.31 -48.33
CA ILE B 7 0.17 8.99 -48.69
C ILE B 7 1.46 8.69 -47.91
N SER B 8 1.46 7.54 -47.23
CA SER B 8 2.57 7.13 -46.37
C SER B 8 3.72 6.55 -47.19
N SER B 9 4.85 6.29 -46.54
CA SER B 9 6.05 5.87 -47.28
C SER B 9 5.89 4.48 -47.89
N ASP B 10 5.09 3.64 -47.23
CA ASP B 10 4.76 2.29 -47.71
C ASP B 10 3.48 2.25 -48.57
N GLY B 11 3.02 3.40 -49.08
CA GLY B 11 1.92 3.44 -50.03
C GLY B 11 0.48 3.41 -49.48
N HIS B 12 0.28 3.54 -48.17
CA HIS B 12 -1.09 3.66 -47.64
C HIS B 12 -1.64 5.07 -47.91
N GLU B 13 -2.89 5.13 -48.37
CA GLU B 13 -3.54 6.38 -48.78
C GLU B 13 -4.62 6.75 -47.76
N PHE B 14 -4.39 7.82 -47.02
CA PHE B 14 -5.32 8.30 -46.02
C PHE B 14 -6.10 9.49 -46.57
N ILE B 15 -7.43 9.38 -46.60
CA ILE B 15 -8.29 10.43 -47.12
C ILE B 15 -8.95 11.15 -45.94
N VAL B 16 -8.61 12.42 -45.73
CA VAL B 16 -9.13 13.20 -44.60
C VAL B 16 -9.72 14.52 -45.07
N LYS B 17 -10.56 15.13 -44.24
CA LYS B 17 -11.08 16.48 -44.55
C LYS B 17 -9.93 17.48 -44.71
N ARG B 18 -10.04 18.36 -45.70
CA ARG B 18 -9.00 19.36 -45.97
C ARG B 18 -8.72 20.22 -44.74
N GLU B 19 -9.81 20.70 -44.12
CA GLU B 19 -9.77 21.49 -42.89
C GLU B 19 -8.96 20.79 -41.78
N HIS B 20 -9.13 19.47 -41.64
CA HIS B 20 -8.38 18.71 -40.65
C HIS B 20 -6.88 18.69 -40.97
N ALA B 21 -6.55 18.53 -42.25
CA ALA B 21 -5.16 18.44 -42.66
C ALA B 21 -4.45 19.78 -42.52
N LEU B 22 -5.20 20.89 -42.59
CA LEU B 22 -4.63 22.22 -42.41
C LEU B 22 -4.21 22.53 -40.96
N THR B 23 -4.55 21.66 -40.01
CA THR B 23 -3.91 21.66 -38.69
C THR B 23 -2.38 21.83 -38.84
N SER B 24 -1.81 21.28 -39.91
CA SER B 24 -0.37 21.34 -40.17
C SER B 24 -0.04 22.43 -41.18
N GLY B 25 0.77 23.40 -40.75
CA GLY B 25 1.31 24.42 -41.65
C GLY B 25 2.20 23.83 -42.75
N THR B 26 2.89 22.74 -42.43
CA THR B 26 3.71 22.06 -43.42
C THR B 26 2.86 21.46 -44.55
N ILE B 27 1.75 20.82 -44.19
CA ILE B 27 0.85 20.24 -45.18
C ILE B 27 0.20 21.33 -46.03
N LYS B 28 -0.19 22.43 -45.40
CA LYS B 28 -0.76 23.56 -46.13
C LYS B 28 0.19 24.04 -47.23
N ALA B 29 1.47 24.16 -46.90
CA ALA B 29 2.48 24.58 -47.87
C ALA B 29 2.70 23.57 -48.99
N MET B 30 2.64 22.29 -48.65
CA MET B 30 2.78 21.23 -49.65
C MET B 30 1.57 21.15 -50.60
N LEU B 31 0.39 21.54 -50.12
CA LEU B 31 -0.80 21.62 -50.96
C LEU B 31 -0.81 22.93 -51.78
N SER B 32 -0.54 24.04 -51.09
CA SER B 32 -0.65 25.39 -51.66
C SER B 32 0.74 26.01 -51.86
N ASN B 43 -4.20 18.08 -54.61
CA ASN B 43 -4.93 17.51 -53.48
C ASN B 43 -4.38 16.18 -52.96
N GLU B 44 -3.14 15.84 -53.33
CA GLU B 44 -2.44 14.70 -52.76
C GLU B 44 -1.04 15.09 -52.28
N VAL B 45 -0.61 14.53 -51.14
CA VAL B 45 0.77 14.70 -50.64
C VAL B 45 1.42 13.34 -50.34
N ASN B 46 2.66 13.15 -50.80
CA ASN B 46 3.43 11.97 -50.47
C ASN B 46 4.42 12.26 -49.35
N PHE B 47 4.47 11.37 -48.37
CA PHE B 47 5.42 11.47 -47.25
C PHE B 47 6.40 10.30 -47.35
N ARG B 48 7.62 10.60 -47.78
CA ARG B 48 8.65 9.57 -47.99
C ARG B 48 9.25 9.03 -46.71
N GLU B 49 9.15 9.78 -45.61
CA GLU B 49 9.76 9.37 -44.34
C GLU B 49 8.74 8.98 -43.28
N ILE B 50 7.45 9.00 -43.60
CA ILE B 50 6.44 8.67 -42.59
C ILE B 50 5.67 7.41 -42.97
N PRO B 51 5.92 6.31 -42.23
CA PRO B 51 5.21 5.07 -42.49
C PRO B 51 3.78 5.07 -41.94
N SER B 52 2.97 4.11 -42.39
CA SER B 52 1.54 4.10 -42.13
C SER B 52 1.16 3.97 -40.66
N HIS B 53 1.95 3.22 -39.87
CA HIS B 53 1.66 3.11 -38.43
C HIS B 53 1.85 4.43 -37.67
N VAL B 54 2.55 5.39 -38.28
CA VAL B 54 2.69 6.73 -37.74
C VAL B 54 1.64 7.70 -38.33
N LEU B 55 1.48 7.69 -39.66
CA LEU B 55 0.59 8.65 -40.32
C LEU B 55 -0.89 8.41 -39.96
N SER B 56 -1.28 7.17 -39.70
CA SER B 56 -2.61 6.86 -39.23
C SER B 56 -2.88 7.54 -37.89
N LYS B 57 -1.92 7.46 -36.97
CA LYS B 57 -2.02 8.20 -35.71
C LYS B 57 -2.09 9.72 -35.90
N VAL B 58 -1.29 10.26 -36.83
CA VAL B 58 -1.34 11.68 -37.12
C VAL B 58 -2.79 12.06 -37.49
N CYS B 59 -3.40 11.30 -38.40
CA CYS B 59 -4.80 11.57 -38.82
C CYS B 59 -5.79 11.53 -37.65
N MET B 60 -5.60 10.59 -36.73
CA MET B 60 -6.44 10.49 -35.52
C MET B 60 -6.24 11.70 -34.61
N TYR B 61 -5.02 12.23 -34.54
CA TYR B 61 -4.79 13.48 -33.81
C TYR B 61 -5.60 14.63 -34.42
N PHE B 62 -5.59 14.76 -35.74
CA PHE B 62 -6.39 15.85 -36.39
C PHE B 62 -7.85 15.77 -35.93
N THR B 63 -8.43 14.57 -35.99
CA THR B 63 -9.84 14.39 -35.61
C THR B 63 -10.07 14.80 -34.15
N TYR B 64 -9.17 14.36 -33.28
CA TYR B 64 -9.20 14.65 -31.86
C TYR B 64 -9.11 16.14 -31.61
N LYS B 65 -8.17 16.80 -32.27
CA LYS B 65 -7.99 18.23 -32.04
C LYS B 65 -9.20 19.04 -32.45
N VAL B 66 -9.73 18.75 -33.65
CA VAL B 66 -10.86 19.53 -34.18
C VAL B 66 -12.10 19.32 -33.29
N ARG B 67 -12.29 18.09 -32.82
CA ARG B 67 -13.41 17.76 -31.94
C ARG B 67 -13.36 18.42 -30.57
N TYR B 68 -12.18 18.49 -29.95
CA TYR B 68 -12.10 18.92 -28.55
C TYR B 68 -11.60 20.35 -28.36
N THR B 69 -11.09 21.00 -29.41
CA THR B 69 -10.74 22.42 -29.32
C THR B 69 -11.99 23.26 -29.13
N ASN B 70 -11.93 24.21 -28.19
CA ASN B 70 -13.05 25.11 -27.86
C ASN B 70 -14.34 24.36 -27.53
N SER B 71 -14.22 23.37 -26.66
CA SER B 71 -15.36 22.54 -26.25
C SER B 71 -15.45 22.47 -24.73
N SER B 72 -16.66 22.21 -24.24
CA SER B 72 -16.94 22.16 -22.81
C SER B 72 -16.73 20.75 -22.25
N THR B 73 -17.25 19.75 -22.98
CA THR B 73 -17.15 18.33 -22.58
C THR B 73 -15.72 17.93 -22.20
N GLU B 74 -15.59 17.21 -21.09
CA GLU B 74 -14.29 16.84 -20.51
C GLU B 74 -13.38 16.19 -21.56
N ILE B 75 -12.09 16.49 -21.46
CA ILE B 75 -11.12 16.11 -22.48
C ILE B 75 -10.39 14.83 -22.05
N PRO B 76 -10.45 13.77 -22.88
CA PRO B 76 -9.66 12.59 -22.60
C PRO B 76 -8.23 12.72 -23.12
N GLU B 77 -7.35 11.89 -22.57
CA GLU B 77 -5.94 11.87 -22.92
C GLU B 77 -5.76 11.33 -24.35
N PHE B 78 -4.88 11.94 -25.14
CA PHE B 78 -4.55 11.38 -26.44
C PHE B 78 -3.55 10.24 -26.24
N PRO B 79 -3.93 9.01 -26.62
CA PRO B 79 -3.11 7.82 -26.32
C PRO B 79 -1.99 7.62 -27.33
N ILE B 80 -0.79 7.29 -26.88
CA ILE B 80 0.36 6.99 -27.75
C ILE B 80 1.14 5.78 -27.22
N ALA B 81 1.10 4.66 -27.95
CA ALA B 81 1.86 3.46 -27.55
C ALA B 81 3.36 3.75 -27.50
N PRO B 82 4.07 3.17 -26.51
CA PRO B 82 5.52 3.37 -26.41
C PRO B 82 6.28 3.14 -27.72
N GLU B 83 5.89 2.10 -28.46
CA GLU B 83 6.63 1.63 -29.64
C GLU B 83 6.60 2.61 -30.83
N ILE B 84 5.62 3.51 -30.87
CA ILE B 84 5.53 4.49 -31.96
C ILE B 84 5.90 5.93 -31.54
N ALA B 85 6.24 6.12 -30.26
CA ALA B 85 6.37 7.48 -29.73
C ALA B 85 7.53 8.24 -30.36
N LEU B 86 8.66 7.59 -30.55
CA LEU B 86 9.84 8.28 -31.10
C LEU B 86 9.58 8.73 -32.55
N GLU B 87 9.08 7.84 -33.40
CA GLU B 87 8.73 8.20 -34.77
C GLU B 87 7.62 9.24 -34.87
N LEU B 88 6.61 9.15 -34.00
CA LEU B 88 5.53 10.13 -34.00
C LEU B 88 6.05 11.52 -33.61
N LEU B 89 7.02 11.57 -32.69
CA LEU B 89 7.67 12.82 -32.29
C LEU B 89 8.34 13.49 -33.48
N MET B 90 9.10 12.70 -34.24
CA MET B 90 9.81 13.23 -35.42
C MET B 90 8.83 13.76 -36.47
N ALA B 91 7.72 13.06 -36.71
CA ALA B 91 6.71 13.53 -37.66
C ALA B 91 6.07 14.84 -37.21
N ALA B 92 5.70 14.90 -35.93
CA ALA B 92 5.05 16.08 -35.36
C ALA B 92 5.95 17.32 -35.44
N ASN B 93 7.26 17.11 -35.27
CA ASN B 93 8.24 18.18 -35.44
C ASN B 93 8.33 18.69 -36.88
N PHE B 94 8.34 17.76 -37.84
CA PHE B 94 8.37 18.12 -39.27
C PHE B 94 7.08 18.84 -39.68
N LEU B 95 5.94 18.33 -39.21
CA LEU B 95 4.63 18.87 -39.55
C LEU B 95 4.20 20.10 -38.73
N ASP B 96 4.97 20.42 -37.68
CA ASP B 96 4.65 21.54 -36.78
C ASP B 96 3.23 21.45 -36.21
N CYS B 97 2.87 20.31 -35.63
CA CYS B 97 1.53 20.11 -35.05
C CYS B 97 1.54 19.52 -33.64
N VAL C 11 5.48 41.02 -10.18
CA VAL C 11 4.29 41.44 -10.98
C VAL C 11 3.11 40.51 -10.70
N LEU C 12 3.23 39.23 -11.06
CA LEU C 12 2.18 38.25 -10.78
C LEU C 12 2.27 37.78 -9.32
N ARG C 13 1.28 38.19 -8.52
CA ARG C 13 1.27 37.88 -7.09
C ARG C 13 -0.13 38.02 -6.50
N SER C 14 -0.37 37.33 -5.40
CA SER C 14 -1.65 37.44 -4.71
C SER C 14 -1.73 38.81 -4.05
N VAL C 15 -2.95 39.30 -3.90
CA VAL C 15 -3.25 40.51 -3.13
C VAL C 15 -3.62 40.08 -1.70
N ASN C 16 -3.09 40.76 -0.70
CA ASN C 16 -3.44 40.47 0.69
C ASN C 16 -4.73 41.20 1.06
N SER C 17 -5.87 40.58 0.73
CA SER C 17 -7.20 41.21 0.90
C SER C 17 -7.88 40.86 2.23
N ARG C 18 -7.62 39.65 2.72
CA ARG C 18 -8.21 39.16 3.97
C ARG C 18 -9.73 38.96 3.92
N GLU C 19 -10.30 38.85 2.72
CA GLU C 19 -11.74 38.61 2.54
C GLU C 19 -11.94 37.16 2.13
N PRO C 20 -12.43 36.32 3.05
CA PRO C 20 -12.58 34.88 2.78
C PRO C 20 -13.32 34.54 1.49
N SER C 21 -12.96 33.40 0.92
CA SER C 21 -13.62 32.87 -0.26
C SER C 21 -13.40 31.37 -0.28
N GLN C 22 -14.50 30.62 -0.27
CA GLN C 22 -14.49 29.17 -0.26
C GLN C 22 -14.52 28.66 -1.70
N VAL C 23 -13.74 27.61 -1.97
CA VAL C 23 -13.56 27.12 -3.35
C VAL C 23 -13.60 25.61 -3.35
N ILE C 24 -14.18 25.03 -4.41
CA ILE C 24 -14.07 23.59 -4.69
C ILE C 24 -13.02 23.40 -5.80
N PHE C 25 -11.95 22.70 -5.47
CA PHE C 25 -11.00 22.28 -6.48
C PHE C 25 -11.52 20.94 -7.00
N ASN C 27 -10.88 18.00 -9.76
CA ASN C 27 -9.93 17.43 -10.71
C ASN C 27 -10.64 16.56 -11.74
N ARG C 28 -10.96 17.14 -12.88
CA ARG C 28 -11.56 16.41 -14.00
C ARG C 28 -10.50 16.04 -15.05
N SER C 29 -9.32 15.64 -14.57
CA SER C 29 -8.25 15.18 -15.43
C SER C 29 -7.85 13.79 -14.98
N PRO C 30 -7.08 13.07 -15.81
CA PRO C 30 -6.58 11.77 -15.43
C PRO C 30 -5.22 11.86 -14.72
N ARG C 31 -4.74 13.07 -14.43
CA ARG C 31 -3.44 13.24 -13.78
C ARG C 31 -3.59 13.46 -12.27
N VAL C 32 -2.52 13.22 -11.54
CA VAL C 32 -2.38 13.71 -10.16
C VAL C 32 -2.10 15.21 -10.20
N VAL C 33 -2.90 16.00 -9.48
CA VAL C 33 -2.85 17.46 -9.59
C VAL C 33 -2.15 18.15 -8.42
N LEU C 34 -1.21 19.03 -8.76
CA LEU C 34 -0.53 19.91 -7.80
C LEU C 34 -1.10 21.32 -7.89
N PRO C 35 -1.80 21.79 -6.83
CA PRO C 35 -2.16 23.20 -6.83
C PRO C 35 -1.02 24.08 -6.34
N VAL C 36 -0.85 25.24 -6.96
CA VAL C 36 0.21 26.18 -6.66
C VAL C 36 -0.37 27.57 -6.39
N TRP C 37 -0.12 28.09 -5.19
CA TRP C 37 -0.55 29.44 -4.79
C TRP C 37 0.63 30.39 -4.99
N LEU C 38 0.38 31.53 -5.61
CA LEU C 38 1.40 32.54 -5.76
C LEU C 38 1.30 33.49 -4.56
N ASN C 39 2.33 33.49 -3.72
CA ASN C 39 2.27 34.26 -2.47
C ASN C 39 2.44 35.77 -2.68
N PHE C 40 2.53 36.53 -1.60
CA PHE C 40 2.50 37.99 -1.70
C PHE C 40 3.77 38.62 -2.32
N ASP C 41 4.85 37.83 -2.41
CA ASP C 41 6.07 38.22 -3.11
C ASP C 41 6.19 37.54 -4.48
N GLY C 42 5.18 36.76 -4.88
CA GLY C 42 5.18 36.10 -6.18
C GLY C 42 5.88 34.75 -6.24
N GLU C 43 6.33 34.23 -5.10
CA GLU C 43 6.93 32.89 -5.04
C GLU C 43 5.83 31.83 -5.13
N PRO C 44 6.05 30.80 -5.95
CA PRO C 44 5.10 29.71 -5.99
C PRO C 44 5.17 28.89 -4.72
N GLN C 45 4.02 28.61 -4.12
CA GLN C 45 3.91 27.73 -2.98
C GLN C 45 3.04 26.52 -3.30
N PRO C 46 3.60 25.31 -3.17
CA PRO C 46 2.84 24.10 -3.47
C PRO C 46 1.89 23.73 -2.33
N TYR C 47 0.78 23.09 -2.68
CA TYR C 47 -0.24 22.63 -1.74
C TYR C 47 -0.48 21.13 -1.94
N PRO C 48 -1.21 20.46 -0.99
CA PRO C 48 -1.39 19.01 -1.12
C PRO C 48 -2.03 18.61 -2.44
N THR C 49 -1.68 17.42 -2.95
CA THR C 49 -2.08 16.98 -4.29
C THR C 49 -3.50 16.44 -4.31
N LEU C 50 -4.11 16.35 -5.49
CA LEU C 50 -5.42 15.73 -5.70
C LEU C 50 -5.34 14.54 -6.65
N PRO C 51 -5.74 13.33 -6.20
CA PRO C 51 -5.77 12.21 -7.13
C PRO C 51 -6.78 12.41 -8.28
N PRO C 52 -6.60 11.68 -9.41
CA PRO C 52 -7.51 11.82 -10.55
C PRO C 52 -8.99 11.67 -10.16
N GLY C 53 -9.83 12.56 -10.67
CA GLY C 53 -11.28 12.48 -10.48
C GLY C 53 -11.84 13.01 -9.17
N THR C 54 -10.97 13.42 -8.24
CA THR C 54 -11.38 13.76 -6.88
C THR C 54 -11.51 15.27 -6.66
N GLY C 55 -12.19 15.65 -5.58
CA GLY C 55 -12.45 17.05 -5.25
C GLY C 55 -12.15 17.40 -3.79
N ARG C 56 -11.89 18.68 -3.53
CA ARG C 56 -11.64 19.16 -2.16
C ARG C 56 -12.28 20.53 -1.96
N ARG C 57 -12.91 20.74 -0.81
CA ARG C 57 -13.39 22.07 -0.43
C ARG C 57 -12.30 22.74 0.40
N ILE C 58 -11.83 23.89 -0.06
CA ILE C 58 -10.70 24.57 0.58
C ILE C 58 -11.04 26.03 0.86
N HIS C 59 -10.31 26.61 1.80
CA HIS C 59 -10.46 28.02 2.16
C HIS C 59 -9.36 28.88 1.53
N SER C 60 -9.75 29.85 0.70
CA SER C 60 -8.81 30.79 0.09
C SER C 60 -9.33 32.21 0.31
N TYR C 61 -8.87 33.16 -0.50
CA TYR C 61 -9.25 34.57 -0.33
C TYR C 61 -9.44 35.26 -1.68
N ARG C 62 -10.21 36.34 -1.67
CA ARG C 62 -10.42 37.15 -2.89
C ARG C 62 -9.12 37.78 -3.34
N GLY C 63 -8.88 37.77 -4.64
CA GLY C 63 -7.65 38.34 -5.20
C GLY C 63 -6.43 37.43 -5.13
N HIS C 64 -6.58 36.21 -4.63
CA HIS C 64 -5.45 35.26 -4.57
C HIS C 64 -5.30 34.54 -5.90
N LEU C 65 -4.06 34.27 -6.29
CA LEU C 65 -3.78 33.64 -7.59
C LEU C 65 -3.38 32.19 -7.42
N TRP C 66 -3.93 31.33 -8.28
CA TRP C 66 -3.64 29.89 -8.29
C TRP C 66 -3.38 29.38 -9.72
N LEU C 67 -2.56 28.35 -9.83
CA LEU C 67 -2.47 27.59 -11.07
C LEU C 67 -2.28 26.12 -10.72
N PHE C 68 -2.38 25.24 -11.73
CA PHE C 68 -2.44 23.80 -11.49
C PHE C 68 -1.57 23.01 -12.48
N ARG C 69 -0.87 22.00 -11.97
CA ARG C 69 0.10 21.21 -12.74
C ARG C 69 -0.03 19.73 -12.45
N ASP C 70 0.48 18.89 -13.34
CA ASP C 70 0.71 17.47 -13.07
C ASP C 70 1.80 17.36 -11.98
N ALA C 71 1.47 16.72 -10.87
CA ALA C 71 2.40 16.68 -9.73
C ALA C 71 3.69 15.92 -10.01
N GLY C 72 3.67 14.96 -10.94
CA GLY C 72 4.84 14.13 -11.23
C GLY C 72 5.77 14.70 -12.30
N THR C 73 5.20 15.39 -13.29
CA THR C 73 5.96 15.89 -14.45
C THR C 73 5.95 17.42 -14.61
N HIS C 74 5.07 18.10 -13.89
CA HIS C 74 4.84 19.53 -14.03
C HIS C 74 4.21 19.98 -15.34
N ASP C 75 3.70 19.05 -16.16
CA ASP C 75 2.93 19.43 -17.35
C ASP C 75 1.84 20.45 -16.99
N GLY C 76 1.52 21.33 -17.93
CA GLY C 76 0.51 22.37 -17.73
C GLY C 76 -0.91 21.84 -17.77
N LEU C 77 -1.75 22.33 -16.87
CA LEU C 77 -3.19 22.04 -16.84
C LEU C 77 -4.01 23.34 -16.86
N LEU C 78 -5.28 23.22 -17.22
CA LEU C 78 -6.19 24.36 -17.30
C LEU C 78 -7.17 24.35 -16.12
N VAL C 79 -7.64 25.54 -15.76
CA VAL C 79 -8.63 25.71 -14.70
C VAL C 79 -9.69 26.67 -15.22
N ASN C 80 -10.93 26.21 -15.22
CA ASN C 80 -12.03 26.87 -15.93
C ASN C 80 -11.62 27.40 -17.32
N GLN C 81 -10.91 26.55 -18.07
CA GLN C 81 -10.54 26.81 -19.48
C GLN C 81 -9.40 27.82 -19.67
N THR C 82 -8.68 28.16 -18.60
CA THR C 82 -7.60 29.15 -18.72
C THR C 82 -6.43 28.83 -17.78
N GLU C 83 -5.43 29.69 -17.73
CA GLU C 83 -4.17 29.41 -17.03
C GLU C 83 -4.25 29.66 -15.52
N LEU C 84 -4.83 30.81 -15.15
CA LEU C 84 -4.87 31.24 -13.76
C LEU C 84 -6.29 31.21 -13.20
N PHE C 85 -6.39 30.94 -11.90
CA PHE C 85 -7.67 30.98 -11.20
C PHE C 85 -7.60 31.96 -10.03
N VAL C 86 -8.54 32.91 -9.99
CA VAL C 86 -8.63 33.90 -8.92
C VAL C 86 -9.99 33.79 -8.21
N PRO C 87 -9.98 33.41 -6.92
CA PRO C 87 -11.26 33.35 -6.20
C PRO C 87 -12.01 34.68 -6.17
N SER C 88 -13.32 34.59 -6.41
CA SER C 88 -14.20 35.75 -6.45
C SER C 88 -15.15 35.78 -5.23
N LEU C 89 -16.04 36.77 -5.20
CA LEU C 89 -17.03 36.91 -4.13
C LEU C 89 -18.07 35.80 -4.19
N ASN C 90 -18.25 35.09 -3.07
CA ASN C 90 -19.29 34.06 -2.96
C ASN C 90 -20.70 34.67 -2.87
N VAL C 91 -21.59 34.21 -3.76
CA VAL C 91 -22.98 34.70 -3.82
C VAL C 91 -23.93 33.67 -3.18
N ASP C 92 -24.65 34.12 -2.15
CA ASP C 92 -25.63 33.29 -1.42
C ASP C 92 -25.00 32.13 -0.65
N GLY C 93 -23.73 32.28 -0.26
CA GLY C 93 -23.00 31.23 0.46
C GLY C 93 -22.50 30.07 -0.39
N GLN C 94 -22.77 30.08 -1.69
CA GLN C 94 -22.34 29.00 -2.58
C GLN C 94 -20.85 29.19 -2.94
N PRO C 95 -20.07 28.09 -2.91
CA PRO C 95 -18.64 28.19 -3.25
C PRO C 95 -18.38 28.39 -4.74
N ILE C 96 -17.18 28.86 -5.08
CA ILE C 96 -16.77 28.99 -6.49
C ILE C 96 -16.18 27.66 -6.92
N PHE C 97 -16.51 27.24 -8.14
CA PHE C 97 -15.98 25.98 -8.66
C PHE C 97 -14.73 26.21 -9.52
N ALA C 98 -13.62 25.56 -9.17
CA ALA C 98 -12.45 25.51 -10.04
C ALA C 98 -12.31 24.13 -10.70
N ASN C 99 -12.81 24.04 -11.94
CA ASN C 99 -12.74 22.83 -12.77
C ASN C 99 -11.41 22.65 -13.49
N ILE C 100 -10.63 21.66 -13.06
CA ILE C 100 -9.27 21.47 -13.55
C ILE C 100 -9.27 20.36 -14.62
N THR C 101 -8.77 20.67 -15.81
CA THR C 101 -8.85 19.74 -16.95
C THR C 101 -7.54 19.65 -17.75
N LEU C 102 -7.43 18.62 -18.58
CA LEU C 102 -6.35 18.55 -19.55
C LEU C 102 -6.57 19.60 -20.62
N PRO C 103 -5.50 20.28 -21.04
CA PRO C 103 -5.61 21.00 -22.32
C PRO C 103 -5.58 20.04 -23.52
N VAL C 104 -5.91 20.57 -24.69
CA VAL C 104 -5.59 19.89 -25.94
C VAL C 104 -4.12 20.20 -26.22
N TYR C 105 -3.22 19.31 -25.83
CA TYR C 105 -1.79 19.50 -26.14
C TYR C 105 -1.54 19.36 -27.62
N THR C 106 -0.51 20.03 -28.12
CA THR C 106 -0.04 19.81 -29.49
C THR C 106 0.44 18.36 -29.56
N LEU C 107 0.45 17.79 -30.75
CA LEU C 107 0.95 16.42 -30.92
C LEU C 107 2.43 16.34 -30.51
N LYS C 108 3.22 17.37 -30.82
CA LYS C 108 4.63 17.39 -30.40
C LYS C 108 4.80 17.37 -28.88
N GLU C 109 4.07 18.22 -28.17
CA GLU C 109 4.22 18.25 -26.72
C GLU C 109 3.78 16.92 -26.06
N ARG C 110 2.72 16.31 -26.59
CA ARG C 110 2.26 15.02 -26.10
C ARG C 110 3.30 13.93 -26.37
N CYS C 111 3.90 13.91 -27.55
CA CYS C 111 4.99 12.97 -27.84
C CYS C 111 6.18 13.17 -26.88
N LEU C 112 6.54 14.43 -26.61
CA LEU C 112 7.60 14.73 -25.64
C LEU C 112 7.27 14.20 -24.24
N GLN C 113 6.00 14.34 -23.82
CA GLN C 113 5.57 13.81 -22.51
C GLN C 113 5.79 12.30 -22.44
N VAL C 114 5.35 11.59 -23.47
CA VAL C 114 5.47 10.14 -23.49
C VAL C 114 6.92 9.68 -23.54
N VAL C 115 7.73 10.35 -24.36
CA VAL C 115 9.17 9.99 -24.44
C VAL C 115 9.85 10.27 -23.10
N ARG C 116 9.55 11.40 -22.47
CA ARG C 116 10.11 11.70 -21.14
C ARG C 116 9.74 10.62 -20.10
N SER C 117 8.53 10.10 -20.16
CA SER C 117 8.09 9.08 -19.20
C SER C 117 8.76 7.70 -19.37
N LEU C 118 9.48 7.49 -20.47
CA LEU C 118 10.14 6.20 -20.79
C LEU C 118 11.67 6.23 -20.79
N VAL C 119 12.26 7.42 -20.91
CA VAL C 119 13.71 7.57 -21.00
C VAL C 119 14.24 8.42 -19.85
N LYS C 120 15.24 7.90 -19.12
CA LYS C 120 15.87 8.65 -18.04
C LYS C 120 16.62 9.83 -18.64
N PRO C 121 16.62 10.99 -17.96
CA PRO C 121 17.24 12.18 -18.54
C PRO C 121 18.67 12.02 -19.05
N GLU C 122 19.45 11.15 -18.42
CA GLU C 122 20.86 10.93 -18.83
C GLU C 122 20.95 10.29 -20.20
N ASN C 123 19.88 9.62 -20.62
CA ASN C 123 19.87 8.91 -21.89
C ASN C 123 19.24 9.67 -23.07
N TYR C 124 18.72 10.87 -22.84
CA TYR C 124 18.11 11.64 -23.94
C TYR C 124 19.07 11.82 -25.11
N ARG C 125 20.37 11.93 -24.82
CA ARG C 125 21.38 12.17 -25.86
C ARG C 125 21.69 10.92 -26.70
N ARG C 126 21.34 9.73 -26.21
CA ARG C 126 21.52 8.50 -26.98
C ARG C 126 20.39 8.27 -27.98
N LEU C 127 19.31 9.04 -27.88
CA LEU C 127 18.21 8.91 -28.84
C LEU C 127 18.65 9.41 -30.22
N ASP C 128 18.22 8.69 -31.27
CA ASP C 128 18.61 9.04 -32.61
C ASP C 128 17.65 10.07 -33.21
N ILE C 129 17.85 11.33 -32.83
CA ILE C 129 17.00 12.45 -33.24
C ILE C 129 17.85 13.70 -33.44
N VAL C 130 17.29 14.69 -34.15
CA VAL C 130 17.99 15.96 -34.34
C VAL C 130 18.25 16.67 -33.02
N ARG C 131 19.39 17.35 -32.94
CA ARG C 131 19.81 18.03 -31.74
C ARG C 131 18.69 18.87 -31.12
N SER C 132 17.92 19.59 -31.95
CA SER C 132 16.87 20.46 -31.44
C SER C 132 15.78 19.72 -30.62
N LEU C 133 15.53 18.44 -30.93
CA LEU C 133 14.56 17.66 -30.18
C LEU C 133 15.11 17.15 -28.86
N TYR C 134 16.41 16.89 -28.83
CA TYR C 134 17.10 16.63 -27.58
C TYR C 134 16.98 17.84 -26.63
N GLU C 135 17.17 19.04 -27.15
CA GLU C 135 16.98 20.25 -26.34
C GLU C 135 15.52 20.39 -25.87
N ASP C 136 14.57 20.06 -26.76
CA ASP C 136 13.13 20.12 -26.41
C ASP C 136 12.78 19.18 -25.26
N LEU C 137 13.34 17.97 -25.26
CA LEU C 137 13.15 17.02 -24.16
C LEU C 137 13.73 17.51 -22.82
N GLU C 138 14.96 18.01 -22.89
CA GLU C 138 15.68 18.49 -21.72
C GLU C 138 14.98 19.70 -21.12
N ASP C 139 14.41 20.57 -21.97
CA ASP C 139 13.71 21.76 -21.49
C ASP C 139 12.31 21.40 -21.01
N HIS C 140 12.22 20.66 -19.91
CA HIS C 140 10.94 20.15 -19.44
C HIS C 140 10.07 21.21 -18.75
N PRO C 141 8.76 20.94 -18.61
CA PRO C 141 7.89 21.91 -17.95
C PRO C 141 8.35 22.29 -16.55
N ASN C 142 8.09 23.53 -16.19
CA ASN C 142 8.63 24.13 -14.97
C ASN C 142 7.80 25.38 -14.67
N VAL C 143 7.45 25.58 -13.41
CA VAL C 143 6.57 26.69 -13.02
C VAL C 143 7.24 28.07 -13.20
N GLN C 144 8.51 28.18 -12.80
CA GLN C 144 9.22 29.46 -12.91
C GLN C 144 9.30 29.96 -14.36
N LYS C 145 9.61 29.04 -15.28
CA LYS C 145 9.59 29.33 -16.70
C LYS C 145 8.24 29.92 -17.15
N ASP C 146 7.14 29.28 -16.77
CA ASP C 146 5.82 29.79 -17.16
C ASP C 146 5.44 31.13 -16.50
N LEU C 147 5.91 31.37 -15.28
CA LEU C 147 5.68 32.67 -14.64
C LEU C 147 6.38 33.78 -15.40
N GLU C 148 7.60 33.52 -15.86
CA GLU C 148 8.33 34.46 -16.69
C GLU C 148 7.60 34.73 -18.01
N ARG C 149 7.04 33.67 -18.61
CA ARG C 149 6.24 33.81 -19.83
C ARG C 149 5.00 34.66 -19.58
N LEU C 150 4.17 34.24 -18.62
CA LEU C 150 2.91 34.93 -18.29
C LEU C 150 3.09 36.42 -17.96
N THR C 151 4.30 36.81 -17.58
CA THR C 151 4.67 38.20 -17.38
C THR C 151 5.16 38.83 -18.69
N MET D 1 8.98 -16.16 -13.06
CA MET D 1 10.34 -16.52 -12.57
C MET D 1 11.22 -16.93 -13.74
N ASP D 2 12.43 -16.37 -13.79
CA ASP D 2 13.34 -16.57 -14.90
C ASP D 2 14.21 -17.80 -14.70
N VAL D 3 14.44 -18.54 -15.80
CA VAL D 3 15.40 -19.63 -15.83
C VAL D 3 16.49 -19.31 -16.84
N PHE D 4 17.72 -19.70 -16.53
CA PHE D 4 18.88 -19.36 -17.36
C PHE D 4 19.47 -20.62 -18.00
N LEU D 5 19.65 -20.58 -19.32
CA LEU D 5 19.87 -21.78 -20.11
C LEU D 5 21.06 -21.72 -21.05
N MET D 6 21.62 -22.90 -21.32
CA MET D 6 22.52 -23.17 -22.44
C MET D 6 21.80 -24.14 -23.37
N ILE D 7 21.57 -23.75 -24.63
CA ILE D 7 20.96 -24.64 -25.61
C ILE D 7 22.06 -25.17 -26.52
N ARG D 8 22.29 -26.47 -26.49
CA ARG D 8 23.51 -27.03 -27.09
C ARG D 8 23.29 -28.09 -28.17
N ARG D 9 23.99 -27.91 -29.30
CA ARG D 9 24.03 -28.86 -30.40
C ARG D 9 25.43 -28.88 -30.99
N HIS D 10 25.99 -30.08 -31.18
CA HIS D 10 27.34 -30.24 -31.74
C HIS D 10 28.30 -29.26 -31.06
N LYS D 11 28.80 -28.24 -31.77
CA LYS D 11 29.71 -27.25 -31.19
C LYS D 11 29.07 -25.84 -31.09
N THR D 12 27.74 -25.78 -31.05
CA THR D 12 27.00 -24.55 -30.85
C THR D 12 26.39 -24.53 -29.44
N THR D 13 26.57 -23.40 -28.74
CA THR D 13 26.03 -23.19 -27.40
C THR D 13 25.42 -21.80 -27.33
N ILE D 14 24.10 -21.73 -27.14
CA ILE D 14 23.38 -20.46 -27.04
C ILE D 14 23.10 -20.14 -25.58
N PHE D 15 23.51 -18.95 -25.13
CA PHE D 15 23.15 -18.46 -23.82
C PHE D 15 21.91 -17.57 -23.89
N THR D 16 20.84 -17.97 -23.22
CA THR D 16 19.62 -17.17 -23.17
C THR D 16 18.85 -17.49 -21.90
N ASP D 17 17.79 -16.73 -21.63
CA ASP D 17 16.90 -17.00 -20.51
C ASP D 17 15.47 -17.07 -21.01
N ALA D 18 14.58 -17.56 -20.14
CA ALA D 18 13.15 -17.68 -20.45
C ALA D 18 12.36 -17.76 -19.15
N LYS D 19 11.04 -17.66 -19.22
CA LYS D 19 10.20 -17.73 -18.03
C LYS D 19 9.91 -19.19 -17.68
N GLU D 20 9.74 -19.47 -16.39
CA GLU D 20 9.46 -20.83 -15.92
C GLU D 20 8.14 -21.34 -16.51
N SER D 21 7.19 -20.41 -16.71
CA SER D 21 5.88 -20.75 -17.26
C SER D 21 5.82 -20.79 -18.79
N SER D 22 6.89 -20.42 -19.49
CA SER D 22 6.89 -20.47 -20.98
C SER D 22 6.96 -21.91 -21.50
N THR D 23 6.48 -22.12 -22.72
CA THR D 23 6.38 -23.45 -23.31
C THR D 23 7.63 -23.86 -24.09
N VAL D 24 7.76 -25.17 -24.31
CA VAL D 24 8.84 -25.73 -25.11
C VAL D 24 8.79 -25.17 -26.53
N PHE D 25 7.58 -25.03 -27.05
CA PHE D 25 7.36 -24.49 -28.39
C PHE D 25 7.86 -23.06 -28.48
N GLU D 26 7.52 -22.25 -27.48
CA GLU D 26 7.99 -20.86 -27.43
C GLU D 26 9.52 -20.76 -27.42
N LEU D 27 10.19 -21.72 -26.79
CA LEU D 27 11.66 -21.79 -26.81
C LEU D 27 12.21 -22.15 -28.20
N LYS D 28 11.50 -23.00 -28.94
CA LYS D 28 11.87 -23.32 -30.33
C LYS D 28 11.82 -22.08 -31.24
N ARG D 29 10.87 -21.18 -30.97
CA ARG D 29 10.78 -19.90 -31.68
C ARG D 29 11.96 -18.97 -31.40
N ILE D 30 12.52 -19.05 -30.20
CA ILE D 30 13.71 -18.28 -29.87
C ILE D 30 14.94 -18.82 -30.62
N VAL D 31 15.11 -20.15 -30.61
CA VAL D 31 16.17 -20.79 -31.40
C VAL D 31 16.03 -20.44 -32.88
N GLU D 32 14.78 -20.38 -33.37
CA GLU D 32 14.51 -20.03 -34.77
C GLU D 32 15.05 -18.66 -35.14
N GLY D 33 14.82 -17.68 -34.27
CA GLY D 33 15.32 -16.33 -34.46
C GLY D 33 16.84 -16.26 -34.58
N ILE D 34 17.53 -17.14 -33.88
CA ILE D 34 18.99 -17.15 -33.85
C ILE D 34 19.59 -17.98 -35.00
N LEU D 35 19.24 -19.28 -35.06
CA LEU D 35 19.90 -20.22 -35.99
C LEU D 35 19.15 -20.47 -37.32
N LYS D 36 18.04 -19.77 -37.54
CA LYS D 36 17.30 -19.82 -38.80
C LYS D 36 16.81 -21.23 -39.18
N ARG D 37 16.30 -21.98 -38.21
CA ARG D 37 15.62 -23.24 -38.48
C ARG D 37 14.26 -23.21 -37.80
N PRO D 38 13.20 -23.62 -38.53
CA PRO D 38 11.85 -23.57 -37.95
C PRO D 38 11.60 -24.64 -36.87
N PRO D 39 10.60 -24.42 -36.01
CA PRO D 39 10.27 -25.35 -34.92
C PRO D 39 10.13 -26.80 -35.35
N ASP D 40 9.42 -27.06 -36.45
CA ASP D 40 9.19 -28.44 -36.91
C ASP D 40 10.44 -29.15 -37.43
N GLU D 41 11.56 -28.43 -37.53
CA GLU D 41 12.86 -29.06 -37.79
C GLU D 41 13.73 -29.11 -36.53
N GLN D 42 13.12 -28.97 -35.35
CA GLN D 42 13.85 -28.98 -34.08
C GLN D 42 13.29 -30.02 -33.13
N ARG D 43 14.18 -30.76 -32.46
CA ARG D 43 13.82 -31.50 -31.25
C ARG D 43 14.67 -30.96 -30.11
N LEU D 44 14.01 -30.63 -29.00
CA LEU D 44 14.69 -30.20 -27.79
C LEU D 44 14.64 -31.29 -26.74
N TYR D 45 15.70 -31.38 -25.94
CA TYR D 45 15.87 -32.46 -24.98
C TYR D 45 16.25 -31.96 -23.60
N LYS D 46 15.94 -32.78 -22.60
CA LYS D 46 16.51 -32.65 -21.27
C LYS D 46 17.21 -33.98 -20.98
N ASP D 47 18.53 -33.95 -20.88
CA ASP D 47 19.34 -35.17 -20.93
C ASP D 47 18.90 -36.01 -22.16
N ASP D 48 18.34 -37.20 -21.95
CA ASP D 48 17.91 -38.04 -23.07
C ASP D 48 16.39 -38.01 -23.32
N GLN D 49 15.67 -37.14 -22.61
CA GLN D 49 14.20 -37.10 -22.70
C GLN D 49 13.77 -36.03 -23.70
N LEU D 50 12.85 -36.39 -24.59
CA LEU D 50 12.33 -35.48 -25.60
C LEU D 50 11.23 -34.62 -25.00
N LEU D 51 11.28 -33.32 -25.31
CA LEU D 51 10.33 -32.36 -24.74
C LEU D 51 9.16 -32.07 -25.70
N ASP D 52 7.94 -32.29 -25.23
CA ASP D 52 6.74 -31.99 -26.02
C ASP D 52 6.49 -30.49 -26.11
N ASP D 53 6.05 -30.04 -27.28
CA ASP D 53 5.84 -28.61 -27.56
C ASP D 53 4.93 -27.90 -26.55
N GLY D 54 3.90 -28.58 -26.07
CA GLY D 54 2.90 -27.98 -25.20
C GLY D 54 3.30 -27.84 -23.73
N LYS D 55 4.41 -28.45 -23.33
CA LYS D 55 4.81 -28.46 -21.91
C LYS D 55 5.54 -27.20 -21.53
N THR D 56 5.41 -26.78 -20.27
CA THR D 56 6.15 -25.64 -19.77
C THR D 56 7.54 -26.08 -19.34
N LEU D 57 8.44 -25.12 -19.22
CA LEU D 57 9.80 -25.39 -18.80
C LEU D 57 9.83 -25.88 -17.35
N GLY D 58 8.96 -25.29 -16.51
CA GLY D 58 8.83 -25.69 -15.10
C GLY D 58 8.39 -27.14 -14.89
N GLU D 59 7.42 -27.57 -15.70
CA GLU D 59 6.93 -28.96 -15.72
C GLU D 59 8.02 -29.98 -16.01
N GLY D 61 11.12 -29.59 -15.33
CA GLY D 61 12.18 -29.56 -14.33
C GLY D 61 13.21 -28.46 -14.47
N PHE D 62 12.93 -27.45 -15.30
CA PHE D 62 13.78 -26.26 -15.36
C PHE D 62 13.23 -25.22 -14.40
N THR D 63 13.92 -25.03 -13.27
CA THR D 63 13.45 -24.09 -12.24
C THR D 63 14.49 -23.00 -11.95
N SER D 64 14.01 -21.84 -11.53
CA SER D 64 14.88 -20.68 -11.29
C SER D 64 16.03 -20.99 -10.33
N GLN D 65 15.77 -21.83 -9.33
CA GLN D 65 16.81 -22.18 -8.37
C GLN D 65 17.82 -23.23 -8.86
N THR D 66 17.56 -23.88 -9.99
CA THR D 66 18.55 -24.79 -10.59
C THR D 66 19.17 -24.23 -11.88
N ALA D 67 18.36 -23.58 -12.70
CA ALA D 67 18.85 -22.97 -13.93
C ALA D 67 19.29 -21.54 -13.61
N ARG D 68 20.48 -21.39 -13.01
CA ARG D 68 20.95 -20.13 -12.43
C ARG D 68 21.84 -19.32 -13.39
N PRO D 69 21.89 -17.97 -13.23
CA PRO D 69 22.68 -17.13 -14.13
C PRO D 69 24.14 -17.58 -14.23
N GLN D 70 24.73 -17.90 -13.09
CA GLN D 70 26.13 -18.31 -13.01
C GLN D 70 26.39 -19.81 -13.22
N ALA D 71 25.32 -20.56 -13.48
CA ALA D 71 25.35 -22.04 -13.62
C ALA D 71 24.07 -22.48 -14.34
N PRO D 72 23.97 -22.13 -15.63
CA PRO D 72 22.75 -22.37 -16.39
C PRO D 72 22.52 -23.85 -16.68
N ALA D 73 21.26 -24.24 -16.86
CA ALA D 73 20.90 -25.64 -17.15
C ALA D 73 21.00 -25.88 -18.64
N THR D 74 21.25 -27.12 -19.02
CA THR D 74 21.46 -27.47 -20.43
C THR D 74 20.20 -28.02 -21.10
N VAL D 75 19.91 -27.49 -22.29
CA VAL D 75 18.88 -28.03 -23.18
C VAL D 75 19.58 -28.53 -24.44
N GLY D 76 19.34 -29.78 -24.80
CA GLY D 76 19.90 -30.37 -26.00
C GLY D 76 19.05 -30.07 -27.22
N LEU D 77 19.69 -29.96 -28.38
CA LEU D 77 19.01 -29.64 -29.63
C LEU D 77 19.53 -30.53 -30.76
N ALA D 78 18.60 -31.07 -31.56
CA ALA D 78 18.92 -31.80 -32.79
C ALA D 78 18.08 -31.26 -33.95
N PHE D 79 18.69 -31.16 -35.13
CA PHE D 79 18.02 -30.69 -36.35
C PHE D 79 17.61 -31.82 -37.28
N ARG D 80 16.64 -31.55 -38.14
CA ARG D 80 16.24 -32.48 -39.21
C ARG D 80 16.84 -32.06 -40.56
N ALA D 81 17.57 -32.99 -41.19
CA ALA D 81 18.03 -32.83 -42.57
C ALA D 81 17.27 -33.83 -43.43
N ASP D 82 16.60 -33.33 -44.46
CA ASP D 82 15.76 -34.16 -45.34
C ASP D 82 14.66 -34.87 -44.54
N ASP D 83 14.49 -36.17 -44.75
CA ASP D 83 13.40 -36.93 -44.12
C ASP D 83 13.51 -37.06 -42.59
N THR D 84 14.71 -37.36 -42.09
CA THR D 84 14.88 -37.81 -40.69
C THR D 84 15.79 -36.92 -39.84
N PHE D 85 15.54 -36.93 -38.53
CA PHE D 85 16.36 -36.17 -37.56
C PHE D 85 17.69 -36.86 -37.30
N GLU D 86 18.72 -36.05 -37.06
CA GLU D 86 20.00 -36.57 -36.57
C GLU D 86 19.85 -37.03 -35.12
N ALA D 87 20.83 -37.80 -34.65
CA ALA D 87 20.89 -38.18 -33.25
C ALA D 87 21.39 -36.99 -32.44
N LEU D 88 21.07 -36.98 -31.15
CA LEU D 88 21.52 -35.91 -30.24
C LEU D 88 23.02 -36.01 -30.02
N ILE D 90 26.19 -33.63 -28.47
CA ILE D 90 26.72 -32.43 -27.83
C ILE D 90 28.20 -32.64 -27.55
N GLU D 91 29.03 -31.88 -28.27
CA GLU D 91 30.47 -31.96 -28.11
C GLU D 91 30.85 -31.42 -26.75
N PRO D 92 31.74 -32.14 -26.03
CA PRO D 92 32.14 -31.68 -24.70
C PRO D 92 33.14 -30.54 -24.81
N PHE D 93 33.16 -29.66 -23.81
CA PHE D 93 34.16 -28.60 -23.77
C PHE D 93 35.53 -29.23 -23.54
N SER D 94 36.57 -28.45 -23.75
CA SER D 94 37.94 -28.90 -23.52
C SER D 94 38.17 -29.21 -22.04
N SER D 95 39.33 -29.79 -21.74
CA SER D 95 39.65 -30.20 -20.37
C SER D 95 40.71 -29.29 -19.75
N PRO D 96 40.53 -28.96 -18.47
CA PRO D 96 41.56 -28.16 -17.80
C PRO D 96 42.82 -28.98 -17.58
N PRO D 97 43.98 -28.30 -17.50
CA PRO D 97 45.24 -28.99 -17.28
C PRO D 97 45.41 -29.41 -15.82
N GLU D 98 46.47 -30.16 -15.54
CA GLU D 98 46.82 -30.53 -14.17
C GLU D 98 47.17 -29.28 -13.38
N LEU D 99 46.75 -29.23 -12.12
CA LEU D 99 47.08 -28.13 -11.23
C LEU D 99 48.59 -28.02 -11.07
N PRO D 100 49.14 -26.81 -11.21
CA PRO D 100 50.57 -26.63 -10.90
C PRO D 100 50.86 -26.92 -9.42
N ASP D 101 52.13 -27.20 -9.10
CA ASP D 101 52.54 -27.57 -7.74
C ASP D 101 52.17 -26.53 -6.69
N VAL D 102 52.42 -25.26 -6.99
CA VAL D 102 52.15 -24.16 -6.04
C VAL D 102 50.67 -23.97 -5.70
N MET D 103 49.78 -24.62 -6.47
CA MET D 103 48.35 -24.69 -6.16
C MET D 103 47.99 -26.11 -5.70
N MET E 1 16.27 -9.08 -31.00
CA MET E 1 17.46 -8.96 -30.11
C MET E 1 18.74 -9.18 -30.93
N MET E 2 19.78 -8.41 -30.62
CA MET E 2 21.05 -8.54 -31.31
C MET E 2 21.93 -9.57 -30.58
N TYR E 3 22.46 -10.52 -31.34
CA TYR E 3 23.36 -11.54 -30.81
C TYR E 3 24.74 -11.48 -31.49
N VAL E 4 25.77 -11.94 -30.77
CA VAL E 4 27.12 -12.08 -31.34
C VAL E 4 27.66 -13.48 -31.05
N LYS E 5 28.68 -13.88 -31.82
CA LYS E 5 29.29 -15.20 -31.68
C LYS E 5 30.74 -15.11 -31.22
N LEU E 6 31.07 -15.83 -30.15
CA LEU E 6 32.44 -15.88 -29.61
C LEU E 6 32.96 -17.30 -29.75
N ILE E 7 34.07 -17.47 -30.47
CA ILE E 7 34.58 -18.79 -30.83
C ILE E 7 35.89 -19.06 -30.10
N SER E 8 35.95 -20.14 -29.35
CA SER E 8 37.15 -20.49 -28.57
C SER E 8 38.26 -21.08 -29.46
N SER E 9 39.42 -21.35 -28.87
CA SER E 9 40.58 -21.88 -29.61
C SER E 9 40.37 -23.31 -30.13
N ASP E 10 39.50 -24.08 -29.47
CA ASP E 10 39.16 -25.45 -29.90
C ASP E 10 37.87 -25.51 -30.74
N GLY E 11 37.44 -24.39 -31.32
CA GLY E 11 36.32 -24.39 -32.26
C GLY E 11 34.89 -24.23 -31.71
N HIS E 12 34.71 -24.16 -30.40
CA HIS E 12 33.36 -24.00 -29.84
C HIS E 12 32.82 -22.59 -30.10
N GLU E 13 31.59 -22.53 -30.60
CA GLU E 13 30.93 -21.27 -30.92
C GLU E 13 29.85 -20.96 -29.85
N PHE E 14 30.05 -19.88 -29.10
CA PHE E 14 29.12 -19.46 -28.06
C PHE E 14 28.33 -18.25 -28.56
N ILE E 15 27.01 -18.32 -28.47
CA ILE E 15 26.17 -17.23 -28.97
C ILE E 15 25.55 -16.50 -27.78
N VAL E 16 25.89 -15.22 -27.62
CA VAL E 16 25.41 -14.42 -26.49
C VAL E 16 24.81 -13.11 -26.96
N LYS E 17 23.94 -12.53 -26.14
CA LYS E 17 23.40 -11.19 -26.40
C LYS E 17 24.53 -10.17 -26.59
N ARG E 18 24.41 -9.32 -27.61
CA ARG E 18 25.42 -8.31 -27.92
C ARG E 18 25.68 -7.42 -26.70
N GLU E 19 24.60 -6.95 -26.09
CA GLU E 19 24.67 -6.18 -24.85
C GLU E 19 25.58 -6.84 -23.80
N HIS E 20 25.46 -8.15 -23.61
CA HIS E 20 26.24 -8.88 -22.61
C HIS E 20 27.72 -8.91 -22.98
N ALA E 21 28.01 -9.16 -24.26
CA ALA E 21 29.39 -9.20 -24.73
C ALA E 21 30.13 -7.86 -24.59
N LEU E 22 29.40 -6.75 -24.67
CA LEU E 22 30.01 -5.43 -24.53
C LEU E 22 30.36 -5.05 -23.07
N THR E 23 30.12 -5.95 -22.12
CA THR E 23 30.79 -5.88 -20.83
C THR E 23 32.30 -5.67 -21.03
N SER E 24 32.86 -6.35 -22.04
CA SER E 24 34.30 -6.25 -22.37
C SER E 24 34.58 -5.18 -23.39
N GLY E 25 35.33 -4.15 -22.99
CA GLY E 25 35.83 -3.15 -23.91
C GLY E 25 36.74 -3.72 -25.00
N THR E 26 37.48 -4.77 -24.67
CA THR E 26 38.29 -5.45 -25.67
C THR E 26 37.43 -6.08 -26.78
N ILE E 27 36.36 -6.78 -26.39
CA ILE E 27 35.46 -7.40 -27.36
C ILE E 27 34.81 -6.35 -28.25
N LYS E 28 34.37 -5.26 -27.64
CA LYS E 28 33.78 -4.12 -28.34
C LYS E 28 34.66 -3.61 -29.50
N ALA E 29 35.96 -3.48 -29.24
CA ALA E 29 36.92 -3.03 -30.24
C ALA E 29 37.14 -4.07 -31.32
N MET E 30 37.09 -5.34 -30.94
CA MET E 30 37.19 -6.43 -31.92
C MET E 30 35.95 -6.55 -32.82
N LEU E 31 34.81 -6.02 -32.38
CA LEU E 31 33.57 -6.02 -33.19
C LEU E 31 33.52 -4.91 -34.25
N SER E 32 34.18 -3.77 -33.99
CA SER E 32 34.28 -2.68 -34.97
C SER E 32 35.66 -2.05 -34.88
N GLY E 33 36.56 -2.43 -35.79
CA GLY E 33 37.94 -1.92 -35.77
C GLY E 33 38.67 -2.07 -37.09
N ASN E 40 37.57 -13.10 -39.17
CA ASN E 40 36.38 -12.91 -38.36
C ASN E 40 35.25 -12.25 -39.18
N GLU E 41 34.17 -13.00 -39.41
CA GLU E 41 32.96 -12.47 -40.08
C GLU E 41 32.26 -11.41 -39.22
N THR E 42 31.23 -10.78 -39.77
CA THR E 42 30.49 -9.75 -39.03
C THR E 42 29.85 -10.38 -37.80
N ASN E 43 29.97 -9.71 -36.66
CA ASN E 43 29.40 -10.19 -35.39
C ASN E 43 30.02 -11.49 -34.87
N GLU E 44 31.20 -11.85 -35.34
CA GLU E 44 31.94 -13.02 -34.84
C GLU E 44 33.34 -12.60 -34.38
N VAL E 45 33.82 -13.21 -33.29
CA VAL E 45 35.17 -12.95 -32.80
C VAL E 45 35.84 -14.27 -32.44
N ASN E 46 37.06 -14.47 -32.94
CA ASN E 46 37.84 -15.68 -32.67
C ASN E 46 38.92 -15.41 -31.62
N PHE E 47 39.03 -16.31 -30.65
CA PHE E 47 40.03 -16.19 -29.58
C PHE E 47 40.99 -17.37 -29.66
N ARG E 48 42.19 -17.12 -30.17
CA ARG E 48 43.18 -18.18 -30.41
C ARG E 48 43.80 -18.71 -29.13
N GLU E 49 43.69 -17.96 -28.05
CA GLU E 49 44.33 -18.32 -26.77
C GLU E 49 43.39 -18.81 -25.68
N ILE E 50 42.08 -18.64 -25.87
CA ILE E 50 41.10 -19.00 -24.85
C ILE E 50 40.34 -20.27 -25.25
N PRO E 51 40.53 -21.37 -24.50
CA PRO E 51 39.80 -22.59 -24.82
C PRO E 51 38.37 -22.59 -24.26
N SER E 52 37.57 -23.57 -24.69
CA SER E 52 36.13 -23.61 -24.39
C SER E 52 35.80 -23.77 -22.92
N HIS E 53 36.66 -24.43 -22.15
CA HIS E 53 36.41 -24.60 -20.73
C HIS E 53 36.60 -23.29 -19.95
N VAL E 54 37.28 -22.32 -20.56
CA VAL E 54 37.45 -20.98 -20.01
C VAL E 54 36.43 -19.98 -20.55
N LEU E 55 36.25 -19.98 -21.87
CA LEU E 55 35.32 -19.04 -22.51
C LEU E 55 33.85 -19.28 -22.12
N SER E 56 33.46 -20.54 -21.91
CA SER E 56 32.12 -20.83 -21.42
C SER E 56 31.87 -20.16 -20.05
N LYS E 57 32.88 -20.19 -19.19
CA LYS E 57 32.81 -19.49 -17.90
C LYS E 57 32.71 -17.99 -18.05
N VAL E 58 33.41 -17.43 -19.05
CA VAL E 58 33.35 -16.00 -19.30
C VAL E 58 31.93 -15.59 -19.65
N CYS E 59 31.28 -16.35 -20.54
CA CYS E 59 29.89 -16.10 -20.90
C CYS E 59 28.93 -16.20 -19.71
N MET E 60 29.18 -17.14 -18.80
CA MET E 60 28.35 -17.25 -17.60
C MET E 60 28.51 -16.02 -16.69
N TYR E 61 29.74 -15.50 -16.57
CA TYR E 61 29.97 -14.24 -15.85
C TYR E 61 29.15 -13.10 -16.44
N PHE E 62 29.13 -12.97 -17.76
CA PHE E 62 28.34 -11.89 -18.36
C PHE E 62 26.90 -11.97 -17.88
N THR E 63 26.32 -13.17 -17.97
CA THR E 63 24.93 -13.39 -17.55
C THR E 63 24.74 -12.99 -16.08
N TYR E 64 25.67 -13.42 -15.23
CA TYR E 64 25.66 -13.14 -13.79
C TYR E 64 25.73 -11.63 -13.49
N LYS E 65 26.69 -10.96 -14.12
CA LYS E 65 26.86 -9.51 -13.95
C LYS E 65 25.59 -8.73 -14.31
N VAL E 66 25.09 -8.98 -15.51
CA VAL E 66 23.92 -8.25 -16.02
C VAL E 66 22.69 -8.50 -15.15
N ARG E 67 22.56 -9.73 -14.64
CA ARG E 67 21.44 -10.08 -13.79
C ARG E 67 21.52 -9.43 -12.42
N TYR E 68 22.70 -9.37 -11.83
CA TYR E 68 22.83 -8.97 -10.44
C TYR E 68 23.31 -7.54 -10.18
N THR E 69 23.75 -6.82 -11.20
CA THR E 69 24.26 -5.44 -11.00
C THR E 69 23.12 -4.49 -10.68
N ASN E 70 23.30 -3.67 -9.65
CA ASN E 70 22.25 -2.78 -9.13
C ASN E 70 20.96 -3.53 -8.84
N SER E 71 21.06 -4.51 -7.95
CA SER E 71 19.96 -5.41 -7.66
C SER E 71 19.61 -5.36 -6.17
N SER E 72 18.33 -5.50 -5.87
CA SER E 72 17.84 -5.53 -4.49
C SER E 72 18.16 -6.88 -3.83
N THR E 73 17.85 -7.97 -4.55
CA THR E 73 18.02 -9.34 -4.03
C THR E 73 19.43 -9.65 -3.52
N GLU E 74 19.52 -10.72 -2.73
CA GLU E 74 20.80 -11.22 -2.24
C GLU E 74 21.62 -11.78 -3.40
N ILE E 75 22.93 -11.54 -3.35
CA ILE E 75 23.83 -11.90 -4.44
C ILE E 75 24.58 -13.19 -4.08
N PRO E 76 24.54 -14.19 -4.97
CA PRO E 76 25.36 -15.38 -4.72
C PRO E 76 26.79 -15.20 -5.21
N GLU E 77 27.68 -16.01 -4.67
CA GLU E 77 29.09 -15.98 -5.02
C GLU E 77 29.24 -16.48 -6.46
N PHE E 78 30.08 -15.84 -7.27
CA PHE E 78 30.41 -16.41 -8.58
C PHE E 78 31.44 -17.54 -8.40
N PRO E 79 31.08 -18.77 -8.82
CA PRO E 79 31.94 -19.93 -8.56
C PRO E 79 33.07 -20.11 -9.57
N ILE E 80 34.26 -20.47 -9.11
CA ILE E 80 35.41 -20.73 -9.98
C ILE E 80 36.20 -21.95 -9.49
N ALA E 81 36.17 -23.05 -10.24
CA ALA E 81 36.92 -24.24 -9.87
C ALA E 81 38.42 -23.96 -9.84
N PRO E 82 39.12 -24.49 -8.82
CA PRO E 82 40.57 -24.28 -8.74
C PRO E 82 41.31 -24.53 -10.05
N GLU E 83 40.90 -25.56 -10.78
CA GLU E 83 41.62 -26.01 -11.97
C GLU E 83 41.59 -25.04 -13.16
N ILE E 84 40.60 -24.14 -13.20
CA ILE E 84 40.48 -23.17 -14.31
C ILE E 84 40.85 -21.74 -13.92
N ALA E 85 41.18 -21.54 -12.65
CA ALA E 85 41.37 -20.21 -12.08
C ALA E 85 42.45 -19.39 -12.79
N LEU E 86 43.59 -20.01 -13.04
CA LEU E 86 44.72 -19.29 -13.64
C LEU E 86 44.40 -18.81 -15.05
N GLU E 87 43.92 -19.71 -15.88
CA GLU E 87 43.57 -19.35 -17.24
C GLU E 87 42.46 -18.32 -17.27
N LEU E 88 41.49 -18.44 -16.37
CA LEU E 88 40.38 -17.51 -16.34
C LEU E 88 40.89 -16.12 -15.95
N LEU E 89 41.87 -16.09 -15.05
CA LEU E 89 42.52 -14.83 -14.65
C LEU E 89 43.15 -14.15 -15.86
N MET E 90 43.88 -14.94 -16.65
CA MET E 90 44.54 -14.40 -17.84
C MET E 90 43.53 -13.85 -18.84
N ALA E 91 42.44 -14.57 -19.07
CA ALA E 91 41.40 -14.11 -19.99
C ALA E 91 40.74 -12.81 -19.51
N ALA E 92 40.46 -12.71 -18.21
CA ALA E 92 39.82 -11.53 -17.66
C ALA E 92 40.72 -10.30 -17.80
N ASN E 93 42.03 -10.50 -17.63
CA ASN E 93 43.01 -9.42 -17.84
C ASN E 93 42.99 -8.94 -19.29
N PHE E 94 42.98 -9.86 -20.25
CA PHE E 94 42.96 -9.53 -21.68
C PHE E 94 41.67 -8.84 -22.10
N LEU E 95 40.54 -9.34 -21.59
CA LEU E 95 39.21 -8.78 -21.91
C LEU E 95 38.81 -7.54 -21.05
N ASP E 96 39.60 -7.25 -20.01
CA ASP E 96 39.33 -6.12 -19.11
C ASP E 96 37.94 -6.18 -18.49
N CYS E 97 37.57 -7.32 -17.91
CA CYS E 97 36.23 -7.49 -17.33
C CYS E 97 36.25 -8.12 -15.93
N VAL F 11 39.80 13.57 6.93
CA VAL F 11 38.55 13.88 6.16
C VAL F 11 37.41 12.94 6.55
N LEU F 12 37.60 11.64 6.32
CA LEU F 12 36.62 10.62 6.72
C LEU F 12 36.79 10.24 8.18
N ARG F 13 35.84 10.68 9.00
CA ARG F 13 35.85 10.44 10.45
C ARG F 13 34.41 10.44 10.97
N SER F 14 34.17 9.80 12.11
CA SER F 14 32.86 9.85 12.74
C SER F 14 32.65 11.21 13.38
N VAL F 15 31.40 11.68 13.39
CA VAL F 15 31.05 12.90 14.12
C VAL F 15 30.62 12.52 15.53
N ASN F 16 31.11 13.25 16.53
CA ASN F 16 30.80 12.96 17.92
C ASN F 16 29.44 13.57 18.31
N SER F 17 28.37 13.02 17.75
CA SER F 17 27.03 13.61 17.86
C SER F 17 26.35 13.32 19.20
N ARG F 18 26.63 12.16 19.78
CA ARG F 18 26.01 11.73 21.04
C ARG F 18 24.48 11.56 20.89
N GLU F 19 24.03 11.23 19.67
CA GLU F 19 22.60 11.10 19.37
C GLU F 19 22.28 9.64 19.03
N PRO F 20 21.76 8.86 20.00
CA PRO F 20 21.56 7.42 19.80
C PRO F 20 20.81 7.03 18.52
N SER F 21 21.25 5.94 17.90
CA SER F 21 20.60 5.38 16.72
C SER F 21 20.85 3.88 16.72
N GLN F 22 19.77 3.10 16.66
CA GLN F 22 19.86 1.63 16.70
C GLN F 22 19.88 1.05 15.30
N VAL F 23 20.65 -0.02 15.14
CA VAL F 23 20.92 -0.59 13.82
C VAL F 23 20.90 -2.11 13.89
N ILE F 24 20.34 -2.73 12.86
CA ILE F 24 20.49 -4.16 12.64
C ILE F 24 21.55 -4.37 11.56
N PHE F 25 22.66 -5.00 11.94
CA PHE F 25 23.65 -5.45 10.98
C PHE F 25 23.19 -6.82 10.51
N ASN F 27 24.00 -9.75 7.89
CA ASN F 27 24.95 -10.35 6.95
C ASN F 27 24.27 -11.23 5.91
N ARG F 28 23.92 -10.65 4.76
CA ARG F 28 23.35 -11.41 3.63
C ARG F 28 24.43 -11.85 2.62
N SER F 29 25.54 -12.36 3.14
CA SER F 29 26.67 -12.76 2.32
C SER F 29 27.17 -14.12 2.80
N PRO F 30 27.99 -14.79 1.98
CA PRO F 30 28.57 -16.07 2.38
C PRO F 30 29.88 -15.94 3.16
N ARG F 31 30.34 -14.71 3.38
CA ARG F 31 31.60 -14.46 4.06
C ARG F 31 31.41 -14.24 5.57
N VAL F 32 32.47 -14.47 6.33
CA VAL F 32 32.55 -14.01 7.72
C VAL F 32 32.80 -12.51 7.66
N VAL F 33 31.92 -11.71 8.23
CA VAL F 33 31.98 -10.25 8.12
C VAL F 33 32.70 -9.58 9.32
N LEU F 34 33.62 -8.67 9.00
CA LEU F 34 34.25 -7.77 9.98
C LEU F 34 33.66 -6.36 9.82
N PRO F 35 32.88 -5.90 10.82
CA PRO F 35 32.46 -4.49 10.81
C PRO F 35 33.62 -3.60 11.23
N VAL F 36 33.75 -2.43 10.61
CA VAL F 36 34.80 -1.47 10.92
C VAL F 36 34.22 -0.07 11.13
N TRP F 37 34.43 0.49 12.32
CA TRP F 37 33.98 1.85 12.68
C TRP F 37 35.15 2.82 12.57
N LEU F 38 34.95 3.91 11.85
CA LEU F 38 35.96 4.96 11.77
C LEU F 38 35.81 5.92 12.96
N ASN F 39 36.82 5.98 13.81
CA ASN F 39 36.73 6.79 15.03
C ASN F 39 36.89 8.29 14.75
N PHE F 40 36.95 9.09 15.82
CA PHE F 40 36.88 10.55 15.67
C PHE F 40 38.13 11.14 14.99
N ASP F 41 39.28 10.47 15.16
CA ASP F 41 40.52 10.78 14.43
C ASP F 41 40.60 10.14 13.04
N GLY F 42 39.63 9.30 12.68
CA GLY F 42 39.63 8.63 11.38
C GLY F 42 40.39 7.31 11.32
N GLU F 43 40.75 6.76 12.48
CA GLU F 43 41.39 5.44 12.55
C GLU F 43 40.36 4.32 12.47
N PRO F 44 40.61 3.29 11.63
CA PRO F 44 39.68 2.17 11.60
C PRO F 44 39.73 1.38 12.91
N GLN F 45 38.55 1.14 13.50
CA GLN F 45 38.46 0.29 14.69
C GLN F 45 37.59 -0.93 14.38
N PRO F 46 38.17 -2.14 14.49
CA PRO F 46 37.41 -3.35 14.18
C PRO F 46 36.48 -3.74 15.33
N TYR F 47 35.31 -4.29 14.97
CA TYR F 47 34.32 -4.80 15.94
C TYR F 47 34.14 -6.32 15.72
N PRO F 48 33.41 -7.02 16.64
CA PRO F 48 33.21 -8.48 16.54
C PRO F 48 32.64 -8.97 15.20
N THR F 49 33.04 -10.16 14.78
CA THR F 49 32.65 -10.66 13.45
C THR F 49 31.24 -11.25 13.44
N LEU F 50 30.60 -11.27 12.27
CA LEU F 50 29.31 -11.95 12.06
C LEU F 50 29.46 -13.13 11.11
N PRO F 51 29.08 -14.36 11.53
CA PRO F 51 29.08 -15.45 10.57
C PRO F 51 28.02 -15.26 9.46
N PRO F 52 28.16 -15.97 8.33
CA PRO F 52 27.23 -15.88 7.21
C PRO F 52 25.77 -16.05 7.60
N GLY F 53 24.91 -15.18 7.07
CA GLY F 53 23.47 -15.31 7.24
C GLY F 53 22.96 -15.02 8.64
N THR F 54 23.76 -14.33 9.45
CA THR F 54 23.38 -13.98 10.82
C THR F 54 23.20 -12.48 10.98
N GLY F 55 22.53 -12.10 12.07
CA GLY F 55 22.19 -10.71 12.36
C GLY F 55 22.41 -10.32 13.81
N ARG F 56 22.55 -9.01 14.05
CA ARG F 56 22.81 -8.47 15.39
C ARG F 56 22.19 -7.07 15.50
N ARG F 57 21.45 -6.84 16.59
CA ARG F 57 20.95 -5.51 16.93
C ARG F 57 22.03 -4.79 17.74
N ILE F 58 22.46 -3.61 17.26
CA ILE F 58 23.58 -2.88 17.88
C ILE F 58 23.25 -1.40 18.16
N HIS F 59 23.95 -0.84 19.16
CA HIS F 59 23.82 0.57 19.55
C HIS F 59 24.94 1.41 18.94
N SER F 60 24.56 2.37 18.10
CA SER F 60 25.51 3.30 17.47
C SER F 60 24.95 4.71 17.62
N TYR F 61 25.44 5.65 16.80
CA TYR F 61 25.03 7.06 16.89
C TYR F 61 24.95 7.72 15.53
N ARG F 62 24.25 8.85 15.47
CA ARG F 62 24.06 9.57 14.20
C ARG F 62 25.36 10.19 13.75
N GLY F 63 25.60 10.20 12.44
CA GLY F 63 26.83 10.76 11.86
C GLY F 63 28.09 9.93 12.04
N HIS F 64 27.93 8.68 12.52
CA HIS F 64 29.05 7.75 12.67
C HIS F 64 29.22 6.90 11.39
N LEU F 65 30.48 6.72 10.96
CA LEU F 65 30.79 6.01 9.71
C LEU F 65 31.21 4.55 9.95
N TRP F 66 30.66 3.66 9.11
CA TRP F 66 30.95 2.21 9.17
C TRP F 66 31.24 1.66 7.76
N LEU F 67 32.13 0.67 7.68
CA LEU F 67 32.24 -0.15 6.47
C LEU F 67 32.48 -1.61 6.84
N PHE F 68 32.41 -2.51 5.87
CA PHE F 68 32.38 -3.95 6.15
C PHE F 68 33.27 -4.74 5.20
N ARG F 69 33.96 -5.74 5.74
CA ARG F 69 34.91 -6.55 4.97
C ARG F 69 34.81 -8.03 5.31
N ASP F 70 35.34 -8.85 4.41
CA ASP F 70 35.59 -10.26 4.70
C ASP F 70 36.66 -10.31 5.79
N ALA F 71 36.37 -10.99 6.88
CA ALA F 71 37.28 -10.97 8.04
C ALA F 71 38.60 -11.71 7.80
N GLY F 72 38.62 -12.70 6.91
CA GLY F 72 39.84 -13.45 6.61
C GLY F 72 40.74 -12.82 5.54
N THR F 73 40.13 -12.20 4.55
CA THR F 73 40.84 -11.69 3.38
C THR F 73 40.78 -10.18 3.22
N HIS F 74 39.87 -9.52 3.93
CA HIS F 74 39.63 -8.07 3.78
C HIS F 74 39.04 -7.65 2.43
N ASP F 75 38.55 -8.60 1.62
CA ASP F 75 37.77 -8.25 0.43
C ASP F 75 36.66 -7.25 0.80
N GLY F 76 36.38 -6.31 -0.09
CA GLY F 76 35.33 -5.32 0.12
C GLY F 76 33.92 -5.88 0.05
N LEU F 77 33.04 -5.35 0.89
CA LEU F 77 31.61 -5.69 0.87
C LEU F 77 30.77 -4.41 0.76
N LEU F 78 29.52 -4.58 0.33
CA LEU F 78 28.58 -3.48 0.25
C LEU F 78 27.65 -3.48 1.48
N VAL F 79 27.13 -2.29 1.79
CA VAL F 79 26.13 -2.10 2.82
C VAL F 79 25.07 -1.14 2.23
N ASN F 80 23.84 -1.64 2.12
CA ASN F 80 22.76 -0.96 1.41
C ASN F 80 23.18 -0.45 0.04
N GLN F 81 23.81 -1.33 -0.73
CA GLN F 81 24.21 -1.06 -2.11
C GLN F 81 25.36 -0.07 -2.26
N THR F 82 26.05 0.28 -1.18
CA THR F 82 27.19 1.21 -1.28
C THR F 82 28.30 0.86 -0.28
N GLU F 83 29.32 1.70 -0.20
CA GLU F 83 30.53 1.39 0.59
C GLU F 83 30.46 1.83 2.04
N LEU F 84 29.93 3.03 2.29
CA LEU F 84 29.85 3.56 3.65
C LEU F 84 28.43 3.50 4.17
N PHE F 85 28.29 3.25 5.47
CA PHE F 85 27.01 3.26 6.14
C PHE F 85 26.98 4.28 7.27
N VAL F 86 25.99 5.17 7.23
CA VAL F 86 25.81 6.21 8.24
C VAL F 86 24.42 6.08 8.89
N PRO F 87 24.37 5.67 10.18
CA PRO F 87 23.06 5.57 10.85
C PRO F 87 22.30 6.90 10.82
N SER F 88 21.02 6.83 10.44
CA SER F 88 20.14 8.00 10.38
C SER F 88 19.08 7.93 11.50
N LEU F 89 18.18 8.92 11.53
CA LEU F 89 17.12 9.00 12.53
C LEU F 89 16.21 7.77 12.54
N ASN F 90 15.95 7.23 13.73
CA ASN F 90 14.98 6.14 13.93
C ASN F 90 13.55 6.68 14.05
N VAL F 91 12.72 6.39 13.06
CA VAL F 91 11.32 6.84 13.06
C VAL F 91 10.46 5.87 13.89
N ASP F 92 9.78 6.43 14.88
CA ASP F 92 8.90 5.67 15.79
C ASP F 92 9.60 4.49 16.48
N GLY F 93 10.88 4.66 16.78
CA GLY F 93 11.67 3.64 17.47
C GLY F 93 12.24 2.54 16.60
N GLN F 94 11.87 2.51 15.32
CA GLN F 94 12.29 1.42 14.42
C GLN F 94 13.78 1.55 14.08
N PRO F 95 14.54 0.44 14.23
CA PRO F 95 15.97 0.48 13.91
C PRO F 95 16.24 0.57 12.42
N ILE F 96 17.39 1.14 12.06
CA ILE F 96 17.80 1.19 10.65
C ILE F 96 18.35 -0.17 10.28
N PHE F 97 18.09 -0.60 9.06
CA PHE F 97 18.59 -1.88 8.58
C PHE F 97 19.84 -1.66 7.74
N ALA F 98 20.97 -2.21 8.19
CA ALA F 98 22.20 -2.26 7.40
C ALA F 98 22.36 -3.64 6.71
N ASN F 99 22.06 -3.68 5.41
CA ASN F 99 22.11 -4.92 4.61
C ASN F 99 23.45 -5.17 3.94
N ILE F 100 24.20 -6.11 4.49
CA ILE F 100 25.57 -6.39 4.07
C ILE F 100 25.58 -7.51 3.04
N THR F 101 26.11 -7.21 1.84
CA THR F 101 26.10 -8.16 0.72
C THR F 101 27.43 -8.19 -0.04
N LEU F 102 27.61 -9.23 -0.86
CA LEU F 102 28.72 -9.24 -1.80
C LEU F 102 28.42 -8.18 -2.85
N PRO F 103 29.44 -7.45 -3.30
CA PRO F 103 29.27 -6.72 -4.56
C PRO F 103 29.32 -7.69 -5.73
N VAL F 104 28.98 -7.20 -6.91
CA VAL F 104 29.32 -7.90 -8.14
C VAL F 104 30.78 -7.56 -8.47
N TYR F 105 31.69 -8.41 -8.02
CA TYR F 105 33.11 -8.22 -8.33
C TYR F 105 33.32 -8.32 -9.83
N THR F 106 34.40 -7.70 -10.33
CA THR F 106 34.85 -7.94 -11.70
C THR F 106 35.34 -9.38 -11.73
N LEU F 107 35.36 -9.96 -12.93
CA LEU F 107 35.87 -11.32 -13.09
C LEU F 107 37.35 -11.35 -12.69
N LYS F 108 38.10 -10.32 -13.08
CA LYS F 108 39.52 -10.26 -12.73
C LYS F 108 39.73 -10.33 -11.22
N GLU F 109 39.03 -9.47 -10.49
CA GLU F 109 39.20 -9.45 -9.04
C GLU F 109 38.73 -10.74 -8.39
N ARG F 110 37.68 -11.35 -8.94
CA ARG F 110 37.18 -12.60 -8.38
C ARG F 110 38.19 -13.71 -8.61
N CYS F 111 38.82 -13.72 -9.79
CA CYS F 111 39.89 -14.68 -10.06
C CYS F 111 41.07 -14.49 -9.11
N LEU F 112 41.45 -13.24 -8.85
CA LEU F 112 42.53 -12.94 -7.90
C LEU F 112 42.23 -13.51 -6.51
N GLN F 113 41.00 -13.33 -6.02
CA GLN F 113 40.60 -13.89 -4.72
C GLN F 113 40.80 -15.40 -4.64
N VAL F 114 40.42 -16.10 -5.69
CA VAL F 114 40.52 -17.56 -5.73
C VAL F 114 41.97 -18.03 -5.81
N VAL F 115 42.79 -17.32 -6.59
CA VAL F 115 44.23 -17.65 -6.65
C VAL F 115 44.91 -17.35 -5.31
N ARG F 116 44.59 -16.21 -4.70
CA ARG F 116 45.12 -15.88 -3.37
C ARG F 116 44.75 -16.94 -2.30
N SER F 117 43.54 -17.50 -2.39
CA SER F 117 43.11 -18.53 -1.43
C SER F 117 43.79 -19.90 -1.64
N LEU F 118 44.45 -20.10 -2.78
CA LEU F 118 45.10 -21.37 -3.07
C LEU F 118 46.62 -21.34 -2.96
N VAL F 119 47.23 -20.21 -3.32
CA VAL F 119 48.69 -20.09 -3.37
C VAL F 119 49.16 -19.20 -2.22
N LYS F 120 50.15 -19.66 -1.48
CA LYS F 120 50.76 -18.87 -0.40
C LYS F 120 51.52 -17.69 -1.00
N PRO F 121 51.52 -16.54 -0.32
CA PRO F 121 52.19 -15.34 -0.87
C PRO F 121 53.63 -15.56 -1.35
N GLU F 122 54.38 -16.45 -0.70
CA GLU F 122 55.77 -16.72 -1.07
C GLU F 122 55.89 -17.38 -2.44
N ASN F 123 54.80 -17.96 -2.94
CA ASN F 123 54.83 -18.67 -4.22
C ASN F 123 54.17 -17.96 -5.39
N TYR F 124 53.58 -16.78 -5.18
CA TYR F 124 52.96 -16.04 -6.29
C TYR F 124 53.94 -15.91 -7.45
N ARG F 125 55.21 -15.66 -7.12
CA ARG F 125 56.24 -15.46 -8.13
C ARG F 125 56.50 -16.69 -9.01
N ARG F 126 56.20 -17.90 -8.51
CA ARG F 126 56.41 -19.12 -9.31
C ARG F 126 55.31 -19.38 -10.33
N LEU F 127 54.23 -18.60 -10.28
CA LEU F 127 53.12 -18.78 -11.22
C LEU F 127 53.51 -18.26 -12.61
N ASP F 128 53.23 -19.05 -13.64
CA ASP F 128 53.58 -18.69 -15.00
C ASP F 128 52.55 -17.69 -15.56
N ILE F 129 52.73 -16.42 -15.18
CA ILE F 129 51.85 -15.32 -15.57
C ILE F 129 52.70 -14.04 -15.72
N VAL F 130 52.16 -13.04 -16.41
CA VAL F 130 52.88 -11.77 -16.62
C VAL F 130 53.12 -11.01 -15.32
N ARG F 131 54.22 -10.29 -15.28
CA ARG F 131 54.65 -9.53 -14.10
C ARG F 131 53.52 -8.70 -13.47
N SER F 132 52.72 -8.04 -14.29
CA SER F 132 51.67 -7.16 -13.75
C SER F 132 50.64 -7.94 -12.94
N LEU F 133 50.36 -9.19 -13.33
CA LEU F 133 49.43 -10.03 -12.55
C LEU F 133 50.04 -10.48 -11.23
N TYR F 134 51.36 -10.62 -11.19
CA TYR F 134 52.04 -10.86 -9.92
C TYR F 134 51.85 -9.68 -8.98
N GLU F 135 51.95 -8.45 -9.50
CA GLU F 135 51.70 -7.24 -8.69
C GLU F 135 50.24 -7.14 -8.25
N ASP F 136 49.30 -7.47 -9.14
CA ASP F 136 47.90 -7.42 -8.77
C ASP F 136 47.60 -8.40 -7.63
N LEU F 137 48.20 -9.59 -7.66
CA LEU F 137 48.00 -10.56 -6.57
C LEU F 137 48.54 -10.04 -5.22
N GLU F 138 49.72 -9.42 -5.26
CA GLU F 138 50.42 -9.00 -4.06
C GLU F 138 49.77 -7.78 -3.42
N ASP F 139 49.18 -6.91 -4.23
CA ASP F 139 48.52 -5.72 -3.73
C ASP F 139 47.11 -6.07 -3.28
N HIS F 140 47.01 -6.82 -2.19
CA HIS F 140 45.71 -7.37 -1.77
C HIS F 140 44.86 -6.32 -1.04
N PRO F 141 43.53 -6.53 -1.02
CA PRO F 141 42.62 -5.60 -0.35
C PRO F 141 43.07 -5.20 1.04
N ASN F 142 42.78 -3.97 1.39
CA ASN F 142 43.29 -3.37 2.62
C ASN F 142 42.47 -2.12 2.89
N VAL F 143 42.08 -1.92 4.14
CA VAL F 143 41.21 -0.81 4.50
C VAL F 143 41.88 0.55 4.33
N GLN F 144 43.09 0.71 4.86
CA GLN F 144 43.83 1.97 4.74
C GLN F 144 43.88 2.44 3.28
N LYS F 145 44.18 1.50 2.40
CA LYS F 145 44.23 1.72 0.95
C LYS F 145 42.93 2.33 0.42
N ASP F 146 41.79 1.78 0.82
CA ASP F 146 40.51 2.26 0.34
C ASP F 146 40.13 3.62 0.93
N LEU F 147 40.54 3.87 2.18
CA LEU F 147 40.27 5.16 2.82
C LEU F 147 40.99 6.32 2.10
N GLU F 148 42.20 6.05 1.61
CA GLU F 148 42.93 7.03 0.81
C GLU F 148 42.29 7.23 -0.57
N ARG F 149 41.68 6.18 -1.10
CA ARG F 149 40.99 6.24 -2.39
C ARG F 149 39.64 6.95 -2.27
N LEU F 150 38.92 6.70 -1.17
CA LEU F 150 37.62 7.35 -0.94
C LEU F 150 37.78 8.85 -0.64
N THR F 151 38.89 9.23 -0.03
CA THR F 151 39.20 10.63 0.21
C THR F 151 39.56 11.34 -1.10
N GLN F 152 40.53 10.78 -1.82
CA GLN F 152 40.99 11.34 -3.10
C GLN F 152 39.91 11.33 -4.21
N GLU F 153 38.83 10.58 -3.99
CA GLU F 153 37.66 10.63 -4.87
C GLU F 153 36.81 11.87 -4.57
N MET G 1 -14.38 -18.48 26.11
CA MET G 1 -13.13 -19.02 26.71
C MET G 1 -12.15 -19.41 25.61
N ASP G 2 -11.04 -18.69 25.51
CA ASP G 2 -10.06 -18.92 24.46
C ASP G 2 -9.18 -20.11 24.79
N VAL G 3 -8.73 -20.80 23.75
CA VAL G 3 -7.73 -21.86 23.90
C VAL G 3 -6.56 -21.60 22.95
N PHE G 4 -5.37 -22.02 23.35
CA PHE G 4 -4.16 -21.66 22.63
C PHE G 4 -3.42 -22.92 22.15
N LEU G 5 -3.11 -22.94 20.85
CA LEU G 5 -2.77 -24.17 20.15
C LEU G 5 -1.48 -24.13 19.34
N MET G 6 -0.82 -25.28 19.27
CA MET G 6 0.20 -25.56 18.27
C MET G 6 -0.37 -26.65 17.36
N ILE G 7 -0.44 -26.38 16.06
CA ILE G 7 -0.91 -27.38 15.08
C ILE G 7 0.31 -27.87 14.32
N ARG G 8 0.55 -29.17 14.36
CA ARG G 8 1.88 -29.70 14.03
C ARG G 8 1.88 -30.88 13.03
N ARG G 9 2.69 -30.72 11.99
CA ARG G 9 2.91 -31.76 11.00
C ARG G 9 4.38 -31.74 10.58
N HIS G 10 5.02 -32.90 10.66
CA HIS G 10 6.41 -33.07 10.21
C HIS G 10 7.25 -31.97 10.89
N LYS G 11 7.84 -31.04 10.12
CA LYS G 11 8.61 -29.93 10.65
C LYS G 11 7.86 -28.58 10.56
N THR G 12 6.53 -28.63 10.59
CA THR G 12 5.67 -27.44 10.49
C THR G 12 4.82 -27.29 11.76
N THR G 13 4.98 -26.16 12.46
CA THR G 13 4.21 -25.86 13.66
C THR G 13 3.48 -24.53 13.47
N ILE G 14 2.14 -24.56 13.49
CA ILE G 14 1.35 -23.32 13.44
C ILE G 14 0.95 -22.94 14.86
N PHE G 15 1.10 -21.67 15.21
CA PHE G 15 0.62 -21.11 16.46
C PHE G 15 -0.66 -20.32 16.18
N THR G 16 -1.75 -20.70 16.83
CA THR G 16 -2.97 -19.91 16.76
C THR G 16 -3.87 -20.24 17.95
N ASP G 17 -4.99 -19.51 18.03
CA ASP G 17 -5.97 -19.70 19.09
C ASP G 17 -7.37 -19.80 18.52
N ALA G 18 -8.30 -20.22 19.37
CA ALA G 18 -9.72 -20.39 19.02
C ALA G 18 -10.57 -20.48 20.30
N LYS G 19 -11.89 -20.52 20.12
CA LYS G 19 -12.82 -20.60 21.25
C LYS G 19 -13.07 -22.05 21.70
N GLU G 20 -13.38 -22.22 22.99
CA GLU G 20 -13.80 -23.53 23.51
C GLU G 20 -15.01 -24.08 22.74
N SER G 21 -15.89 -23.18 22.28
CA SER G 21 -17.13 -23.58 21.61
C SER G 21 -17.00 -23.78 20.09
N SER G 22 -15.84 -23.45 19.51
CA SER G 22 -15.61 -23.62 18.07
C SER G 22 -15.33 -25.08 17.72
N THR G 23 -15.58 -25.44 16.46
CA THR G 23 -15.53 -26.83 16.01
C THR G 23 -14.21 -27.24 15.37
N VAL G 24 -14.05 -28.54 15.22
CA VAL G 24 -12.88 -29.11 14.55
C VAL G 24 -12.82 -28.65 13.08
N PHE G 25 -13.99 -28.55 12.43
CA PHE G 25 -14.09 -28.10 11.04
C PHE G 25 -13.64 -26.63 10.88
N GLU G 26 -14.07 -25.77 11.80
CA GLU G 26 -13.67 -24.36 11.77
C GLU G 26 -12.16 -24.19 11.95
N LEU G 27 -11.56 -25.13 12.69
CA LEU G 27 -10.10 -25.18 12.83
C LEU G 27 -9.43 -25.65 11.52
N LYS G 28 -10.07 -26.58 10.82
CA LYS G 28 -9.61 -27.00 9.49
C LYS G 28 -9.63 -25.85 8.47
N ARG G 29 -10.63 -24.96 8.56
CA ARG G 29 -10.68 -23.77 7.71
C ARG G 29 -9.49 -22.83 7.93
N ILE G 30 -9.08 -22.69 9.18
CA ILE G 30 -7.93 -21.85 9.53
C ILE G 30 -6.65 -22.44 8.91
N VAL G 31 -6.49 -23.76 9.00
CA VAL G 31 -5.36 -24.45 8.38
C VAL G 31 -5.34 -24.22 6.86
N GLU G 32 -6.51 -24.24 6.23
CA GLU G 32 -6.62 -24.01 4.79
C GLU G 32 -6.15 -22.62 4.37
N GLY G 33 -6.52 -21.60 5.15
CA GLY G 33 -6.05 -20.23 4.92
C GLY G 33 -4.54 -20.14 4.92
N ILE G 34 -3.90 -20.92 5.79
CA ILE G 34 -2.45 -20.87 5.96
C ILE G 34 -1.69 -21.77 4.97
N LEU G 35 -2.02 -23.07 4.95
CA LEU G 35 -1.26 -24.05 4.18
C LEU G 35 -1.88 -24.44 2.84
N LYS G 36 -3.04 -23.86 2.52
CA LYS G 36 -3.68 -24.01 1.19
C LYS G 36 -4.11 -25.45 0.85
N ARG G 37 -4.67 -26.13 1.83
CA ARG G 37 -5.21 -27.48 1.63
C ARG G 37 -6.61 -27.52 2.24
N PRO G 38 -7.61 -27.97 1.46
CA PRO G 38 -9.00 -27.96 1.96
C PRO G 38 -9.27 -28.93 3.13
N PRO G 39 -10.36 -28.70 3.90
CA PRO G 39 -10.71 -29.55 5.05
C PRO G 39 -10.80 -31.05 4.77
N ASP G 40 -11.29 -31.42 3.59
CA ASP G 40 -11.45 -32.84 3.24
C ASP G 40 -10.12 -33.54 2.89
N GLU G 41 -9.01 -32.79 2.86
CA GLU G 41 -7.67 -33.38 2.71
C GLU G 41 -6.86 -33.35 4.01
N GLN G 42 -7.51 -33.02 5.13
CA GLN G 42 -6.86 -32.93 6.43
C GLN G 42 -7.49 -33.86 7.45
N ARG G 43 -6.65 -34.49 8.28
CA ARG G 43 -7.13 -35.16 9.50
C ARG G 43 -6.45 -34.49 10.71
N LEU G 44 -7.24 -34.16 11.73
CA LEU G 44 -6.71 -33.57 12.96
C LEU G 44 -6.83 -34.55 14.12
N TYR G 45 -5.80 -34.57 14.96
CA TYR G 45 -5.65 -35.56 16.02
C TYR G 45 -5.42 -34.88 17.37
N LYS G 46 -6.00 -35.46 18.43
CA LYS G 46 -5.57 -35.21 19.80
C LYS G 46 -4.81 -36.43 20.27
N ASP G 47 -3.49 -36.32 20.37
CA ASP G 47 -2.61 -37.48 20.49
C ASP G 47 -2.94 -38.43 19.31
N ASP G 48 -3.35 -39.67 19.59
CA ASP G 48 -3.68 -40.63 18.52
C ASP G 48 -5.17 -40.64 18.15
N GLN G 49 -6.00 -39.88 18.86
CA GLN G 49 -7.45 -39.89 18.61
C GLN G 49 -7.81 -38.97 17.45
N LEU G 50 -8.32 -39.54 16.37
CA LEU G 50 -8.87 -38.77 15.25
C LEU G 50 -10.08 -37.94 15.71
N LEU G 51 -10.04 -36.64 15.41
CA LEU G 51 -11.07 -35.71 15.84
C LEU G 51 -12.19 -35.63 14.81
N ASP G 52 -13.44 -35.65 15.28
CA ASP G 52 -14.62 -35.58 14.40
C ASP G 52 -14.98 -34.11 14.13
N ASP G 53 -15.30 -33.79 12.87
CA ASP G 53 -15.59 -32.41 12.44
C ASP G 53 -16.67 -31.68 13.26
N GLY G 54 -17.78 -32.36 13.56
CA GLY G 54 -18.92 -31.74 14.24
C GLY G 54 -18.76 -31.45 15.74
N LYS G 55 -17.68 -31.91 16.35
CA LYS G 55 -17.44 -31.71 17.78
C LYS G 55 -16.71 -30.41 18.07
N THR G 56 -16.99 -29.83 19.25
CA THR G 56 -16.31 -28.62 19.69
C THR G 56 -14.96 -28.98 20.30
N LEU G 57 -14.06 -27.99 20.35
CA LEU G 57 -12.75 -28.18 20.96
C LEU G 57 -12.87 -28.50 22.45
N GLY G 58 -13.85 -27.88 23.12
CA GLY G 58 -14.10 -28.13 24.55
C GLY G 58 -14.50 -29.57 24.86
N GLU G 59 -15.37 -30.14 24.03
CA GLU G 59 -15.75 -31.55 24.14
C GLU G 59 -14.55 -32.48 24.04
N GLY G 61 -11.67 -31.87 24.96
CA GLY G 61 -10.78 -31.71 26.11
C GLY G 61 -9.71 -30.64 25.97
N PHE G 62 -9.90 -29.72 25.03
CA PHE G 62 -9.06 -28.54 24.93
C PHE G 62 -9.72 -27.46 25.75
N THR G 63 -9.22 -27.23 26.97
CA THR G 63 -9.80 -26.25 27.89
C THR G 63 -8.83 -25.10 28.17
N SER G 64 -9.39 -23.98 28.61
CA SER G 64 -8.62 -22.75 28.81
C SER G 64 -7.49 -22.91 29.83
N GLN G 65 -7.69 -23.77 30.82
CA GLN G 65 -6.65 -24.00 31.83
C GLN G 65 -5.57 -25.01 31.41
N THR G 66 -5.76 -25.74 30.31
CA THR G 66 -4.70 -26.64 29.80
C THR G 66 -4.08 -26.16 28.49
N ALA G 67 -4.86 -25.47 27.65
CA ALA G 67 -4.33 -24.90 26.41
C ALA G 67 -3.99 -23.42 26.61
N ARG G 68 -2.90 -23.16 27.33
CA ARG G 68 -2.56 -21.81 27.79
C ARG G 68 -1.64 -21.07 26.80
N PRO G 69 -1.74 -19.73 26.75
CA PRO G 69 -0.88 -18.94 25.85
C PRO G 69 0.63 -19.24 26.00
N GLN G 70 1.09 -19.34 27.24
CA GLN G 70 2.51 -19.62 27.50
C GLN G 70 2.87 -21.10 27.48
N ALA G 71 1.88 -21.97 27.29
CA ALA G 71 2.09 -23.43 27.15
C ALA G 71 0.94 -24.07 26.32
N PRO G 72 0.91 -23.80 25.01
CA PRO G 72 -0.25 -24.18 24.20
C PRO G 72 -0.34 -25.69 24.02
N ALA G 73 -1.54 -26.20 23.72
CA ALA G 73 -1.74 -27.62 23.50
C ALA G 73 -1.50 -27.98 22.04
N THR G 74 -1.15 -29.24 21.80
CA THR G 74 -0.77 -29.71 20.48
C THR G 74 -1.92 -30.43 19.76
N VAL G 75 -2.18 -30.02 18.52
CA VAL G 75 -3.06 -30.74 17.63
C VAL G 75 -2.20 -31.32 16.49
N GLY G 76 -2.31 -32.63 16.28
CA GLY G 76 -1.62 -33.31 15.16
C GLY G 76 -2.34 -33.07 13.84
N LEU G 77 -1.59 -33.07 12.73
CA LEU G 77 -2.14 -32.85 11.40
C LEU G 77 -1.51 -33.81 10.38
N ALA G 78 -2.36 -34.43 9.56
CA ALA G 78 -1.94 -35.28 8.44
C ALA G 78 -2.69 -34.89 7.15
N PHE G 79 -2.00 -34.91 6.01
CA PHE G 79 -2.59 -34.55 4.72
C PHE G 79 -2.92 -35.78 3.88
N ARG G 80 -3.95 -35.66 3.05
CA ARG G 80 -4.24 -36.66 2.03
C ARG G 80 -3.51 -36.26 0.76
N ALA G 81 -2.61 -37.12 0.29
CA ALA G 81 -1.85 -36.88 -0.92
C ALA G 81 -2.33 -37.89 -1.95
N ASP G 82 -2.81 -37.38 -3.08
CA ASP G 82 -3.36 -38.24 -4.13
C ASP G 82 -4.48 -39.14 -3.55
N ASP G 83 -4.37 -40.46 -3.66
CA ASP G 83 -5.49 -41.34 -3.27
C ASP G 83 -5.77 -41.42 -1.76
N THR G 84 -4.73 -41.44 -0.92
CA THR G 84 -4.88 -41.79 0.52
C THR G 84 -4.13 -40.89 1.49
N PHE G 85 -4.56 -40.89 2.75
CA PHE G 85 -3.91 -40.10 3.80
C PHE G 85 -2.57 -40.67 4.23
N GLU G 86 -1.61 -39.77 4.46
CA GLU G 86 -0.35 -40.12 5.10
C GLU G 86 -0.60 -40.39 6.58
N ALA G 87 0.32 -41.07 7.24
CA ALA G 87 0.24 -41.29 8.68
C ALA G 87 0.66 -40.02 9.45
N LEU G 88 0.25 -39.94 10.71
CA LEU G 88 0.56 -38.81 11.56
C LEU G 88 2.05 -38.87 11.93
N ILE G 90 5.10 -36.26 13.52
CA ILE G 90 5.53 -34.98 14.07
C ILE G 90 7.01 -35.06 14.48
N GLU G 91 7.86 -34.29 13.80
CA GLU G 91 9.30 -34.28 14.12
C GLU G 91 9.52 -33.51 15.41
N PRO G 92 10.30 -34.09 16.35
CA PRO G 92 10.55 -33.39 17.61
C PRO G 92 11.51 -32.21 17.44
N PHE G 93 11.39 -31.22 18.33
CA PHE G 93 12.36 -30.13 18.39
C PHE G 93 13.73 -30.68 18.83
N SER G 94 14.78 -29.92 18.56
CA SER G 94 16.13 -30.31 18.97
C SER G 94 16.25 -30.48 20.49
N SER G 95 17.24 -31.27 20.90
CA SER G 95 17.52 -31.49 22.32
C SER G 95 18.45 -30.42 22.88
N PRO G 96 18.19 -29.97 24.12
CA PRO G 96 19.14 -29.06 24.74
C PRO G 96 20.41 -29.81 25.15
N PRO G 97 21.53 -29.09 25.27
CA PRO G 97 22.75 -29.73 25.73
C PRO G 97 22.70 -30.03 27.23
N GLU G 98 23.72 -30.71 27.75
CA GLU G 98 23.86 -30.89 29.19
C GLU G 98 24.04 -29.52 29.84
N LEU G 99 23.41 -29.33 31.01
CA LEU G 99 23.65 -28.13 31.81
C LEU G 99 25.15 -28.02 32.08
N PRO G 100 25.71 -26.81 31.91
CA PRO G 100 27.11 -26.61 32.33
C PRO G 100 27.31 -26.98 33.81
N ASP G 101 28.55 -27.32 34.17
CA ASP G 101 28.88 -27.71 35.55
C ASP G 101 28.46 -26.67 36.59
N VAL G 102 28.52 -25.39 36.22
CA VAL G 102 28.13 -24.29 37.13
C VAL G 102 26.61 -24.13 37.37
N MET G 103 25.79 -24.92 36.69
CA MET G 103 24.32 -24.92 36.88
C MET G 103 23.85 -26.24 37.47
N MET H 1 -6.52 -13.20 8.13
CA MET H 1 -5.50 -12.32 8.77
C MET H 1 -4.10 -12.86 8.54
N MET H 2 -3.12 -11.96 8.51
CA MET H 2 -1.79 -12.31 8.04
C MET H 2 -0.99 -13.12 9.04
N TYR H 3 -0.22 -14.06 8.50
CA TYR H 3 0.73 -14.88 9.25
C TYR H 3 2.11 -14.68 8.63
N VAL H 4 3.14 -15.13 9.35
CA VAL H 4 4.53 -15.05 8.87
C VAL H 4 5.25 -16.33 9.28
N LYS H 5 6.36 -16.62 8.61
CA LYS H 5 7.09 -17.87 8.87
C LYS H 5 8.47 -17.61 9.47
N LEU H 6 8.75 -18.26 10.59
CA LEU H 6 10.04 -18.13 11.28
C LEU H 6 10.71 -19.50 11.31
N ILE H 7 11.93 -19.59 10.77
CA ILE H 7 12.59 -20.88 10.61
C ILE H 7 13.82 -21.03 11.51
N SER H 8 13.88 -22.11 12.26
CA SER H 8 15.01 -22.36 13.17
C SER H 8 16.25 -22.86 12.43
N SER H 9 17.37 -22.97 13.15
CA SER H 9 18.63 -23.43 12.57
C SER H 9 18.55 -24.87 12.10
N ASP H 10 17.80 -25.70 12.83
CA ASP H 10 17.59 -27.12 12.48
C ASP H 10 16.39 -27.36 11.55
N GLY H 11 15.89 -26.29 10.90
CA GLY H 11 14.91 -26.42 9.84
C GLY H 11 13.44 -26.53 10.23
N HIS H 12 13.10 -26.29 11.50
CA HIS H 12 11.70 -26.21 11.89
C HIS H 12 11.08 -24.90 11.44
N GLU H 13 9.86 -24.97 10.90
CA GLU H 13 9.14 -23.80 10.38
C GLU H 13 7.96 -23.44 11.26
N PHE H 14 8.04 -22.31 11.93
CA PHE H 14 7.02 -21.83 12.85
C PHE H 14 6.19 -20.73 12.19
N ILE H 15 4.87 -20.92 12.15
CA ILE H 15 3.96 -19.95 11.56
C ILE H 15 3.15 -19.29 12.67
N VAL H 16 3.21 -17.95 12.73
CA VAL H 16 2.56 -17.17 13.79
C VAL H 16 1.83 -15.98 13.17
N LYS H 17 0.87 -15.41 13.89
CA LYS H 17 0.18 -14.20 13.42
C LYS H 17 1.19 -13.06 13.29
N ARG H 18 1.07 -12.27 12.23
CA ARG H 18 1.96 -11.12 11.98
C ARG H 18 1.97 -10.17 13.19
N GLU H 19 0.79 -9.73 13.63
CA GLU H 19 0.66 -8.86 14.79
C GLU H 19 1.46 -9.35 16.00
N HIS H 20 1.41 -10.65 16.26
CA HIS H 20 2.15 -11.24 17.37
C HIS H 20 3.66 -11.15 17.16
N ALA H 21 4.11 -11.34 15.93
CA ALA H 21 5.52 -11.27 15.61
C ALA H 21 6.08 -9.85 15.63
N LEU H 22 5.22 -8.85 15.45
CA LEU H 22 5.65 -7.45 15.48
C LEU H 22 6.06 -6.98 16.90
N THR H 23 5.66 -7.75 17.92
CA THR H 23 6.18 -7.60 19.27
C THR H 23 7.71 -7.43 19.32
N SER H 24 8.42 -8.25 18.56
CA SER H 24 9.86 -8.07 18.38
C SER H 24 10.11 -6.90 17.44
N GLY H 25 10.80 -5.88 17.94
CA GLY H 25 11.24 -4.76 17.11
C GLY H 25 12.17 -5.22 16.00
N THR H 26 13.06 -6.15 16.33
CA THR H 26 13.99 -6.73 15.36
C THR H 26 13.23 -7.36 14.20
N ILE H 27 12.24 -8.20 14.53
CA ILE H 27 11.48 -8.89 13.50
C ILE H 27 10.68 -7.92 12.63
N LYS H 28 10.05 -6.93 13.26
CA LYS H 28 9.31 -5.92 12.50
C LYS H 28 10.19 -5.31 11.42
N ALA H 29 11.41 -4.96 11.80
CA ALA H 29 12.40 -4.42 10.87
C ALA H 29 12.79 -5.46 9.82
N MET H 30 13.00 -6.71 10.24
CA MET H 30 13.32 -7.80 9.30
C MET H 30 12.25 -8.01 8.23
N LEU H 31 11.00 -7.72 8.57
CA LEU H 31 9.89 -7.81 7.62
C LEU H 31 9.71 -6.54 6.78
N SER H 32 10.55 -5.54 7.00
CA SER H 32 10.55 -4.33 6.16
C SER H 32 11.87 -4.20 5.40
N GLY H 33 12.20 -5.22 4.62
CA GLY H 33 13.37 -5.20 3.74
C GLY H 33 14.67 -4.96 4.47
N THR H 42 9.59 -11.13 1.14
CA THR H 42 8.59 -12.13 1.48
C THR H 42 8.32 -12.14 2.99
N ASN H 43 7.40 -13.02 3.41
CA ASN H 43 6.98 -13.12 4.82
C ASN H 43 7.68 -14.25 5.58
N GLU H 44 8.96 -14.51 5.24
CA GLU H 44 9.76 -15.54 5.90
C GLU H 44 10.99 -14.92 6.54
N VAL H 45 11.50 -15.54 7.61
CA VAL H 45 12.75 -15.09 8.24
C VAL H 45 13.57 -16.29 8.70
N ASN H 46 14.82 -16.39 8.24
CA ASN H 46 15.73 -17.47 8.67
C ASN H 46 16.58 -17.09 9.87
N PHE H 47 16.56 -17.93 10.91
CA PHE H 47 17.43 -17.76 12.07
C PHE H 47 18.46 -18.89 12.11
N ARG H 48 19.58 -18.70 11.41
CA ARG H 48 20.63 -19.73 11.31
C ARG H 48 21.32 -20.11 12.63
N GLU H 49 21.19 -19.27 13.67
CA GLU H 49 21.78 -19.55 14.99
C GLU H 49 20.77 -19.87 16.09
N ILE H 50 19.49 -19.97 15.77
CA ILE H 50 18.50 -20.23 16.81
C ILE H 50 17.84 -21.59 16.58
N PRO H 51 18.12 -22.56 17.46
CA PRO H 51 17.55 -23.90 17.32
C PRO H 51 16.09 -23.97 17.75
N SER H 52 15.38 -24.99 17.27
CA SER H 52 13.93 -25.12 17.44
C SER H 52 13.49 -25.15 18.90
N HIS H 53 14.28 -25.78 19.77
CA HIS H 53 13.93 -25.81 21.19
C HIS H 53 14.00 -24.44 21.87
N VAL H 54 14.66 -23.49 21.21
CA VAL H 54 14.66 -22.09 21.66
C VAL H 54 13.56 -21.31 20.95
N LEU H 55 13.52 -21.41 19.63
CA LEU H 55 12.62 -20.59 18.81
C LEU H 55 11.14 -20.83 19.11
N SER H 56 10.77 -22.06 19.45
CA SER H 56 9.37 -22.39 19.78
C SER H 56 8.90 -21.65 21.03
N LYS H 57 9.80 -21.58 22.01
CA LYS H 57 9.57 -20.81 23.22
C LYS H 57 9.38 -19.32 22.95
N VAL H 58 10.15 -18.78 22.02
CA VAL H 58 10.01 -17.39 21.62
C VAL H 58 8.59 -17.11 21.10
N CYS H 59 8.09 -18.00 20.26
CA CYS H 59 6.72 -17.85 19.73
C CYS H 59 5.69 -17.91 20.86
N MET H 60 5.93 -18.75 21.86
CA MET H 60 5.03 -18.85 23.00
C MET H 60 5.01 -17.49 23.74
N TYR H 61 6.18 -16.87 23.90
CA TYR H 61 6.25 -15.57 24.56
C TYR H 61 5.46 -14.49 23.81
N PHE H 62 5.41 -14.57 22.47
CA PHE H 62 4.59 -13.63 21.69
C PHE H 62 3.13 -13.79 22.07
N THR H 63 2.67 -15.03 22.16
CA THR H 63 1.28 -15.31 22.52
C THR H 63 0.95 -14.75 23.91
N TYR H 64 1.83 -15.04 24.85
CA TYR H 64 1.73 -14.60 26.25
C TYR H 64 1.66 -13.07 26.35
N LYS H 65 2.56 -12.38 25.67
CA LYS H 65 2.62 -10.92 25.77
C LYS H 65 1.37 -10.20 25.23
N VAL H 66 0.85 -10.68 24.09
CA VAL H 66 -0.34 -10.08 23.48
C VAL H 66 -1.58 -10.33 24.33
N ARG H 67 -1.67 -11.52 24.93
CA ARG H 67 -2.84 -11.85 25.77
C ARG H 67 -2.87 -11.02 27.05
N TYR H 68 -1.72 -10.88 27.72
CA TYR H 68 -1.71 -10.30 29.06
C TYR H 68 -1.31 -8.82 29.17
N THR H 69 -0.91 -8.19 28.07
CA THR H 69 -0.62 -6.75 28.06
C THR H 69 -1.91 -5.93 28.11
N ASN H 70 -1.99 -5.00 29.06
CA ASN H 70 -3.18 -4.18 29.25
C ASN H 70 -4.41 -5.05 29.48
N SER H 71 -4.38 -5.84 30.56
CA SER H 71 -5.43 -6.83 30.83
C SER H 71 -5.85 -6.84 32.30
N SER H 72 -7.11 -7.21 32.53
CA SER H 72 -7.67 -7.25 33.89
C SER H 72 -7.28 -8.53 34.62
N THR H 73 -7.39 -9.66 33.92
CA THR H 73 -7.15 -10.98 34.53
C THR H 73 -5.73 -11.11 35.09
N GLU H 74 -5.62 -11.75 36.26
CA GLU H 74 -4.35 -11.98 36.93
C GLU H 74 -3.33 -12.65 36.00
N ILE H 75 -2.08 -12.20 36.07
CA ILE H 75 -1.04 -12.57 35.13
C ILE H 75 -0.20 -13.69 35.70
N PRO H 76 -0.03 -14.80 34.96
CA PRO H 76 0.78 -15.92 35.47
C PRO H 76 2.23 -15.78 35.05
N GLU H 77 3.12 -16.53 35.70
CA GLU H 77 4.53 -16.52 35.38
C GLU H 77 4.79 -17.10 33.99
N PHE H 78 5.79 -16.58 33.28
CA PHE H 78 6.23 -17.19 32.03
C PHE H 78 7.31 -18.21 32.35
N PRO H 79 7.06 -19.51 32.04
CA PRO H 79 7.95 -20.59 32.44
C PRO H 79 9.13 -20.77 31.48
N ILE H 80 10.30 -21.07 32.05
CA ILE H 80 11.52 -21.32 31.28
C ILE H 80 12.33 -22.43 31.96
N ALA H 81 12.52 -23.55 31.26
CA ALA H 81 13.25 -24.68 31.81
C ALA H 81 14.74 -24.38 31.95
N PRO H 82 15.36 -24.84 33.05
CA PRO H 82 16.78 -24.57 33.28
C PRO H 82 17.68 -24.92 32.07
N GLU H 83 17.35 -25.99 31.36
CA GLU H 83 18.21 -26.49 30.28
C GLU H 83 18.23 -25.61 29.02
N ILE H 84 17.22 -24.76 28.84
CA ILE H 84 17.17 -23.85 27.69
C ILE H 84 17.43 -22.39 28.04
N ALA H 85 17.68 -22.10 29.32
CA ALA H 85 17.73 -20.72 29.80
C ALA H 85 18.85 -19.89 29.15
N LEU H 86 20.07 -20.42 29.09
CA LEU H 86 21.20 -19.67 28.51
C LEU H 86 20.99 -19.34 27.04
N GLU H 87 20.47 -20.31 26.30
CA GLU H 87 20.24 -20.14 24.87
C GLU H 87 19.11 -19.15 24.60
N LEU H 88 18.08 -19.16 25.43
CA LEU H 88 16.96 -18.26 25.25
C LEU H 88 17.34 -16.80 25.54
N LEU H 89 18.22 -16.60 26.52
CA LEU H 89 18.75 -15.26 26.83
C LEU H 89 19.47 -14.64 25.62
N MET H 90 20.30 -15.43 24.94
CA MET H 90 21.00 -14.97 23.72
C MET H 90 20.02 -14.62 22.61
N ALA H 91 19.01 -15.45 22.42
CA ALA H 91 18.01 -15.21 21.40
C ALA H 91 17.26 -13.92 21.69
N ALA H 92 16.87 -13.74 22.95
CA ALA H 92 16.09 -12.57 23.35
C ALA H 92 16.86 -11.25 23.14
N ASN H 93 18.15 -11.25 23.43
CA ASN H 93 19.00 -10.08 23.20
C ASN H 93 18.86 -9.55 21.75
N PHE H 94 19.08 -10.43 20.78
CA PHE H 94 19.06 -10.06 19.35
C PHE H 94 17.67 -9.68 18.80
N LEU H 95 16.60 -10.18 19.44
CA LEU H 95 15.24 -9.91 18.98
C LEU H 95 14.61 -8.60 19.53
N ASP H 96 15.18 -8.01 20.57
CA ASP H 96 14.59 -6.84 21.25
C ASP H 96 13.13 -7.10 21.64
N CYS H 97 12.93 -8.12 22.48
CA CYS H 97 11.58 -8.48 22.96
C CYS H 97 11.62 -8.98 24.41
N VAL I 11 13.27 14.05 46.89
CA VAL I 11 12.01 14.24 46.11
C VAL I 11 10.97 13.15 46.41
N LEU I 12 11.31 11.88 46.15
CA LEU I 12 10.40 10.77 46.49
C LEU I 12 10.50 10.39 47.97
N ARG I 13 9.50 10.80 48.73
CA ARG I 13 9.39 10.49 50.15
C ARG I 13 7.94 10.61 50.59
N SER I 14 7.64 10.09 51.78
CA SER I 14 6.29 10.16 52.35
C SER I 14 6.07 11.49 53.00
N VAL I 15 4.84 11.99 52.92
CA VAL I 15 4.45 13.19 53.66
C VAL I 15 4.08 12.77 55.07
N ASN I 16 4.55 13.50 56.06
CA ASN I 16 4.18 13.24 57.45
C ASN I 16 2.80 13.87 57.77
N SER I 17 1.76 13.31 57.18
CA SER I 17 0.40 13.84 57.30
C SER I 17 -0.23 13.57 58.65
N ARG I 18 0.08 12.41 59.25
CA ARG I 18 -0.55 11.96 60.49
C ARG I 18 -2.05 11.67 60.29
N GLU I 19 -2.46 11.34 59.07
CA GLU I 19 -3.85 11.03 58.77
C GLU I 19 -4.01 9.54 58.47
N PRO I 20 -4.58 8.78 59.42
CA PRO I 20 -4.73 7.35 59.20
C PRO I 20 -5.45 7.02 57.88
N SER I 21 -4.97 5.98 57.20
CA SER I 21 -5.59 5.46 56.01
C SER I 21 -5.46 3.93 56.06
N GLN I 22 -6.59 3.24 56.06
CA GLN I 22 -6.61 1.77 56.08
C GLN I 22 -6.55 1.19 54.67
N VAL I 23 -5.73 0.16 54.50
CA VAL I 23 -5.39 -0.40 53.19
C VAL I 23 -5.42 -1.93 53.24
N ILE I 24 -5.81 -2.56 52.13
CA ILE I 24 -5.61 -4.00 51.94
C ILE I 24 -4.45 -4.27 50.96
N PHE I 25 -3.37 -4.90 51.45
CA PHE I 25 -2.30 -5.36 50.57
C PHE I 25 -2.73 -6.72 50.03
N ASN I 27 -1.93 -9.72 47.46
CA ASN I 27 -0.90 -10.28 46.57
C ASN I 27 -1.50 -11.18 45.50
N ARG I 28 -1.69 -10.65 44.30
CA ARG I 28 -2.20 -11.41 43.15
C ARG I 28 -1.07 -11.80 42.21
N SER I 29 0.05 -12.25 42.78
CA SER I 29 1.21 -12.69 42.02
C SER I 29 1.66 -14.04 42.56
N PRO I 30 2.56 -14.73 41.85
CA PRO I 30 3.11 -15.98 42.36
C PRO I 30 4.43 -15.81 43.14
N ARG I 31 4.85 -14.57 43.39
CA ARG I 31 6.08 -14.27 44.15
C ARG I 31 5.79 -14.02 45.63
N VAL I 32 6.80 -14.26 46.48
CA VAL I 32 6.77 -13.81 47.87
C VAL I 32 7.05 -12.31 47.81
N VAL I 33 6.13 -11.50 48.32
CA VAL I 33 6.22 -10.05 48.12
C VAL I 33 6.82 -9.33 49.34
N LEU I 34 7.75 -8.40 49.06
CA LEU I 34 8.31 -7.47 50.04
C LEU I 34 7.71 -6.06 49.84
N PRO I 35 6.82 -5.63 50.76
CA PRO I 35 6.39 -4.24 50.74
C PRO I 35 7.50 -3.34 51.27
N VAL I 36 7.69 -2.18 50.62
CA VAL I 36 8.76 -1.25 50.93
C VAL I 36 8.15 0.13 51.13
N TRP I 37 8.32 0.71 52.32
CA TRP I 37 7.82 2.07 52.64
C TRP I 37 8.93 3.09 52.43
N LEU I 38 8.64 4.20 51.73
CA LEU I 38 9.60 5.29 51.66
C LEU I 38 9.38 6.19 52.87
N ASN I 39 10.39 6.34 53.73
CA ASN I 39 10.25 7.12 54.95
C ASN I 39 10.39 8.63 54.67
N PHE I 40 10.41 9.44 55.72
CA PHE I 40 10.33 10.89 55.58
C PHE I 40 11.61 11.52 55.01
N ASP I 41 12.74 10.81 55.06
CA ASP I 41 13.98 11.22 54.39
C ASP I 41 14.16 10.59 53.02
N GLY I 42 13.17 9.84 52.55
CA GLY I 42 13.25 9.18 51.24
C GLY I 42 13.90 7.80 51.26
N GLU I 43 14.26 7.30 52.44
CA GLU I 43 14.94 6.01 52.55
C GLU I 43 13.96 4.84 52.51
N PRO I 44 14.24 3.77 51.73
CA PRO I 44 13.35 2.62 51.70
C PRO I 44 13.39 1.82 52.99
N GLN I 45 12.22 1.43 53.48
CA GLN I 45 12.08 0.70 54.73
C GLN I 45 11.27 -0.57 54.51
N PRO I 46 11.90 -1.74 54.63
CA PRO I 46 11.18 -2.98 54.39
C PRO I 46 10.16 -3.33 55.47
N TYR I 47 9.06 -3.94 55.05
CA TYR I 47 8.00 -4.40 55.95
C TYR I 47 7.85 -5.92 55.80
N PRO I 48 6.98 -6.56 56.61
CA PRO I 48 6.89 -8.03 56.52
C PRO I 48 6.42 -8.57 55.16
N THR I 49 6.94 -9.74 54.77
CA THR I 49 6.65 -10.30 53.45
C THR I 49 5.25 -10.92 53.38
N LEU I 50 4.71 -10.99 52.16
CA LEU I 50 3.39 -11.60 51.90
C LEU I 50 3.55 -12.82 51.01
N PRO I 51 3.10 -14.02 51.48
CA PRO I 51 3.16 -15.19 50.57
C PRO I 51 2.20 -15.03 49.40
N PRO I 52 2.43 -15.77 48.29
CA PRO I 52 1.57 -15.71 47.10
C PRO I 52 0.09 -15.96 47.39
N GLY I 53 -0.78 -15.14 46.81
CA GLY I 53 -2.23 -15.33 46.92
C GLY I 53 -2.88 -14.94 48.25
N THR I 54 -2.14 -14.26 49.12
CA THR I 54 -2.67 -13.85 50.43
C THR I 54 -2.86 -12.33 50.50
N GLY I 55 -3.72 -11.89 51.42
CA GLY I 55 -4.01 -10.48 51.63
C GLY I 55 -4.01 -10.09 53.10
N ARG I 56 -3.59 -8.86 53.39
CA ARG I 56 -3.64 -8.33 54.76
C ARG I 56 -4.19 -6.91 54.83
N ARG I 57 -4.99 -6.66 55.86
CA ARG I 57 -5.46 -5.32 56.17
C ARG I 57 -4.39 -4.70 57.07
N ILE I 58 -3.89 -3.52 56.67
CA ILE I 58 -2.77 -2.85 57.35
C ILE I 58 -3.05 -1.36 57.56
N HIS I 59 -2.41 -0.78 58.58
CA HIS I 59 -2.60 0.63 58.94
C HIS I 59 -1.51 1.49 58.35
N SER I 60 -1.88 2.46 57.50
CA SER I 60 -0.93 3.39 56.90
C SER I 60 -1.44 4.83 57.02
N TYR I 61 -0.94 5.74 56.18
CA TYR I 61 -1.30 7.16 56.27
C TYR I 61 -1.38 7.82 54.91
N ARG I 62 -2.19 8.86 54.83
CA ARG I 62 -2.38 9.56 53.56
C ARG I 62 -1.08 10.26 53.17
N GLY I 63 -0.74 10.22 51.88
CA GLY I 63 0.50 10.79 51.37
C GLY I 63 1.75 9.95 51.61
N HIS I 64 1.60 8.75 52.18
CA HIS I 64 2.75 7.85 52.32
C HIS I 64 2.99 7.11 50.99
N LEU I 65 4.25 6.80 50.72
CA LEU I 65 4.63 6.19 49.46
C LEU I 65 5.08 4.76 49.67
N TRP I 66 4.59 3.86 48.82
CA TRP I 66 4.93 2.45 48.86
C TRP I 66 5.36 1.90 47.51
N LEU I 67 6.23 0.90 47.52
CA LEU I 67 6.42 0.04 46.36
C LEU I 67 6.59 -1.41 46.77
N PHE I 68 6.60 -2.31 45.77
CA PHE I 68 6.57 -3.75 46.04
C PHE I 68 7.55 -4.55 45.16
N ARG I 69 8.24 -5.50 45.79
CA ARG I 69 9.27 -6.31 45.13
C ARG I 69 9.19 -7.78 45.51
N ASP I 70 9.78 -8.63 44.67
CA ASP I 70 10.06 -10.02 45.03
C ASP I 70 11.04 -10.01 46.20
N ALA I 71 10.64 -10.61 47.32
CA ALA I 71 11.46 -10.58 48.55
C ALA I 71 12.79 -11.26 48.41
N GLY I 72 12.91 -12.21 47.48
CA GLY I 72 14.14 -12.96 47.33
C GLY I 72 15.14 -12.37 46.35
N THR I 73 14.64 -11.88 45.21
CA THR I 73 15.48 -11.42 44.11
C THR I 73 15.42 -9.92 43.86
N HIS I 74 14.47 -9.24 44.50
CA HIS I 74 14.20 -7.82 44.28
C HIS I 74 13.66 -7.41 42.91
N ASP I 75 13.18 -8.38 42.13
CA ASP I 75 12.48 -8.09 40.87
C ASP I 75 11.32 -7.11 41.13
N GLY I 76 11.10 -6.20 40.20
CA GLY I 76 10.04 -5.20 40.33
C GLY I 76 8.64 -5.78 40.09
N LEU I 77 7.66 -5.30 40.87
CA LEU I 77 6.25 -5.71 40.73
C LEU I 77 5.37 -4.46 40.55
N LEU I 78 4.12 -4.65 40.14
CA LEU I 78 3.20 -3.52 39.92
C LEU I 78 2.20 -3.51 41.03
N VAL I 79 1.68 -2.32 41.32
CA VAL I 79 0.61 -2.15 42.31
C VAL I 79 -0.44 -1.24 41.72
N ASN I 80 -1.68 -1.73 41.65
CA ASN I 80 -2.73 -1.08 40.86
C ASN I 80 -2.23 -0.60 39.47
N GLN I 81 -1.51 -1.48 38.78
CA GLN I 81 -1.04 -1.26 37.40
C GLN I 81 0.03 -0.18 37.24
N THR I 82 0.69 0.22 38.31
CA THR I 82 1.74 1.24 38.23
C THR I 82 2.83 0.97 39.30
N GLU I 83 3.80 1.88 39.39
CA GLU I 83 5.02 1.66 40.20
C GLU I 83 4.85 1.99 41.68
N LEU I 84 4.21 3.10 41.96
CA LEU I 84 4.03 3.61 43.32
C LEU I 84 2.57 3.53 43.80
N PHE I 85 2.37 3.27 45.09
CA PHE I 85 1.04 3.33 45.72
C PHE I 85 1.03 4.39 46.83
N VAL I 86 0.04 5.28 46.78
CA VAL I 86 -0.15 6.30 47.82
C VAL I 86 -1.53 6.10 48.45
N PRO I 87 -1.59 5.77 49.75
CA PRO I 87 -2.94 5.66 50.35
C PRO I 87 -3.69 6.98 50.29
N SER I 88 -4.97 6.90 49.98
CA SER I 88 -5.84 8.05 49.91
C SER I 88 -6.87 7.97 51.05
N LEU I 89 -7.82 8.89 51.03
CA LEU I 89 -8.88 8.99 52.03
C LEU I 89 -9.85 7.79 52.01
N ASN I 90 -10.14 7.21 53.17
CA ASN I 90 -11.19 6.19 53.29
C ASN I 90 -12.57 6.84 53.31
N VAL I 91 -13.47 6.42 52.42
CA VAL I 91 -14.85 6.90 52.44
C VAL I 91 -15.80 5.86 53.02
N ASP I 92 -16.60 6.29 54.00
CA ASP I 92 -17.56 5.44 54.72
C ASP I 92 -16.98 4.11 55.22
N GLY I 93 -15.78 4.17 55.80
CA GLY I 93 -15.14 2.99 56.37
C GLY I 93 -14.62 1.92 55.40
N GLN I 94 -14.51 2.27 54.12
CA GLN I 94 -13.96 1.35 53.13
C GLN I 94 -12.45 1.49 53.03
N PRO I 95 -11.71 0.37 53.11
CA PRO I 95 -10.26 0.41 52.95
C PRO I 95 -9.85 0.52 51.49
N ILE I 96 -8.62 0.98 51.24
CA ILE I 96 -8.11 1.16 49.87
C ILE I 96 -7.44 -0.13 49.43
N PHE I 97 -7.78 -0.63 48.24
CA PHE I 97 -7.16 -1.86 47.77
C PHE I 97 -5.84 -1.55 47.09
N ALA I 98 -4.76 -2.21 47.54
CA ALA I 98 -3.49 -2.19 46.82
C ALA I 98 -3.26 -3.57 46.17
N ASN I 99 -3.69 -3.70 44.91
CA ASN I 99 -3.55 -4.97 44.19
C ASN I 99 -2.16 -5.14 43.58
N ILE I 100 -1.42 -6.13 44.08
CA ILE I 100 -0.03 -6.36 43.66
C ILE I 100 0.02 -7.47 42.61
N THR I 101 0.65 -7.22 41.47
CA THR I 101 0.69 -8.17 40.33
C THR I 101 2.06 -8.26 39.66
N LEU I 102 2.26 -9.35 38.91
CA LEU I 102 3.40 -9.44 38.00
C LEU I 102 3.22 -8.47 36.85
N PRO I 103 4.30 -7.78 36.44
CA PRO I 103 4.25 -7.13 35.14
C PRO I 103 4.44 -8.15 34.01
N VAL I 104 4.16 -7.73 32.78
CA VAL I 104 4.62 -8.48 31.63
C VAL I 104 6.09 -8.16 31.42
N TYR I 105 6.99 -8.98 31.95
CA TYR I 105 8.41 -8.72 31.79
C TYR I 105 8.82 -8.90 30.33
N THR I 106 9.93 -8.26 29.92
CA THR I 106 10.51 -8.59 28.63
C THR I 106 11.02 -10.02 28.73
N LEU I 107 11.08 -10.69 27.58
CA LEU I 107 11.65 -12.03 27.51
C LEU I 107 13.08 -12.01 28.01
N LYS I 108 13.82 -10.97 27.64
CA LYS I 108 15.21 -10.81 28.04
C LYS I 108 15.35 -10.76 29.56
N GLU I 109 14.53 -9.92 30.20
CA GLU I 109 14.61 -9.77 31.66
C GLU I 109 14.20 -11.06 32.38
N ARG I 110 13.15 -11.70 31.88
CA ARG I 110 12.75 -12.99 32.42
C ARG I 110 13.87 -14.05 32.27
N CYS I 111 14.55 -14.06 31.13
CA CYS I 111 15.68 -14.97 30.98
C CYS I 111 16.80 -14.66 31.99
N LEU I 112 17.06 -13.37 32.21
CA LEU I 112 18.06 -12.96 33.21
C LEU I 112 17.69 -13.45 34.61
N GLN I 113 16.40 -13.35 34.94
CA GLN I 113 15.92 -13.80 36.26
C GLN I 113 16.23 -15.29 36.46
N VAL I 114 16.02 -16.09 35.43
CA VAL I 114 16.17 -17.53 35.56
C VAL I 114 17.65 -17.94 35.68
N VAL I 115 18.53 -17.28 34.93
CA VAL I 115 19.95 -17.62 34.96
C VAL I 115 20.55 -17.22 36.32
N ARG I 116 20.15 -16.06 36.86
CA ARG I 116 20.61 -15.64 38.18
C ARG I 116 20.24 -16.66 39.28
N SER I 117 19.06 -17.27 39.15
CA SER I 117 18.59 -18.28 40.09
C SER I 117 19.34 -19.63 40.01
N LEU I 118 19.98 -19.90 38.88
CA LEU I 118 20.64 -21.19 38.66
C LEU I 118 22.16 -21.14 38.88
N VAL I 119 22.73 -19.94 38.79
CA VAL I 119 24.18 -19.74 38.87
C VAL I 119 24.55 -18.83 40.04
N LYS I 120 25.65 -19.17 40.73
CA LYS I 120 26.16 -18.34 41.81
C LYS I 120 26.93 -17.14 41.23
N PRO I 121 26.88 -15.97 41.92
CA PRO I 121 27.52 -14.76 41.38
C PRO I 121 29.03 -14.81 41.14
N GLU I 122 29.70 -15.87 41.58
CA GLU I 122 31.13 -16.08 41.33
C GLU I 122 31.31 -16.79 39.99
N ASN I 123 30.38 -17.67 39.66
CA ASN I 123 30.47 -18.51 38.47
C ASN I 123 29.81 -17.93 37.22
N TYR I 124 29.29 -16.70 37.29
CA TYR I 124 28.78 -16.04 36.09
C TYR I 124 29.88 -16.02 35.03
N ARG I 125 31.11 -15.73 35.45
CA ARG I 125 32.26 -15.62 34.54
C ARG I 125 32.63 -16.90 33.79
N ARG I 126 32.28 -18.07 34.34
CA ARG I 126 32.54 -19.34 33.68
C ARG I 126 31.49 -19.73 32.62
N LEU I 127 30.43 -18.91 32.46
CA LEU I 127 29.38 -19.16 31.46
C LEU I 127 29.84 -18.82 30.03
N ASP I 128 29.45 -19.64 29.06
CA ASP I 128 29.83 -19.45 27.65
C ASP I 128 28.83 -18.54 26.92
N ILE I 129 28.99 -17.24 27.14
CA ILE I 129 28.07 -16.22 26.63
C ILE I 129 28.88 -14.94 26.39
N VAL I 130 28.40 -14.06 25.52
CA VAL I 130 29.09 -12.77 25.28
C VAL I 130 29.26 -11.98 26.58
N ARG I 131 30.36 -11.23 26.68
CA ARG I 131 30.70 -10.47 27.89
C ARG I 131 29.65 -9.41 28.23
N SER I 132 28.96 -8.91 27.21
CA SER I 132 27.85 -7.96 27.40
C SER I 132 26.76 -8.51 28.35
N LEU I 133 26.48 -9.81 28.23
CA LEU I 133 25.49 -10.45 29.07
C LEU I 133 25.97 -10.65 30.51
N TYR I 134 27.27 -10.68 30.74
CA TYR I 134 27.78 -10.60 32.12
C TYR I 134 27.33 -9.31 32.77
N GLU I 135 27.49 -8.20 32.04
CA GLU I 135 27.10 -6.88 32.53
C GLU I 135 25.64 -6.87 32.96
N ASP I 136 24.79 -7.47 32.14
CA ASP I 136 23.35 -7.53 32.43
C ASP I 136 23.08 -8.44 33.64
N LEU I 137 23.81 -9.56 33.72
CA LEU I 137 23.61 -10.50 34.83
C LEU I 137 24.04 -9.93 36.19
N GLU I 138 25.12 -9.17 36.19
CA GLU I 138 25.63 -8.55 37.41
C GLU I 138 24.79 -7.35 37.87
N ASP I 139 24.06 -6.73 36.94
CA ASP I 139 23.26 -5.54 37.24
C ASP I 139 21.88 -5.95 37.83
N HIS I 140 21.91 -6.37 39.10
CA HIS I 140 20.71 -6.89 39.77
C HIS I 140 19.62 -5.84 39.86
N PRO I 141 18.36 -6.28 39.89
CA PRO I 141 17.30 -5.34 40.29
C PRO I 141 17.62 -4.76 41.67
N ASN I 142 17.32 -3.48 41.84
CA ASN I 142 17.81 -2.72 42.99
C ASN I 142 16.89 -1.54 43.24
N VAL I 143 16.32 -1.48 44.44
CA VAL I 143 15.33 -0.44 44.77
C VAL I 143 15.93 0.96 44.66
N GLN I 144 17.10 1.18 45.25
CA GLN I 144 17.73 2.49 45.19
C GLN I 144 17.93 2.93 43.74
N LYS I 145 18.33 2.01 42.87
CA LYS I 145 18.53 2.33 41.45
C LYS I 145 17.22 2.80 40.80
N ASP I 146 16.13 2.08 41.07
CA ASP I 146 14.84 2.42 40.48
C ASP I 146 14.33 3.77 40.94
N LEU I 147 14.59 4.09 42.21
CA LEU I 147 14.17 5.39 42.74
C LEU I 147 14.90 6.52 42.00
N GLU I 148 16.20 6.34 41.78
CA GLU I 148 16.99 7.29 40.97
C GLU I 148 16.32 7.48 39.60
N ARG I 149 16.02 6.37 38.92
CA ARG I 149 15.39 6.42 37.59
C ARG I 149 14.04 7.14 37.60
N LEU I 150 13.20 6.83 38.59
CA LEU I 150 11.88 7.44 38.68
C LEU I 150 11.97 8.94 38.93
N THR I 151 12.91 9.35 39.77
CA THR I 151 13.15 10.76 40.03
C THR I 151 13.52 11.54 38.75
N GLN I 152 14.40 10.96 37.93
CA GLN I 152 14.83 11.59 36.66
C GLN I 152 13.69 11.68 35.63
N GLU I 153 12.84 10.65 35.57
CA GLU I 153 11.70 10.63 34.65
C GLU I 153 10.51 11.40 35.24
N MET J 1 -49.50 9.47 8.10
CA MET J 1 -48.19 9.12 8.68
C MET J 1 -47.21 8.81 7.56
N ASP J 2 -46.01 9.37 7.64
CA ASP J 2 -44.98 9.16 6.64
C ASP J 2 -44.13 7.92 6.93
N VAL J 3 -43.83 7.15 5.89
CA VAL J 3 -42.82 6.09 5.94
C VAL J 3 -41.68 6.42 4.97
N PHE J 4 -40.45 6.09 5.37
CA PHE J 4 -39.25 6.44 4.58
C PHE J 4 -38.53 5.19 4.11
N LEU J 5 -38.22 5.16 2.81
CA LEU J 5 -37.89 3.94 2.09
C LEU J 5 -36.63 4.03 1.27
N MET J 6 -36.02 2.87 1.04
CA MET J 6 -35.02 2.69 0.01
C MET J 6 -35.58 1.64 -0.96
N ILE J 7 -35.74 1.99 -2.24
CA ILE J 7 -36.15 1.02 -3.24
C ILE J 7 -34.93 0.52 -4.00
N ARG J 8 -34.62 -0.77 -3.91
CA ARG J 8 -33.33 -1.27 -4.39
C ARG J 8 -33.37 -2.41 -5.42
N ARG J 9 -32.54 -2.25 -6.46
CA ARG J 9 -32.34 -3.24 -7.51
C ARG J 9 -30.90 -3.22 -7.99
N HIS J 10 -30.26 -4.39 -8.02
CA HIS J 10 -28.87 -4.50 -8.47
C HIS J 10 -28.00 -3.45 -7.75
N LYS J 11 -27.48 -2.45 -8.48
CA LYS J 11 -26.66 -1.38 -7.87
C LYS J 11 -27.36 0.00 -7.86
N THR J 12 -28.69 -0.03 -7.95
CA THR J 12 -29.53 1.15 -7.92
C THR J 12 -30.26 1.22 -6.56
N THR J 13 -30.29 2.40 -5.94
CA THR J 13 -31.03 2.64 -4.70
C THR J 13 -31.78 3.98 -4.75
N ILE J 14 -33.11 3.93 -4.72
CA ILE J 14 -33.93 5.15 -4.74
C ILE J 14 -34.38 5.50 -3.31
N PHE J 15 -34.08 6.72 -2.87
CA PHE J 15 -34.56 7.24 -1.58
C PHE J 15 -35.87 8.02 -1.78
N THR J 16 -36.94 7.58 -1.15
CA THR J 16 -38.20 8.31 -1.24
C THR J 16 -39.07 8.05 -0.02
N ASP J 17 -40.10 8.86 0.13
CA ASP J 17 -41.08 8.65 1.19
C ASP J 17 -42.48 8.53 0.62
N ALA J 18 -43.39 8.01 1.44
CA ALA J 18 -44.79 7.84 1.04
C ALA J 18 -45.66 7.75 2.29
N LYS J 19 -46.97 7.77 2.11
CA LYS J 19 -47.88 7.63 3.25
C LYS J 19 -48.11 6.17 3.60
N GLU J 20 -48.29 5.92 4.88
CA GLU J 20 -48.66 4.59 5.37
C GLU J 20 -49.92 4.05 4.66
N SER J 21 -50.87 4.95 4.37
CA SER J 21 -52.12 4.56 3.71
C SER J 21 -52.03 4.44 2.17
N SER J 22 -50.90 4.81 1.58
CA SER J 22 -50.72 4.74 0.13
C SER J 22 -50.43 3.29 -0.30
N THR J 23 -50.57 3.01 -1.60
CA THR J 23 -50.57 1.64 -2.10
C THR J 23 -49.26 1.26 -2.76
N VAL J 24 -49.06 -0.04 -2.91
CA VAL J 24 -47.94 -0.60 -3.63
C VAL J 24 -47.93 -0.09 -5.07
N PHE J 25 -49.09 -0.06 -5.71
CA PHE J 25 -49.18 0.52 -7.07
C PHE J 25 -48.64 1.95 -7.13
N GLU J 26 -49.02 2.78 -6.15
CA GLU J 26 -48.58 4.19 -6.15
C GLU J 26 -47.04 4.32 -6.01
N LEU J 27 -46.43 3.35 -5.34
CA LEU J 27 -44.98 3.26 -5.26
C LEU J 27 -44.36 2.88 -6.63
N LYS J 28 -45.00 2.00 -7.38
CA LYS J 28 -44.55 1.66 -8.73
C LYS J 28 -44.62 2.87 -9.69
N ARG J 29 -45.61 3.75 -9.49
CA ARG J 29 -45.68 4.99 -10.27
C ARG J 29 -44.47 5.89 -10.04
N ILE J 30 -43.99 5.94 -8.79
CA ILE J 30 -42.76 6.66 -8.44
C ILE J 30 -41.55 6.04 -9.14
N VAL J 31 -41.45 4.72 -9.12
CA VAL J 31 -40.35 4.03 -9.79
C VAL J 31 -40.40 4.31 -11.28
N GLU J 32 -41.61 4.32 -11.85
CA GLU J 32 -41.79 4.56 -13.28
C GLU J 32 -41.21 5.91 -13.70
N GLY J 33 -41.54 6.96 -12.95
CA GLY J 33 -41.07 8.31 -13.26
C GLY J 33 -39.55 8.40 -13.25
N ILE J 34 -38.90 7.55 -12.48
CA ILE J 34 -37.45 7.63 -12.30
C ILE J 34 -36.71 6.71 -13.26
N LEU J 35 -37.12 5.45 -13.33
CA LEU J 35 -36.39 4.46 -14.11
C LEU J 35 -37.02 4.15 -15.48
N LYS J 36 -38.16 4.80 -15.76
CA LYS J 36 -38.81 4.75 -17.07
C LYS J 36 -39.28 3.34 -17.44
N ARG J 37 -40.00 2.72 -16.51
CA ARG J 37 -40.53 1.38 -16.70
C ARG J 37 -41.92 1.30 -16.06
N PRO J 38 -42.92 0.84 -16.84
CA PRO J 38 -44.29 0.87 -16.34
C PRO J 38 -44.53 -0.12 -15.19
N PRO J 39 -45.58 0.15 -14.36
CA PRO J 39 -45.95 -0.71 -13.24
C PRO J 39 -46.02 -2.20 -13.60
N ASP J 40 -46.68 -2.54 -14.70
CA ASP J 40 -46.83 -3.95 -15.08
C ASP J 40 -45.51 -4.64 -15.43
N GLU J 41 -44.42 -3.89 -15.52
CA GLU J 41 -43.10 -4.45 -15.77
C GLU J 41 -42.22 -4.49 -14.53
N GLN J 42 -42.83 -4.22 -13.36
CA GLN J 42 -42.13 -4.22 -12.06
C GLN J 42 -42.67 -5.27 -11.10
N ARG J 43 -41.77 -5.84 -10.30
CA ARG J 43 -42.17 -6.56 -9.10
C ARG J 43 -41.52 -5.88 -7.89
N LEU J 44 -42.30 -5.61 -6.85
CA LEU J 44 -41.79 -5.08 -5.58
C LEU J 44 -41.89 -6.16 -4.50
N TYR J 45 -40.93 -6.14 -3.58
CA TYR J 45 -40.78 -7.18 -2.58
C TYR J 45 -40.53 -6.63 -1.19
N LYS J 46 -41.11 -7.28 -0.19
CA LYS J 46 -40.67 -7.10 1.18
C LYS J 46 -39.91 -8.34 1.57
N ASP J 47 -38.59 -8.19 1.70
CA ASP J 47 -37.67 -9.31 1.79
C ASP J 47 -37.89 -10.21 0.56
N ASP J 48 -38.34 -11.46 0.75
CA ASP J 48 -38.63 -12.34 -0.37
C ASP J 48 -40.11 -12.34 -0.76
N GLN J 49 -40.95 -11.61 -0.03
CA GLN J 49 -42.40 -11.65 -0.24
C GLN J 49 -42.87 -10.64 -1.29
N LEU J 50 -43.53 -11.15 -2.32
CA LEU J 50 -44.08 -10.32 -3.39
C LEU J 50 -45.22 -9.47 -2.87
N LEU J 51 -45.24 -8.18 -3.25
CA LEU J 51 -46.27 -7.25 -2.79
C LEU J 51 -47.38 -7.05 -3.85
N ASP J 52 -48.66 -7.10 -3.43
CA ASP J 52 -49.79 -6.90 -4.36
C ASP J 52 -50.11 -5.40 -4.53
N ASP J 53 -50.37 -5.01 -5.78
CA ASP J 53 -50.70 -3.62 -6.12
C ASP J 53 -51.74 -2.98 -5.20
N GLY J 54 -52.78 -3.72 -4.85
CA GLY J 54 -53.91 -3.19 -4.07
C GLY J 54 -53.70 -2.98 -2.57
N LYS J 55 -52.61 -3.48 -2.01
CA LYS J 55 -52.38 -3.38 -0.56
C LYS J 55 -51.75 -2.06 -0.15
N THR J 56 -52.07 -1.61 1.06
CA THR J 56 -51.41 -0.44 1.62
C THR J 56 -50.02 -0.82 2.15
N LEU J 57 -49.13 0.17 2.24
CA LEU J 57 -47.81 -0.04 2.79
C LEU J 57 -47.87 -0.48 4.25
N GLY J 58 -48.78 0.11 5.03
CA GLY J 58 -48.98 -0.25 6.43
C GLY J 58 -49.43 -1.71 6.61
N GLU J 59 -50.32 -2.17 5.74
CA GLU J 59 -50.74 -3.57 5.71
C GLU J 59 -49.57 -4.51 5.45
N GLY J 61 -46.64 -3.95 6.43
CA GLY J 61 -45.68 -3.84 7.53
C GLY J 61 -44.73 -2.67 7.52
N PHE J 62 -44.88 -1.75 6.56
CA PHE J 62 -44.05 -0.54 6.55
C PHE J 62 -44.75 0.52 7.40
N THR J 63 -44.25 0.73 8.61
CA THR J 63 -44.86 1.68 9.55
C THR J 63 -43.93 2.85 9.89
N SER J 64 -44.53 3.96 10.31
CA SER J 64 -43.76 5.19 10.55
C SER J 64 -42.68 4.99 11.61
N GLN J 65 -42.93 4.12 12.59
CA GLN J 65 -41.93 3.88 13.64
C GLN J 65 -40.83 2.86 13.25
N THR J 66 -40.97 2.19 12.11
CA THR J 66 -39.92 1.29 11.62
C THR J 66 -39.19 1.83 10.37
N ALA J 67 -39.93 2.45 9.46
CA ALA J 67 -39.35 3.08 8.27
C ALA J 67 -39.03 4.55 8.55
N ARG J 68 -37.92 4.78 9.23
CA ARG J 68 -37.55 6.10 9.75
C ARG J 68 -36.66 6.89 8.77
N PRO J 69 -36.73 8.24 8.81
CA PRO J 69 -35.91 9.06 7.91
C PRO J 69 -34.42 8.73 8.01
N GLN J 70 -33.93 8.61 9.24
CA GLN J 70 -32.52 8.28 9.48
C GLN J 70 -32.19 6.79 9.43
N ALA J 71 -33.20 5.95 9.19
CA ALA J 71 -33.02 4.49 9.07
C ALA J 71 -34.19 3.92 8.25
N PRO J 72 -34.18 4.18 6.93
CA PRO J 72 -35.32 3.81 6.08
C PRO J 72 -35.42 2.30 5.87
N ALA J 73 -36.63 1.80 5.58
CA ALA J 73 -36.84 0.37 5.33
C ALA J 73 -36.63 0.10 3.84
N THR J 74 -36.28 -1.13 3.52
CA THR J 74 -35.90 -1.53 2.16
C THR J 74 -37.04 -2.23 1.42
N VAL J 75 -37.29 -1.81 0.17
CA VAL J 75 -38.23 -2.47 -0.74
C VAL J 75 -37.43 -2.96 -1.94
N GLY J 76 -37.50 -4.26 -2.21
CA GLY J 76 -36.80 -4.86 -3.35
C GLY J 76 -37.57 -4.65 -4.65
N LEU J 77 -36.84 -4.59 -5.76
CA LEU J 77 -37.39 -4.34 -7.09
C LEU J 77 -36.77 -5.27 -8.14
N ALA J 78 -37.61 -5.80 -9.05
CA ALA J 78 -37.16 -6.63 -10.17
C ALA J 78 -37.98 -6.28 -11.41
N PHE J 79 -37.30 -6.19 -12.57
CA PHE J 79 -37.92 -5.81 -13.83
C PHE J 79 -38.18 -7.04 -14.73
N ARG J 80 -39.11 -6.89 -15.66
CA ARG J 80 -39.30 -7.88 -16.72
C ARG J 80 -38.29 -7.64 -17.85
N ALA J 81 -37.78 -8.73 -18.42
CA ALA J 81 -36.86 -8.65 -19.54
C ALA J 81 -37.19 -9.72 -20.58
N ASP J 82 -37.78 -9.30 -21.69
CA ASP J 82 -38.22 -10.20 -22.76
C ASP J 82 -39.18 -11.31 -22.27
N ASP J 83 -40.29 -10.89 -21.68
CA ASP J 83 -41.42 -11.77 -21.30
C ASP J 83 -41.39 -12.34 -19.88
N THR J 84 -40.23 -12.75 -19.38
CA THR J 84 -40.13 -13.27 -18.01
C THR J 84 -39.37 -12.30 -17.11
N PHE J 85 -39.74 -12.27 -15.84
CA PHE J 85 -39.10 -11.40 -14.87
C PHE J 85 -37.74 -11.98 -14.47
N GLU J 86 -36.74 -11.12 -14.33
CA GLU J 86 -35.48 -11.49 -13.68
C GLU J 86 -35.75 -11.80 -12.19
N ALA J 87 -34.83 -12.52 -11.56
CA ALA J 87 -34.91 -12.76 -10.11
C ALA J 87 -34.58 -11.47 -9.32
N LEU J 88 -35.03 -11.43 -8.07
CA LEU J 88 -34.70 -10.34 -7.18
C LEU J 88 -33.21 -10.38 -6.86
N ILE J 90 -30.20 -7.75 -5.09
CA ILE J 90 -29.77 -6.48 -4.47
C ILE J 90 -28.28 -6.57 -4.10
N GLU J 91 -27.45 -5.72 -4.69
CA GLU J 91 -26.00 -5.75 -4.40
C GLU J 91 -25.73 -5.08 -3.07
N PRO J 92 -24.97 -5.75 -2.18
CA PRO J 92 -24.66 -5.11 -0.91
C PRO J 92 -23.75 -3.89 -1.07
N PHE J 93 -23.84 -2.95 -0.14
CA PHE J 93 -22.92 -1.81 -0.10
C PHE J 93 -21.56 -2.34 0.30
N SER J 94 -20.51 -1.53 0.10
CA SER J 94 -19.14 -1.88 0.48
C SER J 94 -19.01 -2.13 1.98
N SER J 95 -17.96 -2.85 2.36
CA SER J 95 -17.65 -3.11 3.76
C SER J 95 -16.72 -2.02 4.31
N PRO J 96 -17.01 -1.53 5.53
CA PRO J 96 -16.05 -0.66 6.18
C PRO J 96 -14.76 -1.40 6.53
N PRO J 97 -13.64 -0.67 6.64
CA PRO J 97 -12.39 -1.28 7.06
C PRO J 97 -12.36 -1.52 8.57
N GLU J 98 -11.34 -2.24 9.04
CA GLU J 98 -11.15 -2.45 10.48
C GLU J 98 -11.00 -1.11 11.22
N LEU J 99 -11.53 -1.04 12.43
CA LEU J 99 -11.27 0.12 13.30
C LEU J 99 -9.76 0.24 13.55
N PRO J 100 -9.19 1.44 13.30
CA PRO J 100 -7.78 1.65 13.66
C PRO J 100 -7.52 1.41 15.14
N ASP J 101 -6.25 1.25 15.51
CA ASP J 101 -5.87 0.99 16.90
C ASP J 101 -6.52 1.99 17.87
N VAL J 102 -6.39 3.28 17.56
CA VAL J 102 -6.86 4.34 18.45
C VAL J 102 -8.39 4.44 18.65
N MET J 103 -9.18 3.70 17.88
CA MET J 103 -10.64 3.67 18.03
C MET J 103 -11.13 2.34 18.62
N MET K 1 -41.93 15.73 -9.67
CA MET K 1 -40.88 15.69 -8.61
C MET K 1 -39.52 15.43 -9.23
N MET K 2 -38.61 16.40 -9.09
CA MET K 2 -37.25 16.26 -9.61
C MET K 2 -36.35 15.46 -8.67
N TYR K 3 -35.57 14.56 -9.27
CA TYR K 3 -34.59 13.74 -8.57
C TYR K 3 -33.21 14.00 -9.17
N VAL K 4 -32.17 13.55 -8.47
CA VAL K 4 -30.79 13.58 -8.98
C VAL K 4 -30.03 12.30 -8.58
N LYS K 5 -29.01 11.97 -9.34
CA LYS K 5 -28.22 10.77 -9.12
C LYS K 5 -26.82 11.07 -8.57
N LEU K 6 -26.48 10.41 -7.46
CA LEU K 6 -25.15 10.49 -6.85
C LEU K 6 -24.50 9.10 -6.89
N ILE K 7 -23.29 9.02 -7.43
CA ILE K 7 -22.64 7.73 -7.68
C ILE K 7 -21.40 7.54 -6.82
N SER K 8 -21.37 6.43 -6.08
CA SER K 8 -20.25 6.10 -5.18
C SER K 8 -19.01 5.63 -5.94
N SER K 9 -17.90 5.46 -5.23
CA SER K 9 -16.64 5.04 -5.85
C SER K 9 -16.70 3.59 -6.33
N ASP K 10 -17.46 2.76 -5.61
CA ASP K 10 -17.72 1.36 -5.97
C ASP K 10 -18.94 1.17 -6.92
N GLY K 11 -19.44 2.25 -7.50
CA GLY K 11 -20.39 2.17 -8.62
C GLY K 11 -21.87 2.09 -8.26
N HIS K 12 -22.22 2.26 -6.98
CA HIS K 12 -23.62 2.30 -6.56
C HIS K 12 -24.27 3.65 -6.95
N GLU K 13 -25.49 3.58 -7.47
CA GLU K 13 -26.20 4.76 -7.95
C GLU K 13 -27.37 5.10 -7.02
N PHE K 14 -27.25 6.24 -6.34
CA PHE K 14 -28.24 6.70 -5.38
C PHE K 14 -29.08 7.83 -5.98
N ILE K 15 -30.39 7.62 -6.03
CA ILE K 15 -31.31 8.62 -6.57
C ILE K 15 -32.11 9.24 -5.43
N VAL K 16 -31.97 10.56 -5.26
CA VAL K 16 -32.60 11.31 -4.16
C VAL K 16 -33.30 12.57 -4.71
N LYS K 17 -34.32 13.07 -4.01
CA LYS K 17 -34.99 14.30 -4.45
C LYS K 17 -33.99 15.45 -4.56
N ARG K 18 -34.17 16.27 -5.58
CA ARG K 18 -33.33 17.45 -5.81
C ARG K 18 -33.30 18.33 -4.57
N GLU K 19 -34.48 18.62 -4.04
CA GLU K 19 -34.60 19.46 -2.84
C GLU K 19 -33.70 18.97 -1.70
N HIS K 20 -33.66 17.65 -1.47
CA HIS K 20 -32.87 17.07 -0.39
C HIS K 20 -31.36 17.20 -0.66
N ALA K 21 -30.93 16.86 -1.88
CA ALA K 21 -29.52 16.99 -2.28
C ALA K 21 -28.96 18.40 -2.12
N LEU K 22 -29.79 19.41 -2.39
CA LEU K 22 -29.41 20.82 -2.21
C LEU K 22 -29.13 21.24 -0.75
N THR K 23 -29.35 20.34 0.21
CA THR K 23 -28.80 20.44 1.57
C THR K 23 -27.28 20.66 1.58
N SER K 24 -26.58 20.00 0.66
CA SER K 24 -25.14 20.17 0.51
C SER K 24 -24.86 21.38 -0.35
N GLY K 25 -24.12 22.34 0.21
CA GLY K 25 -23.66 23.49 -0.56
C GLY K 25 -22.81 23.09 -1.75
N THR K 26 -21.97 22.07 -1.54
CA THR K 26 -21.10 21.56 -2.58
C THR K 26 -21.88 20.95 -3.76
N ILE K 27 -22.85 20.09 -3.46
CA ILE K 27 -23.71 19.52 -4.50
C ILE K 27 -24.48 20.62 -5.24
N LYS K 28 -24.94 21.64 -4.52
CA LYS K 28 -25.70 22.73 -5.15
C LYS K 28 -24.93 23.45 -6.25
N ALA K 29 -23.68 23.80 -5.96
CA ALA K 29 -22.81 24.43 -6.94
C ALA K 29 -22.48 23.44 -8.06
N MET K 30 -22.28 22.19 -7.68
CA MET K 30 -21.87 21.13 -8.61
C MET K 30 -22.93 20.80 -9.64
N LEU K 31 -24.20 20.99 -9.29
CA LEU K 31 -25.30 20.80 -10.24
C LEU K 31 -25.49 22.05 -11.12
N SER K 32 -25.24 23.23 -10.56
CA SER K 32 -25.39 24.49 -11.29
C SER K 32 -24.03 25.13 -11.60
N THR K 42 -26.77 19.82 -15.24
CA THR K 42 -26.28 18.51 -14.84
C THR K 42 -27.19 17.89 -13.77
N ASN K 43 -27.61 16.63 -13.98
CA ASN K 43 -28.40 15.88 -12.97
C ASN K 43 -27.69 14.69 -12.34
N GLU K 44 -26.43 14.43 -12.73
CA GLU K 44 -25.64 13.37 -12.11
C GLU K 44 -24.36 13.93 -11.51
N VAL K 45 -23.87 13.26 -10.46
CA VAL K 45 -22.62 13.64 -9.81
C VAL K 45 -21.84 12.39 -9.40
N ASN K 46 -20.59 12.29 -9.84
CA ASN K 46 -19.70 11.18 -9.46
C ASN K 46 -18.85 11.53 -8.25
N PHE K 47 -18.75 10.61 -7.29
CA PHE K 47 -17.88 10.78 -6.13
C PHE K 47 -16.86 9.66 -6.07
N ARG K 48 -15.70 9.87 -6.71
CA ARG K 48 -14.70 8.82 -6.87
C ARG K 48 -13.94 8.38 -5.62
N GLU K 49 -14.04 9.13 -4.51
CA GLU K 49 -13.47 8.65 -3.24
C GLU K 49 -14.48 8.54 -2.10
N ILE K 50 -15.78 8.44 -2.42
CA ILE K 50 -16.78 8.15 -1.39
C ILE K 50 -17.44 6.81 -1.71
N PRO K 51 -17.10 5.76 -0.93
CA PRO K 51 -17.69 4.44 -1.12
C PRO K 51 -19.14 4.40 -0.63
N SER K 52 -19.87 3.33 -1.00
CA SER K 52 -21.32 3.27 -0.81
C SER K 52 -21.78 3.15 0.64
N HIS K 53 -20.95 2.56 1.52
CA HIS K 53 -21.30 2.48 2.95
C HIS K 53 -21.24 3.84 3.64
N VAL K 54 -20.54 4.79 3.02
CA VAL K 54 -20.53 6.20 3.43
C VAL K 54 -21.66 6.98 2.74
N LEU K 55 -21.71 6.94 1.41
CA LEU K 55 -22.67 7.74 0.64
C LEU K 55 -24.13 7.42 0.94
N SER K 56 -24.41 6.17 1.31
CA SER K 56 -25.78 5.78 1.67
C SER K 56 -26.23 6.52 2.91
N LYS K 57 -25.33 6.64 3.88
CA LYS K 57 -25.59 7.41 5.10
C LYS K 57 -25.75 8.90 4.85
N VAL K 58 -24.96 9.45 3.95
CA VAL K 58 -25.11 10.85 3.57
C VAL K 58 -26.54 11.11 3.09
N CYS K 59 -27.04 10.24 2.21
CA CYS K 59 -28.41 10.33 1.71
C CYS K 59 -29.42 10.23 2.87
N MET K 60 -29.17 9.35 3.81
CA MET K 60 -30.04 9.27 4.98
C MET K 60 -30.02 10.57 5.81
N TYR K 61 -28.86 11.22 5.92
CA TYR K 61 -28.75 12.50 6.61
C TYR K 61 -29.63 13.58 5.96
N PHE K 62 -29.59 13.68 4.62
CA PHE K 62 -30.46 14.61 3.89
C PHE K 62 -31.93 14.45 4.30
N THR K 63 -32.42 13.21 4.25
CA THR K 63 -33.81 12.91 4.61
C THR K 63 -34.12 13.41 6.03
N TYR K 64 -33.24 13.08 6.96
CA TYR K 64 -33.35 13.44 8.37
C TYR K 64 -33.40 14.94 8.53
N LYS K 65 -32.45 15.64 7.89
CA LYS K 65 -32.39 17.08 8.01
C LYS K 65 -33.66 17.77 7.52
N VAL K 66 -34.12 17.39 6.33
CA VAL K 66 -35.31 18.01 5.77
C VAL K 66 -36.53 17.71 6.64
N ARG K 67 -36.65 16.49 7.15
CA ARG K 67 -37.79 16.13 7.99
C ARG K 67 -37.83 16.93 9.28
N TYR K 68 -36.69 17.10 9.94
CA TYR K 68 -36.65 17.65 11.32
C TYR K 68 -36.29 19.14 11.42
N THR K 69 -35.84 19.74 10.32
CA THR K 69 -35.61 21.19 10.31
C THR K 69 -36.92 21.96 10.46
N ASN K 70 -36.93 22.90 11.41
CA ASN K 70 -38.12 23.62 11.89
C ASN K 70 -39.39 22.76 11.92
N SER K 71 -39.37 21.76 12.79
CA SER K 71 -40.49 20.85 12.98
C SER K 71 -41.02 20.92 14.42
N SER K 72 -42.22 20.40 14.62
CA SER K 72 -42.85 20.38 15.94
C SER K 72 -42.42 19.15 16.77
N THR K 73 -42.41 17.97 16.15
CA THR K 73 -42.15 16.71 16.87
C THR K 73 -40.73 16.63 17.39
N GLU K 74 -40.54 15.84 18.45
CA GLU K 74 -39.26 15.73 19.14
C GLU K 74 -38.20 15.14 18.21
N ILE K 75 -36.99 15.64 18.30
CA ILE K 75 -35.94 15.34 17.36
C ILE K 75 -35.08 14.24 17.94
N PRO K 76 -34.97 13.09 17.22
CA PRO K 76 -34.09 12.01 17.66
C PRO K 76 -32.65 12.19 17.17
N GLU K 77 -31.76 11.37 17.72
CA GLU K 77 -30.35 11.41 17.41
C GLU K 77 -30.12 10.82 16.03
N PHE K 78 -29.19 11.39 15.29
CA PHE K 78 -28.74 10.80 14.04
C PHE K 78 -27.67 9.75 14.37
N PRO K 79 -27.93 8.47 14.05
CA PRO K 79 -26.99 7.40 14.43
C PRO K 79 -25.80 7.26 13.47
N ILE K 80 -24.62 7.03 14.04
CA ILE K 80 -23.42 6.81 13.23
C ILE K 80 -22.62 5.68 13.87
N ALA K 81 -22.50 4.53 13.20
CA ALA K 81 -21.72 3.41 13.71
C ALA K 81 -20.23 3.77 13.75
N PRO K 82 -19.51 3.30 14.78
CA PRO K 82 -18.08 3.63 14.94
C PRO K 82 -17.22 3.36 13.69
N GLU K 83 -17.54 2.31 12.95
CA GLU K 83 -16.73 1.86 11.81
C GLU K 83 -16.77 2.80 10.62
N ILE K 84 -17.82 3.61 10.51
CA ILE K 84 -17.93 4.52 9.38
C ILE K 84 -17.73 5.98 9.74
N ALA K 85 -17.54 6.28 11.03
CA ALA K 85 -17.42 7.66 11.50
C ALA K 85 -16.29 8.45 10.81
N LEU K 86 -15.12 7.83 10.65
CA LEU K 86 -14.00 8.57 10.08
C LEU K 86 -14.23 8.97 8.61
N GLU K 87 -14.66 8.01 7.79
CA GLU K 87 -14.93 8.27 6.38
C GLU K 87 -16.09 9.24 6.18
N LEU K 88 -17.08 9.15 7.05
CA LEU K 88 -18.23 10.05 6.97
C LEU K 88 -17.82 11.49 7.30
N LEU K 89 -16.91 11.68 8.24
CA LEU K 89 -16.40 13.02 8.59
C LEU K 89 -15.77 13.70 7.35
N MET K 90 -14.90 12.96 6.67
CA MET K 90 -14.27 13.42 5.42
C MET K 90 -15.30 13.77 4.33
N ALA K 91 -16.28 12.90 4.14
CA ALA K 91 -17.32 13.18 3.18
C ALA K 91 -18.08 14.47 3.54
N ALA K 92 -18.45 14.59 4.82
CA ALA K 92 -19.23 15.75 5.28
C ALA K 92 -18.44 17.06 5.12
N ASN K 93 -17.14 17.02 5.37
CA ASN K 93 -16.31 18.20 5.18
C ASN K 93 -16.27 18.67 3.71
N PHE K 94 -16.11 17.72 2.79
CA PHE K 94 -16.08 18.00 1.35
C PHE K 94 -17.44 18.53 0.86
N LEU K 95 -18.53 17.92 1.32
CA LEU K 95 -19.90 18.28 0.91
C LEU K 95 -20.52 19.51 1.61
N ASP K 96 -19.86 20.05 2.62
CA ASP K 96 -20.35 21.24 3.35
C ASP K 96 -21.81 21.03 3.78
N CYS K 97 -22.05 19.95 4.51
CA CYS K 97 -23.38 19.67 5.04
C CYS K 97 -23.33 19.13 6.46
N VAL L 11 -21.13 41.50 29.79
CA VAL L 11 -22.40 41.89 29.11
C VAL L 11 -23.48 40.83 29.34
N LEU L 12 -23.21 39.58 28.96
CA LEU L 12 -24.15 38.49 29.21
C LEU L 12 -24.06 38.04 30.66
N ARG L 13 -25.03 38.48 31.46
CA ARG L 13 -25.12 38.17 32.87
C ARG L 13 -26.58 38.23 33.31
N SER L 14 -26.87 37.64 34.45
CA SER L 14 -28.18 37.75 35.05
C SER L 14 -28.35 39.12 35.71
N VAL L 15 -29.59 39.61 35.70
CA VAL L 15 -29.96 40.82 36.45
C VAL L 15 -30.47 40.39 37.81
N ASN L 16 -30.03 41.09 38.85
CA ASN L 16 -30.43 40.77 40.21
C ASN L 16 -31.77 41.42 40.53
N SER L 17 -32.84 40.84 40.00
CA SER L 17 -34.19 41.39 40.15
C SER L 17 -34.81 41.10 41.52
N ARG L 18 -34.57 39.90 42.04
CA ARG L 18 -35.19 39.45 43.28
C ARG L 18 -36.70 39.14 43.12
N GLU L 19 -37.19 39.09 41.89
CA GLU L 19 -38.60 38.78 41.63
C GLU L 19 -38.73 37.32 41.18
N PRO L 20 -39.37 36.46 42.01
CA PRO L 20 -39.43 35.03 41.70
C PRO L 20 -40.13 34.70 40.40
N SER L 21 -39.64 33.67 39.73
CA SER L 21 -40.28 33.10 38.56
C SER L 21 -40.13 31.59 38.66
N GLN L 22 -41.27 30.90 38.62
CA GLN L 22 -41.30 29.44 38.65
C GLN L 22 -41.22 28.86 37.23
N VAL L 23 -40.36 27.86 37.06
CA VAL L 23 -40.05 27.30 35.75
C VAL L 23 -40.10 25.78 35.79
N ILE L 24 -40.47 25.17 34.66
CA ILE L 24 -40.27 23.74 34.45
C ILE L 24 -39.13 23.52 33.44
N PHE L 25 -38.04 22.90 33.88
CA PHE L 25 -36.99 22.43 32.96
C PHE L 25 -37.44 21.08 32.42
N ASN L 27 -36.62 18.04 29.77
CA ASN L 27 -35.61 17.49 28.87
C ASN L 27 -36.25 16.60 27.81
N ARG L 28 -36.49 17.17 26.63
CA ARG L 28 -37.01 16.44 25.49
C ARG L 28 -35.89 16.08 24.52
N SER L 29 -34.77 15.60 25.05
CA SER L 29 -33.63 15.19 24.26
C SER L 29 -33.21 13.82 24.75
N PRO L 30 -32.33 13.13 24.00
CA PRO L 30 -31.79 11.86 24.46
C PRO L 30 -30.50 12.00 25.26
N ARG L 31 -30.04 13.23 25.50
CA ARG L 31 -28.80 13.48 26.27
C ARG L 31 -29.08 13.74 27.75
N VAL L 32 -28.09 13.45 28.61
CA VAL L 32 -28.09 13.90 30.01
C VAL L 32 -27.80 15.40 29.96
N VAL L 33 -28.66 16.21 30.56
CA VAL L 33 -28.58 17.66 30.42
C VAL L 33 -28.00 18.38 31.66
N LEU L 34 -27.01 19.23 31.40
CA LEU L 34 -26.42 20.18 32.37
C LEU L 34 -27.01 21.60 32.19
N PRO L 35 -27.88 22.05 33.11
CA PRO L 35 -28.32 23.44 33.14
C PRO L 35 -27.20 24.36 33.63
N VAL L 36 -26.97 25.48 32.95
CA VAL L 36 -25.94 26.44 33.32
C VAL L 36 -26.55 27.82 33.55
N TRP L 37 -26.45 28.33 34.79
CA TRP L 37 -26.91 29.69 35.14
C TRP L 37 -25.75 30.69 34.99
N LEU L 38 -25.99 31.78 34.27
CA LEU L 38 -25.03 32.87 34.25
C LEU L 38 -25.23 33.76 35.48
N ASN L 39 -24.19 33.87 36.32
CA ASN L 39 -24.32 34.61 37.57
C ASN L 39 -24.19 36.12 37.35
N PHE L 40 -24.21 36.91 38.42
CA PHE L 40 -24.30 38.36 38.30
C PHE L 40 -23.06 39.02 37.68
N ASP L 41 -21.96 38.27 37.63
CA ASP L 41 -20.73 38.69 36.95
C ASP L 41 -20.60 38.13 35.55
N GLY L 42 -21.49 37.24 35.13
CA GLY L 42 -21.39 36.60 33.81
C GLY L 42 -20.68 35.25 33.81
N GLU L 43 -20.35 34.74 35.00
CA GLU L 43 -19.63 33.48 35.13
C GLU L 43 -20.62 32.31 35.06
N PRO L 44 -20.32 31.28 34.23
CA PRO L 44 -21.22 30.13 34.16
C PRO L 44 -21.23 29.30 35.44
N GLN L 45 -22.41 29.03 35.97
CA GLN L 45 -22.57 28.27 37.21
C GLN L 45 -23.40 27.00 36.94
N PRO L 46 -22.78 25.81 37.08
CA PRO L 46 -23.53 24.58 36.80
C PRO L 46 -24.52 24.17 37.88
N TYR L 47 -25.65 23.57 37.45
CA TYR L 47 -26.72 23.11 38.35
C TYR L 47 -26.91 21.60 38.15
N PRO L 48 -27.67 20.92 39.03
CA PRO L 48 -27.78 19.46 38.88
C PRO L 48 -28.30 18.99 37.52
N THR L 49 -27.84 17.81 37.11
CA THR L 49 -28.19 17.28 35.79
C THR L 49 -29.58 16.66 35.75
N LEU L 50 -30.12 16.56 34.52
CA LEU L 50 -31.41 15.96 34.22
C LEU L 50 -31.27 14.80 33.24
N PRO L 51 -31.63 13.57 33.66
CA PRO L 51 -31.62 12.42 32.73
C PRO L 51 -32.56 12.62 31.52
N PRO L 52 -32.30 11.93 30.41
CA PRO L 52 -33.16 12.02 29.21
C PRO L 52 -34.63 11.82 29.55
N GLY L 53 -35.50 12.62 28.96
CA GLY L 53 -36.94 12.46 29.17
C GLY L 53 -37.53 12.89 30.54
N THR L 54 -36.74 13.52 31.41
CA THR L 54 -37.27 13.96 32.70
C THR L 54 -37.54 15.46 32.73
N GLY L 55 -38.44 15.85 33.64
CA GLY L 55 -38.71 17.26 33.91
C GLY L 55 -38.65 17.57 35.40
N ARG L 56 -38.29 18.80 35.74
CA ARG L 56 -38.28 19.26 37.12
C ARG L 56 -38.79 20.70 37.24
N ARG L 57 -39.58 20.94 38.27
CA ARG L 57 -40.07 22.27 38.62
C ARG L 57 -39.04 22.92 39.54
N ILE L 58 -38.53 24.08 39.15
CA ILE L 58 -37.43 24.75 39.84
C ILE L 58 -37.71 26.23 40.10
N HIS L 59 -37.04 26.80 41.10
CA HIS L 59 -37.21 28.22 41.47
C HIS L 59 -36.12 29.12 40.88
N SER L 60 -36.52 30.11 40.08
CA SER L 60 -35.59 31.10 39.51
C SER L 60 -36.14 32.53 39.66
N TYR L 61 -35.69 33.46 38.82
CA TYR L 61 -36.03 34.88 38.98
C TYR L 61 -36.11 35.56 37.62
N ARG L 62 -36.94 36.59 37.53
CA ARG L 62 -37.06 37.40 36.35
C ARG L 62 -35.70 37.99 35.95
N GLY L 63 -35.40 37.92 34.66
CA GLY L 63 -34.19 38.50 34.10
C GLY L 63 -32.92 37.67 34.28
N HIS L 64 -33.04 36.46 34.84
CA HIS L 64 -31.87 35.58 34.94
C HIS L 64 -31.63 34.86 33.62
N LEU L 65 -30.38 34.53 33.34
CA LEU L 65 -30.02 33.86 32.08
C LEU L 65 -29.55 32.41 32.29
N TRP L 66 -30.06 31.51 31.45
CA TRP L 66 -29.70 30.10 31.45
C TRP L 66 -29.31 29.60 30.06
N LEU L 67 -28.44 28.60 30.03
CA LEU L 67 -28.28 27.77 28.84
C LEU L 67 -28.11 26.31 29.24
N PHE L 68 -28.10 25.44 28.23
CA PHE L 68 -28.19 24.00 28.46
C PHE L 68 -27.24 23.25 27.52
N ARG L 69 -26.53 22.28 28.10
CA ARG L 69 -25.49 21.50 27.44
C ARG L 69 -25.60 20.02 27.78
N ASP L 70 -24.96 19.18 26.97
CA ASP L 70 -24.73 17.77 27.31
C ASP L 70 -23.72 17.76 28.46
N ALA L 71 -24.06 17.09 29.55
CA ALA L 71 -23.24 17.10 30.76
C ALA L 71 -21.91 16.35 30.61
N GLY L 72 -21.84 15.40 29.67
CA GLY L 72 -20.61 14.64 29.44
C GLY L 72 -19.66 15.29 28.44
N THR L 73 -20.19 15.78 27.32
CA THR L 73 -19.38 16.29 26.22
C THR L 73 -19.40 17.81 26.06
N HIS L 74 -20.33 18.49 26.71
CA HIS L 74 -20.60 19.92 26.54
C HIS L 74 -21.17 20.37 25.18
N ASP L 75 -21.61 19.43 24.35
CA ASP L 75 -22.34 19.77 23.12
C ASP L 75 -23.46 20.74 23.45
N GLY L 76 -23.69 21.70 22.56
CA GLY L 76 -24.73 22.70 22.72
C GLY L 76 -26.10 22.14 22.46
N LEU L 77 -27.09 22.61 23.23
CA LEU L 77 -28.49 22.19 23.08
C LEU L 77 -29.38 23.42 22.95
N LEU L 78 -30.64 23.22 22.54
CA LEU L 78 -31.57 24.33 22.37
C LEU L 78 -32.59 24.34 23.49
N VAL L 79 -33.12 25.53 23.80
CA VAL L 79 -34.19 25.70 24.78
C VAL L 79 -35.22 26.65 24.20
N ASN L 80 -36.46 26.20 24.11
CA ASN L 80 -37.51 26.89 23.37
C ASN L 80 -37.01 27.37 21.99
N GLN L 81 -36.27 26.49 21.33
CA GLN L 81 -35.75 26.71 19.97
C GLN L 81 -34.61 27.72 19.84
N THR L 82 -34.05 28.20 20.94
CA THR L 82 -32.95 29.16 20.85
C THR L 82 -31.86 28.86 21.87
N GLU L 83 -30.90 29.75 21.99
CA GLU L 83 -29.69 29.49 22.76
C GLU L 83 -29.86 29.76 24.26
N LEU L 84 -30.46 30.90 24.57
CA LEU L 84 -30.61 31.39 25.93
C LEU L 84 -32.07 31.36 26.36
N PHE L 85 -32.29 31.09 27.65
CA PHE L 85 -33.61 31.09 28.26
C PHE L 85 -33.63 32.09 29.42
N VAL L 86 -34.62 32.99 29.38
CA VAL L 86 -34.78 34.05 30.38
C VAL L 86 -36.16 33.89 31.03
N PRO L 87 -36.22 33.58 32.33
CA PRO L 87 -37.55 33.47 32.97
C PRO L 87 -38.31 34.79 33.01
N SER L 88 -39.63 34.70 32.87
CA SER L 88 -40.53 35.84 32.79
C SER L 88 -41.57 35.85 33.94
N LEU L 89 -42.46 36.83 33.94
CA LEU L 89 -43.51 36.94 34.94
C LEU L 89 -44.53 35.80 34.80
N ASN L 90 -44.82 35.10 35.89
CA ASN L 90 -45.83 34.03 35.88
C ASN L 90 -47.24 34.58 35.76
N VAL L 91 -48.05 33.97 34.91
CA VAL L 91 -49.35 34.56 34.54
C VAL L 91 -50.48 34.24 35.53
N ASP L 92 -50.84 32.96 35.70
CA ASP L 92 -51.98 32.59 36.55
C ASP L 92 -51.61 31.41 37.45
N GLY L 93 -50.58 31.61 38.27
CA GLY L 93 -49.95 30.52 39.01
C GLY L 93 -49.40 29.44 38.08
N GLN L 94 -49.12 29.84 36.84
CA GLN L 94 -48.72 28.93 35.78
C GLN L 94 -47.22 29.08 35.59
N PRO L 95 -46.47 27.96 35.67
CA PRO L 95 -45.03 28.06 35.48
C PRO L 95 -44.65 28.21 34.00
N ILE L 96 -43.43 28.68 33.74
CA ILE L 96 -42.91 28.87 32.39
C ILE L 96 -42.19 27.60 31.96
N PHE L 97 -42.55 27.04 30.81
CA PHE L 97 -41.88 25.85 30.30
C PHE L 97 -40.60 26.20 29.57
N ALA L 98 -39.51 25.54 29.95
CA ALA L 98 -38.25 25.60 29.22
C ALA L 98 -38.03 24.24 28.56
N ASN L 99 -38.40 24.14 27.29
CA ASN L 99 -38.29 22.88 26.55
C ASN L 99 -36.92 22.74 25.93
N ILE L 100 -36.17 21.76 26.42
CA ILE L 100 -34.79 21.52 26.00
C ILE L 100 -34.74 20.38 24.98
N THR L 101 -34.15 20.64 23.81
CA THR L 101 -34.13 19.69 22.70
C THR L 101 -32.77 19.61 22.01
N LEU L 102 -32.56 18.51 21.28
CA LEU L 102 -31.46 18.40 20.33
C LEU L 102 -31.62 19.38 19.19
N PRO L 103 -30.53 20.06 18.79
CA PRO L 103 -30.50 20.70 17.47
C PRO L 103 -30.38 19.68 16.34
N VAL L 104 -30.75 20.11 15.14
CA VAL L 104 -30.33 19.39 13.94
C VAL L 104 -28.86 19.78 13.69
N TYR L 105 -27.92 19.00 14.25
CA TYR L 105 -26.51 19.26 13.99
C TYR L 105 -26.19 19.07 12.52
N THR L 106 -25.15 19.76 12.05
CA THR L 106 -24.63 19.49 10.72
C THR L 106 -24.10 18.07 10.75
N LEU L 107 -24.05 17.42 9.59
CA LEU L 107 -23.45 16.09 9.51
C LEU L 107 -22.01 16.12 10.00
N LYS L 108 -21.28 17.15 9.60
CA LYS L 108 -19.88 17.34 10.03
C LYS L 108 -19.79 17.43 11.55
N GLU L 109 -20.57 18.31 12.17
CA GLU L 109 -20.51 18.41 13.64
C GLU L 109 -20.85 17.09 14.33
N ARG L 110 -21.84 16.38 13.80
CA ARG L 110 -22.25 15.10 14.37
C ARG L 110 -21.16 14.02 14.26
N CYS L 111 -20.50 13.96 13.11
CA CYS L 111 -19.33 13.09 12.92
C CYS L 111 -18.18 13.48 13.90
N LEU L 112 -17.95 14.79 14.11
CA LEU L 112 -16.90 15.19 15.07
C LEU L 112 -17.25 14.67 16.45
N GLN L 113 -18.53 14.77 16.83
CA GLN L 113 -18.99 14.27 18.13
C GLN L 113 -18.67 12.79 18.30
N VAL L 114 -19.01 11.99 17.30
CA VAL L 114 -18.82 10.55 17.39
C VAL L 114 -17.32 10.19 17.46
N VAL L 115 -16.50 10.84 16.64
CA VAL L 115 -15.06 10.55 16.62
C VAL L 115 -14.43 10.91 17.98
N ARG L 116 -14.76 12.07 18.54
CA ARG L 116 -14.28 12.47 19.87
C ARG L 116 -14.64 11.46 20.96
N SER L 117 -15.78 10.76 20.81
CA SER L 117 -16.22 9.77 21.79
C SER L 117 -15.45 8.44 21.70
N LEU L 118 -14.61 8.30 20.67
CA LEU L 118 -13.87 7.06 20.42
C LEU L 118 -12.35 7.24 20.50
N VAL L 119 -11.86 8.43 20.17
CA VAL L 119 -10.43 8.72 20.13
C VAL L 119 -10.04 9.69 21.27
N LYS L 120 -9.01 9.32 22.02
CA LYS L 120 -8.52 10.17 23.10
C LYS L 120 -7.72 11.33 22.52
N PRO L 121 -7.77 12.51 23.18
CA PRO L 121 -7.11 13.73 22.67
C PRO L 121 -5.63 13.58 22.32
N GLU L 122 -4.93 12.68 23.03
CA GLU L 122 -3.54 12.37 22.75
C GLU L 122 -3.30 11.68 21.39
N ASN L 123 -4.38 11.33 20.66
CA ASN L 123 -4.29 10.57 19.41
C ASN L 123 -4.89 11.22 18.15
N TYR L 124 -5.43 12.44 18.25
CA TYR L 124 -6.11 13.09 17.11
C TYR L 124 -5.20 13.20 15.89
N ARG L 125 -3.97 13.65 16.13
CA ARG L 125 -2.97 13.85 15.07
C ARG L 125 -2.50 12.53 14.43
N ARG L 126 -2.77 11.41 15.10
CA ARG L 126 -2.47 10.09 14.55
C ARG L 126 -3.46 9.67 13.45
N LEU L 127 -4.65 10.27 13.42
CA LEU L 127 -5.70 9.92 12.43
C LEU L 127 -5.31 10.35 11.01
N ASP L 128 -5.56 9.48 10.04
CA ASP L 128 -5.21 9.75 8.65
C ASP L 128 -6.27 10.64 8.02
N ILE L 129 -6.16 11.95 8.28
CA ILE L 129 -7.11 12.92 7.76
C ILE L 129 -6.43 14.27 7.51
N VAL L 130 -7.13 15.14 6.81
CA VAL L 130 -6.62 16.45 6.41
C VAL L 130 -6.41 17.34 7.65
N ARG L 131 -5.34 18.16 7.60
CA ARG L 131 -4.88 18.91 8.77
C ARG L 131 -5.93 19.84 9.37
N SER L 132 -6.73 20.50 8.52
CA SER L 132 -7.80 21.39 8.98
C SER L 132 -8.83 20.67 9.85
N LEU L 133 -9.06 19.38 9.59
CA LEU L 133 -9.94 18.55 10.43
C LEU L 133 -9.36 18.23 11.83
N TYR L 134 -8.03 18.23 11.97
CA TYR L 134 -7.40 18.12 13.28
C TYR L 134 -7.83 19.29 14.16
N GLU L 135 -7.70 20.49 13.61
CA GLU L 135 -8.12 21.73 14.27
C GLU L 135 -9.61 21.69 14.64
N ASP L 136 -10.45 21.16 13.74
CA ASP L 136 -11.88 21.02 14.03
C ASP L 136 -12.12 20.11 15.25
N LEU L 137 -11.43 18.96 15.29
CA LEU L 137 -11.55 18.03 16.41
C LEU L 137 -11.12 18.64 17.74
N GLU L 138 -9.98 19.33 17.74
CA GLU L 138 -9.41 19.92 18.97
C GLU L 138 -10.25 21.05 19.53
N ASP L 139 -11.02 21.68 18.66
CA ASP L 139 -11.88 22.80 19.03
C ASP L 139 -13.16 22.25 19.70
N HIS L 140 -13.01 21.76 20.93
CA HIS L 140 -14.09 21.17 21.73
C HIS L 140 -15.19 22.16 22.03
N PRO L 141 -16.44 21.68 22.08
CA PRO L 141 -17.53 22.52 22.58
C PRO L 141 -17.21 23.05 23.99
N ASN L 142 -17.45 24.34 24.19
CA ASN L 142 -16.93 25.08 25.35
C ASN L 142 -17.92 26.22 25.61
N VAL L 143 -18.50 26.23 26.80
CA VAL L 143 -19.47 27.27 27.17
C VAL L 143 -18.83 28.65 27.06
N GLN L 144 -17.64 28.80 27.63
CA GLN L 144 -16.95 30.09 27.65
C GLN L 144 -16.75 30.65 26.24
N LYS L 145 -16.34 29.80 25.31
CA LYS L 145 -16.20 30.22 23.90
C LYS L 145 -17.52 30.64 23.24
N ASP L 146 -18.62 29.95 23.58
CA ASP L 146 -19.94 30.31 23.05
C ASP L 146 -20.46 31.66 23.58
N LEU L 147 -20.12 31.97 24.83
CA LEU L 147 -20.48 33.26 25.41
C LEU L 147 -19.71 34.37 24.71
N GLU L 148 -18.44 34.12 24.39
CA GLU L 148 -17.67 35.08 23.61
C GLU L 148 -18.35 35.33 22.26
N ARG L 149 -18.72 34.24 21.57
CA ARG L 149 -19.41 34.34 20.28
C ARG L 149 -20.74 35.10 20.38
N LEU L 150 -21.59 34.69 21.32
CA LEU L 150 -22.90 35.34 21.51
C LEU L 150 -22.75 36.84 21.79
N THR L 151 -21.76 37.22 22.60
CA THR L 151 -21.49 38.62 22.91
C THR L 151 -21.04 39.41 21.68
N GLN L 152 -20.20 38.80 20.84
CA GLN L 152 -19.77 39.44 19.59
C GLN L 152 -20.83 39.24 18.49
N GLU L 153 -22.04 39.74 18.74
CA GLU L 153 -23.16 39.56 17.80
C GLU L 153 -24.31 40.50 18.17
#